data_1BF4
# 
_entry.id   1BF4 
# 
_audit_conform.dict_name       mmcif_pdbx.dic 
_audit_conform.dict_version    5.389 
_audit_conform.dict_location   http://mmcif.pdb.org/dictionaries/ascii/mmcif_pdbx.dic 
# 
loop_
_database_2.database_id 
_database_2.database_code 
_database_2.pdbx_database_accession 
_database_2.pdbx_DOI 
PDB   1BF4         pdb_00001bf4 10.2210/pdb1bf4/pdb 
RCSB  PD0088       ?            ?                   
WWPDB D_1000171680 ?            ?                   
# 
loop_
_pdbx_audit_revision_history.ordinal 
_pdbx_audit_revision_history.data_content_type 
_pdbx_audit_revision_history.major_revision 
_pdbx_audit_revision_history.minor_revision 
_pdbx_audit_revision_history.revision_date 
1 'Structure model' 1 0 1999-11-10 
2 'Structure model' 1 1 2008-05-22 
3 'Structure model' 1 2 2011-07-13 
4 'Structure model' 1 3 2017-11-22 
5 'Structure model' 1 4 2024-02-07 
6 'Structure model' 1 5 2024-04-03 
# 
_pdbx_audit_revision_details.ordinal             1 
_pdbx_audit_revision_details.revision_ordinal    1 
_pdbx_audit_revision_details.data_content_type   'Structure model' 
_pdbx_audit_revision_details.provider            repository 
_pdbx_audit_revision_details.type                'Initial release' 
_pdbx_audit_revision_details.description         ? 
_pdbx_audit_revision_details.details             ? 
# 
loop_
_pdbx_audit_revision_group.ordinal 
_pdbx_audit_revision_group.revision_ordinal 
_pdbx_audit_revision_group.data_content_type 
_pdbx_audit_revision_group.group 
1 2 'Structure model' 'Version format compliance' 
2 3 'Structure model' 'Version format compliance' 
3 4 'Structure model' 'Refinement description'    
4 5 'Structure model' 'Data collection'           
5 5 'Structure model' 'Database references'       
6 5 'Structure model' 'Derived calculations'      
7 6 'Structure model' 'Refinement description'    
# 
loop_
_pdbx_audit_revision_category.ordinal 
_pdbx_audit_revision_category.revision_ordinal 
_pdbx_audit_revision_category.data_content_type 
_pdbx_audit_revision_category.category 
1 4 'Structure model' software                      
2 5 'Structure model' chem_comp_atom                
3 5 'Structure model' chem_comp_bond                
4 5 'Structure model' database_2                    
5 5 'Structure model' struct_conn                   
6 6 'Structure model' pdbx_initial_refinement_model 
# 
loop_
_pdbx_audit_revision_item.ordinal 
_pdbx_audit_revision_item.revision_ordinal 
_pdbx_audit_revision_item.data_content_type 
_pdbx_audit_revision_item.item 
1  4 'Structure model' '_software.name'                      
2  5 'Structure model' '_database_2.pdbx_DOI'                
3  5 'Structure model' '_database_2.pdbx_database_accession' 
4  5 'Structure model' '_struct_conn.pdbx_dist_value'        
5  5 'Structure model' '_struct_conn.pdbx_leaving_atom_flag' 
6  5 'Structure model' '_struct_conn.ptnr1_auth_comp_id'     
7  5 'Structure model' '_struct_conn.ptnr1_auth_seq_id'      
8  5 'Structure model' '_struct_conn.ptnr1_label_atom_id'    
9  5 'Structure model' '_struct_conn.ptnr1_label_comp_id'    
10 5 'Structure model' '_struct_conn.ptnr1_label_seq_id'     
11 5 'Structure model' '_struct_conn.ptnr2_auth_comp_id'     
12 5 'Structure model' '_struct_conn.ptnr2_auth_seq_id'      
13 5 'Structure model' '_struct_conn.ptnr2_label_atom_id'    
14 5 'Structure model' '_struct_conn.ptnr2_label_comp_id'    
15 5 'Structure model' '_struct_conn.ptnr2_label_seq_id'     
# 
_pdbx_database_status.status_code                     REL 
_pdbx_database_status.entry_id                        1BF4 
_pdbx_database_status.recvd_initial_deposition_date   1998-05-27 
_pdbx_database_status.deposit_site                    RCSB 
_pdbx_database_status.process_site                    RCSB 
_pdbx_database_status.status_code_sf                  REL 
_pdbx_database_status.status_code_mr                  ? 
_pdbx_database_status.SG_entry                        ? 
_pdbx_database_status.pdb_format_compatible           Y 
_pdbx_database_status.status_code_cs                  ? 
_pdbx_database_status.methods_development_category    ? 
_pdbx_database_status.status_code_nmr_data            ? 
# 
loop_
_audit_author.name 
_audit_author.pdbx_ordinal 
'Su, S.'          1 
'Gao, Y.-G.'      2 
'Robinson, H.'    3 
'Padmanabhan, S.' 4 
'Lim, L.'         5 
'Shriver, J.W.'   6 
'Wang, A.H.-J.'   7 
# 
_citation.id                        primary 
_citation.title                     'The crystal structure of the hyperthermophile chromosomal protein Sso7d bound to DNA.' 
_citation.journal_abbrev            Nat.Struct.Biol. 
_citation.journal_volume            5 
_citation.page_first                782 
_citation.page_last                 786 
_citation.year                      1998 
_citation.journal_id_ASTM           NSBIEW 
_citation.country                   US 
_citation.journal_id_ISSN           1072-8368 
_citation.journal_id_CSD            2024 
_citation.book_publisher            ? 
_citation.pdbx_database_id_PubMed   9731772 
_citation.pdbx_database_id_DOI      10.1038/1822 
# 
loop_
_citation_author.citation_id 
_citation_author.name 
_citation_author.ordinal 
_citation_author.identifier_ORCID 
primary 'Gao, Y.G.'       1 ? 
primary 'Su, S.Y.'        2 ? 
primary 'Robinson, H.'    3 ? 
primary 'Padmanabhan, S.' 4 ? 
primary 'Lim, L.'         5 ? 
primary 'McCrary, B.S.'   6 ? 
primary 'Edmondson, S.P.' 7 ? 
primary 'Shriver, J.W.'   8 ? 
primary 'Wang, A.H.'      9 ? 
# 
loop_
_entity.id 
_entity.type 
_entity.src_method 
_entity.pdbx_description 
_entity.formula_weight 
_entity.pdbx_number_of_molecules 
_entity.pdbx_ec 
_entity.pdbx_mutation 
_entity.pdbx_fragment 
_entity.details 
1 polymer syn 
;DNA (5'-D(*GP*CP*GP*TP*5IUP*CP*GP*C)-3')
;
2530.461 1   ? ? ? ? 
2 polymer syn 
;DNA (5'-D(*GP*CP*GP*AP*AP*CP*GP*C)-3')
;
2436.619 1   ? ? ? ? 
3 polymer man 'PROTEIN (CHROMOSOMAL PROTEIN SSO7D)'      7164.389 1   ? ? ? ? 
4 water   nat water                                      18.015   114 ? ? ? ? 
# 
_entity_name_com.entity_id   3 
_entity_name_com.name        'DNA-BINDING PROTEIN 7D, 7 KD DNA-BINDING PROTEIN D, SSO7D' 
# 
loop_
_entity_poly.entity_id 
_entity_poly.type 
_entity_poly.nstd_linkage 
_entity_poly.nstd_monomer 
_entity_poly.pdbx_seq_one_letter_code 
_entity_poly.pdbx_seq_one_letter_code_can 
_entity_poly.pdbx_strand_id 
_entity_poly.pdbx_target_identifier 
1 polydeoxyribonucleotide no yes '(DG)(DC)(DG)(DT)(5IU)(DC)(DG)(DC)'                             GCGTUCGC B ? 
2 polydeoxyribonucleotide no no  '(DG)(DC)(DG)(DA)(DA)(DC)(DG)(DC)'                              GCGAACGC C ? 
3 'polypeptide(L)'        no no  ATVKFKYKGEEKEVDISKIKKVWRVGKMISFTYDEGGGKTGRGAVSEKDAPKELLQMLEKQKK 
ATVKFKYKGEEKEVDISKIKKVWRVGKMISFTYDEGGGKTGRGAVSEKDAPKELLQMLEKQKK A ? 
# 
_pdbx_entity_nonpoly.entity_id   4 
_pdbx_entity_nonpoly.name        water 
_pdbx_entity_nonpoly.comp_id     HOH 
# 
loop_
_entity_poly_seq.entity_id 
_entity_poly_seq.num 
_entity_poly_seq.mon_id 
_entity_poly_seq.hetero 
1 1  DG  n 
1 2  DC  n 
1 3  DG  n 
1 4  DT  n 
1 5  5IU n 
1 6  DC  n 
1 7  DG  n 
1 8  DC  n 
2 1  DG  n 
2 2  DC  n 
2 3  DG  n 
2 4  DA  n 
2 5  DA  n 
2 6  DC  n 
2 7  DG  n 
2 8  DC  n 
3 1  ALA n 
3 2  THR n 
3 3  VAL n 
3 4  LYS n 
3 5  PHE n 
3 6  LYS n 
3 7  TYR n 
3 8  LYS n 
3 9  GLY n 
3 10 GLU n 
3 11 GLU n 
3 12 LYS n 
3 13 GLU n 
3 14 VAL n 
3 15 ASP n 
3 16 ILE n 
3 17 SER n 
3 18 LYS n 
3 19 ILE n 
3 20 LYS n 
3 21 LYS n 
3 22 VAL n 
3 23 TRP n 
3 24 ARG n 
3 25 VAL n 
3 26 GLY n 
3 27 LYS n 
3 28 MET n 
3 29 ILE n 
3 30 SER n 
3 31 PHE n 
3 32 THR n 
3 33 TYR n 
3 34 ASP n 
3 35 GLU n 
3 36 GLY n 
3 37 GLY n 
3 38 GLY n 
3 39 LYS n 
3 40 THR n 
3 41 GLY n 
3 42 ARG n 
3 43 GLY n 
3 44 ALA n 
3 45 VAL n 
3 46 SER n 
3 47 GLU n 
3 48 LYS n 
3 49 ASP n 
3 50 ALA n 
3 51 PRO n 
3 52 LYS n 
3 53 GLU n 
3 54 LEU n 
3 55 LEU n 
3 56 GLN n 
3 57 MET n 
3 58 LEU n 
3 59 GLU n 
3 60 LYS n 
3 61 GLN n 
3 62 LYS n 
3 63 LYS n 
# 
_entity_src_gen.entity_id                          3 
_entity_src_gen.pdbx_src_id                        1 
_entity_src_gen.pdbx_alt_source_flag               sample 
_entity_src_gen.pdbx_seq_type                      ? 
_entity_src_gen.pdbx_beg_seq_num                   ? 
_entity_src_gen.pdbx_end_seq_num                   ? 
_entity_src_gen.gene_src_common_name               ? 
_entity_src_gen.gene_src_genus                     Sulfolobus 
_entity_src_gen.pdbx_gene_src_gene                 ? 
_entity_src_gen.gene_src_species                   ? 
_entity_src_gen.gene_src_strain                    ? 
_entity_src_gen.gene_src_tissue                    ? 
_entity_src_gen.gene_src_tissue_fraction           ? 
_entity_src_gen.gene_src_details                   ? 
_entity_src_gen.pdbx_gene_src_fragment             ? 
_entity_src_gen.pdbx_gene_src_scientific_name      'Sulfolobus acidocaldarius' 
_entity_src_gen.pdbx_gene_src_ncbi_taxonomy_id     2285 
_entity_src_gen.pdbx_gene_src_variant              ? 
_entity_src_gen.pdbx_gene_src_cell_line            ? 
_entity_src_gen.pdbx_gene_src_atcc                 ? 
_entity_src_gen.pdbx_gene_src_organ                ? 
_entity_src_gen.pdbx_gene_src_organelle            ? 
_entity_src_gen.pdbx_gene_src_cell                 ? 
_entity_src_gen.pdbx_gene_src_cellular_location    ? 
_entity_src_gen.host_org_common_name               ? 
_entity_src_gen.pdbx_host_org_scientific_name      'Escherichia coli' 
_entity_src_gen.pdbx_host_org_ncbi_taxonomy_id     562 
_entity_src_gen.host_org_genus                     Escherichia 
_entity_src_gen.pdbx_host_org_gene                 ? 
_entity_src_gen.pdbx_host_org_organ                ? 
_entity_src_gen.host_org_species                   ? 
_entity_src_gen.pdbx_host_org_tissue               ? 
_entity_src_gen.pdbx_host_org_tissue_fraction      ? 
_entity_src_gen.pdbx_host_org_strain               ? 
_entity_src_gen.pdbx_host_org_variant              ? 
_entity_src_gen.pdbx_host_org_cell_line            ? 
_entity_src_gen.pdbx_host_org_atcc                 ? 
_entity_src_gen.pdbx_host_org_culture_collection   ? 
_entity_src_gen.pdbx_host_org_cell                 ? 
_entity_src_gen.pdbx_host_org_organelle            ? 
_entity_src_gen.pdbx_host_org_cellular_location    ? 
_entity_src_gen.pdbx_host_org_vector_type          ? 
_entity_src_gen.pdbx_host_org_vector               ? 
_entity_src_gen.host_org_details                   ? 
_entity_src_gen.expression_system_id               ? 
_entity_src_gen.plasmid_name                       ? 
_entity_src_gen.plasmid_details                    ? 
_entity_src_gen.pdbx_description                   ? 
# 
loop_
_chem_comp.id 
_chem_comp.type 
_chem_comp.mon_nstd_flag 
_chem_comp.name 
_chem_comp.pdbx_synonyms 
_chem_comp.formula 
_chem_comp.formula_weight 
5IU 'DNA linking'       n "5-IODO-2'-DEOXYURIDINE-5'-MONOPHOSPHATE" ? 'C9 H12 I N2 O8 P' 434.078 
ALA 'L-peptide linking' y ALANINE                                   ? 'C3 H7 N O2'       89.093  
ARG 'L-peptide linking' y ARGININE                                  ? 'C6 H15 N4 O2 1'   175.209 
ASP 'L-peptide linking' y 'ASPARTIC ACID'                           ? 'C4 H7 N O4'       133.103 
DA  'DNA linking'       y "2'-DEOXYADENOSINE-5'-MONOPHOSPHATE"      ? 'C10 H14 N5 O6 P'  331.222 
DC  'DNA linking'       y "2'-DEOXYCYTIDINE-5'-MONOPHOSPHATE"       ? 'C9 H14 N3 O7 P'   307.197 
DG  'DNA linking'       y "2'-DEOXYGUANOSINE-5'-MONOPHOSPHATE"      ? 'C10 H14 N5 O7 P'  347.221 
DT  'DNA linking'       y "THYMIDINE-5'-MONOPHOSPHATE"              ? 'C10 H15 N2 O8 P'  322.208 
GLN 'L-peptide linking' y GLUTAMINE                                 ? 'C5 H10 N2 O3'     146.144 
GLU 'L-peptide linking' y 'GLUTAMIC ACID'                           ? 'C5 H9 N O4'       147.129 
GLY 'peptide linking'   y GLYCINE                                   ? 'C2 H5 N O2'       75.067  
HOH non-polymer         . WATER                                     ? 'H2 O'             18.015  
ILE 'L-peptide linking' y ISOLEUCINE                                ? 'C6 H13 N O2'      131.173 
LEU 'L-peptide linking' y LEUCINE                                   ? 'C6 H13 N O2'      131.173 
LYS 'L-peptide linking' y LYSINE                                    ? 'C6 H15 N2 O2 1'   147.195 
MET 'L-peptide linking' y METHIONINE                                ? 'C5 H11 N O2 S'    149.211 
PHE 'L-peptide linking' y PHENYLALANINE                             ? 'C9 H11 N O2'      165.189 
PRO 'L-peptide linking' y PROLINE                                   ? 'C5 H9 N O2'       115.130 
SER 'L-peptide linking' y SERINE                                    ? 'C3 H7 N O3'       105.093 
THR 'L-peptide linking' y THREONINE                                 ? 'C4 H9 N O3'       119.119 
TRP 'L-peptide linking' y TRYPTOPHAN                                ? 'C11 H12 N2 O2'    204.225 
TYR 'L-peptide linking' y TYROSINE                                  ? 'C9 H11 N O3'      181.189 
VAL 'L-peptide linking' y VALINE                                    ? 'C5 H11 N O2'      117.146 
# 
loop_
_pdbx_poly_seq_scheme.asym_id 
_pdbx_poly_seq_scheme.entity_id 
_pdbx_poly_seq_scheme.seq_id 
_pdbx_poly_seq_scheme.mon_id 
_pdbx_poly_seq_scheme.ndb_seq_num 
_pdbx_poly_seq_scheme.pdb_seq_num 
_pdbx_poly_seq_scheme.auth_seq_num 
_pdbx_poly_seq_scheme.pdb_mon_id 
_pdbx_poly_seq_scheme.auth_mon_id 
_pdbx_poly_seq_scheme.pdb_strand_id 
_pdbx_poly_seq_scheme.pdb_ins_code 
_pdbx_poly_seq_scheme.hetero 
A 1 1  DG  1  101 101 DG  G   B . n 
A 1 2  DC  2  102 102 DC  C   B . n 
A 1 3  DG  3  103 103 DG  G   B . n 
A 1 4  DT  4  104 104 DT  T   B . n 
A 1 5  5IU 5  105 105 5IU 5IU B . n 
A 1 6  DC  6  106 106 DC  C   B . n 
A 1 7  DG  7  107 107 DG  G   B . n 
A 1 8  DC  8  108 108 DC  C   B . n 
B 2 1  DG  1  109 109 DG  G   C . n 
B 2 2  DC  2  110 110 DC  C   C . n 
B 2 3  DG  3  111 111 DG  G   C . n 
B 2 4  DA  4  112 112 DA  A   C . n 
B 2 5  DA  5  113 113 DA  A   C . n 
B 2 6  DC  6  114 114 DC  C   C . n 
B 2 7  DG  7  115 115 DG  G   C . n 
B 2 8  DC  8  116 116 DC  C   C . n 
C 3 1  ALA 1  2   2   ALA ALA A . n 
C 3 2  THR 2  3   3   THR THR A . n 
C 3 3  VAL 3  4   4   VAL VAL A . n 
C 3 4  LYS 4  5   5   LYS LYS A . n 
C 3 5  PHE 5  6   6   PHE PHE A . n 
C 3 6  LYS 6  7   7   LYS LYS A . n 
C 3 7  TYR 7  8   8   TYR TYR A . n 
C 3 8  LYS 8  9   9   LYS LYS A . n 
C 3 9  GLY 9  10  10  GLY GLY A . n 
C 3 10 GLU 10 11  11  GLU GLU A . n 
C 3 11 GLU 11 12  12  GLU GLU A . n 
C 3 12 LYS 12 13  13  LYS LYS A . n 
C 3 13 GLU 13 14  14  GLU GLU A . n 
C 3 14 VAL 14 15  15  VAL VAL A . n 
C 3 15 ASP 15 16  16  ASP ASP A . n 
C 3 16 ILE 16 17  17  ILE ILE A . n 
C 3 17 SER 17 18  18  SER SER A . n 
C 3 18 LYS 18 19  19  LYS LYS A . n 
C 3 19 ILE 19 20  20  ILE ILE A . n 
C 3 20 LYS 20 21  21  LYS LYS A . n 
C 3 21 LYS 21 22  22  LYS LYS A . n 
C 3 22 VAL 22 23  23  VAL VAL A . n 
C 3 23 TRP 23 24  24  TRP TRP A . n 
C 3 24 ARG 24 25  25  ARG ARG A . n 
C 3 25 VAL 25 26  26  VAL VAL A . n 
C 3 26 GLY 26 27  27  GLY GLY A . n 
C 3 27 LYS 27 28  28  LYS LYS A . n 
C 3 28 MET 28 29  29  MET MET A . n 
C 3 29 ILE 29 30  30  ILE ILE A . n 
C 3 30 SER 30 31  31  SER SER A . n 
C 3 31 PHE 31 32  32  PHE PHE A . n 
C 3 32 THR 32 33  33  THR THR A . n 
C 3 33 TYR 33 34  34  TYR TYR A . n 
C 3 34 ASP 34 35  35  ASP ASP A . n 
C 3 35 GLU 35 36  36  GLU GLU A . n 
C 3 36 GLY 36 37  37  GLY GLY A . n 
C 3 37 GLY 37 38  38  GLY GLY A . n 
C 3 38 GLY 38 39  39  GLY GLY A . n 
C 3 39 LYS 39 40  40  LYS LYS A . n 
C 3 40 THR 40 41  41  THR THR A . n 
C 3 41 GLY 41 42  42  GLY GLY A . n 
C 3 42 ARG 42 43  43  ARG ARG A . n 
C 3 43 GLY 43 44  44  GLY GLY A . n 
C 3 44 ALA 44 45  45  ALA ALA A . n 
C 3 45 VAL 45 46  46  VAL VAL A . n 
C 3 46 SER 46 47  47  SER SER A . n 
C 3 47 GLU 47 48  48  GLU GLU A . n 
C 3 48 LYS 48 49  49  LYS LYS A . n 
C 3 49 ASP 49 50  50  ASP ASP A . n 
C 3 50 ALA 50 51  51  ALA ALA A . n 
C 3 51 PRO 51 52  52  PRO PRO A . n 
C 3 52 LYS 52 53  53  LYS LYS A . n 
C 3 53 GLU 53 54  54  GLU GLU A . n 
C 3 54 LEU 54 55  55  LEU LEU A . n 
C 3 55 LEU 55 56  56  LEU LEU A . n 
C 3 56 GLN 56 57  57  GLN GLN A . n 
C 3 57 MET 57 58  58  MET MET A . n 
C 3 58 LEU 58 59  59  LEU LEU A . n 
C 3 59 GLU 59 60  60  GLU GLU A . n 
C 3 60 LYS 60 61  61  LYS LYS A . n 
C 3 61 GLN 61 62  62  GLN GLN A . n 
C 3 62 LYS 62 63  63  LYS LYS A . n 
C 3 63 LYS 63 64  64  LYS LYS A . n 
# 
loop_
_pdbx_nonpoly_scheme.asym_id 
_pdbx_nonpoly_scheme.entity_id 
_pdbx_nonpoly_scheme.mon_id 
_pdbx_nonpoly_scheme.ndb_seq_num 
_pdbx_nonpoly_scheme.pdb_seq_num 
_pdbx_nonpoly_scheme.auth_seq_num 
_pdbx_nonpoly_scheme.pdb_mon_id 
_pdbx_nonpoly_scheme.auth_mon_id 
_pdbx_nonpoly_scheme.pdb_strand_id 
_pdbx_nonpoly_scheme.pdb_ins_code 
D 4 HOH 1  109 2   HOH HOH B . 
D 4 HOH 2  110 7   HOH HOH B . 
D 4 HOH 3  111 9   HOH HOH B . 
D 4 HOH 4  112 10  HOH HOH B . 
D 4 HOH 5  113 16  HOH HOH B . 
D 4 HOH 6  114 20  HOH HOH B . 
D 4 HOH 7  115 31  HOH HOH B . 
D 4 HOH 8  116 45  HOH HOH B . 
D 4 HOH 9  117 49  HOH HOH B . 
D 4 HOH 10 118 69  HOH HOH B . 
D 4 HOH 11 119 78  HOH HOH B . 
D 4 HOH 12 120 81  HOH HOH B . 
D 4 HOH 13 121 88  HOH HOH B . 
D 4 HOH 14 122 92  HOH HOH B . 
D 4 HOH 15 123 105 HOH HOH B . 
D 4 HOH 16 124 114 HOH HOH B . 
D 4 HOH 17 125 116 HOH HOH B . 
D 4 HOH 18 126 117 HOH HOH B . 
D 4 HOH 19 127 118 HOH HOH B . 
D 4 HOH 20 128 121 HOH HOH B . 
D 4 HOH 21 129 122 HOH HOH B . 
D 4 HOH 22 130 123 HOH HOH B . 
D 4 HOH 23 131 125 HOH HOH B . 
D 4 HOH 24 132 137 HOH HOH B . 
D 4 HOH 25 133 139 HOH HOH B . 
E 4 HOH 1  4   4   HOH HOH C . 
E 4 HOH 2  8   8   HOH HOH C . 
E 4 HOH 3  11  11  HOH HOH C . 
E 4 HOH 4  21  21  HOH HOH C . 
E 4 HOH 5  23  23  HOH HOH C . 
E 4 HOH 6  25  25  HOH HOH C . 
E 4 HOH 7  27  27  HOH HOH C . 
E 4 HOH 8  33  33  HOH HOH C . 
E 4 HOH 9  34  34  HOH HOH C . 
E 4 HOH 10 36  36  HOH HOH C . 
E 4 HOH 11 41  41  HOH HOH C . 
E 4 HOH 12 46  46  HOH HOH C . 
E 4 HOH 13 47  47  HOH HOH C . 
E 4 HOH 14 48  48  HOH HOH C . 
E 4 HOH 15 50  50  HOH HOH C . 
E 4 HOH 16 55  55  HOH HOH C . 
E 4 HOH 17 60  60  HOH HOH C . 
E 4 HOH 18 67  67  HOH HOH C . 
E 4 HOH 19 68  68  HOH HOH C . 
E 4 HOH 20 71  71  HOH HOH C . 
E 4 HOH 21 72  72  HOH HOH C . 
E 4 HOH 22 82  82  HOH HOH C . 
E 4 HOH 23 83  83  HOH HOH C . 
E 4 HOH 24 85  85  HOH HOH C . 
E 4 HOH 25 96  96  HOH HOH C . 
E 4 HOH 26 99  99  HOH HOH C . 
E 4 HOH 27 104 104 HOH HOH C . 
E 4 HOH 28 129 129 HOH HOH C . 
E 4 HOH 29 130 130 HOH HOH C . 
E 4 HOH 30 134 134 HOH HOH C . 
E 4 HOH 31 138 138 HOH HOH C . 
E 4 HOH 32 158 158 HOH HOH C . 
F 4 HOH 1  65  3   HOH HOH A . 
F 4 HOH 2  66  5   HOH HOH A . 
F 4 HOH 3  67  6   HOH HOH A . 
F 4 HOH 4  68  12  HOH HOH A . 
F 4 HOH 5  69  14  HOH HOH A . 
F 4 HOH 6  70  15  HOH HOH A . 
F 4 HOH 7  71  17  HOH HOH A . 
F 4 HOH 8  72  19  HOH HOH A . 
F 4 HOH 9  73  26  HOH HOH A . 
F 4 HOH 10 74  29  HOH HOH A . 
F 4 HOH 11 75  30  HOH HOH A . 
F 4 HOH 12 76  32  HOH HOH A . 
F 4 HOH 13 77  35  HOH HOH A . 
F 4 HOH 14 78  37  HOH HOH A . 
F 4 HOH 15 79  38  HOH HOH A . 
F 4 HOH 16 80  40  HOH HOH A . 
F 4 HOH 17 81  42  HOH HOH A . 
F 4 HOH 18 82  43  HOH HOH A . 
F 4 HOH 19 83  51  HOH HOH A . 
F 4 HOH 20 84  53  HOH HOH A . 
F 4 HOH 21 85  57  HOH HOH A . 
F 4 HOH 22 86  58  HOH HOH A . 
F 4 HOH 23 87  59  HOH HOH A . 
F 4 HOH 24 88  61  HOH HOH A . 
F 4 HOH 25 89  62  HOH HOH A . 
F 4 HOH 26 90  63  HOH HOH A . 
F 4 HOH 27 91  64  HOH HOH A . 
F 4 HOH 28 92  65  HOH HOH A . 
F 4 HOH 29 93  66  HOH HOH A . 
F 4 HOH 30 94  73  HOH HOH A . 
F 4 HOH 31 95  75  HOH HOH A . 
F 4 HOH 32 96  77  HOH HOH A . 
F 4 HOH 33 97  79  HOH HOH A . 
F 4 HOH 34 98  84  HOH HOH A . 
F 4 HOH 35 99  86  HOH HOH A . 
F 4 HOH 36 100 94  HOH HOH A . 
F 4 HOH 37 101 95  HOH HOH A . 
F 4 HOH 38 102 109 HOH HOH A . 
F 4 HOH 39 103 110 HOH HOH A . 
F 4 HOH 40 104 113 HOH HOH A . 
F 4 HOH 41 105 119 HOH HOH A . 
F 4 HOH 42 106 120 HOH HOH A . 
F 4 HOH 43 107 124 HOH HOH A . 
F 4 HOH 44 108 126 HOH HOH A . 
F 4 HOH 45 109 128 HOH HOH A . 
F 4 HOH 46 110 132 HOH HOH A . 
F 4 HOH 47 111 140 HOH HOH A . 
F 4 HOH 48 112 144 HOH HOH A . 
F 4 HOH 49 113 146 HOH HOH A . 
F 4 HOH 50 114 147 HOH HOH A . 
F 4 HOH 51 115 155 HOH HOH A . 
F 4 HOH 52 116 157 HOH HOH A . 
F 4 HOH 53 117 160 HOH HOH A . 
F 4 HOH 54 118 161 HOH HOH A . 
F 4 HOH 55 119 162 HOH HOH A . 
F 4 HOH 56 120 163 HOH HOH A . 
F 4 HOH 57 121 164 HOH HOH A . 
# 
loop_
_software.name 
_software.classification 
_software.version 
_software.citation_id 
_software.pdbx_ordinal 
AMoRE  phasing          .        ? 1 
X-PLOR refinement       3.840    ? 2 
bioteX 'data reduction' 'V. 1.1' ? 3 
bioteX 'data scaling'   'V. 1.1' ? 4 
# 
_cell.entry_id           1BF4 
_cell.length_a           46.870 
_cell.length_b           49.670 
_cell.length_c           37.650 
_cell.angle_alpha        90.00 
_cell.angle_beta         90.00 
_cell.angle_gamma        90.00 
_cell.Z_PDB              4 
_cell.pdbx_unique_axis   ? 
# 
_symmetry.entry_id                         1BF4 
_symmetry.space_group_name_H-M             'P 21 21 21' 
_symmetry.pdbx_full_space_group_name_H-M   ? 
_symmetry.cell_setting                     orthorhombic 
_symmetry.Int_Tables_number                19 
# 
_exptl.entry_id          1BF4 
_exptl.method            'X-RAY DIFFRACTION' 
_exptl.crystals_number   1 
# 
_exptl_crystal.id                    1 
_exptl_crystal.density_meas          ? 
_exptl_crystal.density_Matthews      1.8 
_exptl_crystal.density_percent_sol   39 
_exptl_crystal.description           ? 
# 
_exptl_crystal_grow.crystal_id      1 
_exptl_crystal_grow.method          ? 
_exptl_crystal_grow.temp            ? 
_exptl_crystal_grow.temp_details    ? 
_exptl_crystal_grow.pH              6.5 
_exptl_crystal_grow.pdbx_details    'pH 6.5' 
_exptl_crystal_grow.pdbx_pH_range   ? 
# 
_diffrn.id                     1 
_diffrn.ambient_temp           123 
_diffrn.ambient_temp_details   ? 
_diffrn.crystal_id             1 
# 
_diffrn_detector.diffrn_id              1 
_diffrn_detector.detector               'IMAGE PLATE' 
_diffrn_detector.type                   RIGAKU 
_diffrn_detector.pdbx_collection_date   1997-07-15 
_diffrn_detector.details                ? 
# 
_diffrn_radiation.diffrn_id                        1 
_diffrn_radiation.wavelength_id                    1 
_diffrn_radiation.pdbx_monochromatic_or_laue_m_l   M 
_diffrn_radiation.monochromator                    GRAPHITE 
_diffrn_radiation.pdbx_diffrn_protocol             'SINGLE WAVELENGTH' 
_diffrn_radiation.pdbx_scattering_type             x-ray 
# 
_diffrn_radiation_wavelength.id           1 
_diffrn_radiation_wavelength.wavelength   1.5418 
_diffrn_radiation_wavelength.wt           1.0 
# 
_diffrn_source.diffrn_id                   1 
_diffrn_source.source                      'ROTATING ANODE' 
_diffrn_source.type                        'RIGAKU RU200' 
_diffrn_source.pdbx_synchrotron_site       ? 
_diffrn_source.pdbx_synchrotron_beamline   ? 
_diffrn_source.pdbx_wavelength             1.5418 
_diffrn_source.pdbx_wavelength_list        ? 
# 
_reflns.entry_id                     1BF4 
_reflns.observed_criterion_sigma_I   2 
_reflns.observed_criterion_sigma_F   ? 
_reflns.d_resolution_low             6.0 
_reflns.d_resolution_high            1.6 
_reflns.number_obs                   11595 
_reflns.number_all                   ? 
_reflns.percent_possible_obs         95.1 
_reflns.pdbx_Rmerge_I_obs            0.0737000 
_reflns.pdbx_Rsym_value              ? 
_reflns.pdbx_netI_over_sigmaI        15 
_reflns.B_iso_Wilson_estimate        14.8 
_reflns.pdbx_redundancy              4.36 
_reflns.pdbx_diffrn_id               1 
_reflns.pdbx_ordinal                 1 
# 
_reflns_shell.d_res_high             1.6 
_reflns_shell.d_res_low              1.65 
_reflns_shell.percent_possible_all   86.6 
_reflns_shell.Rmerge_I_obs           ? 
_reflns_shell.pdbx_Rsym_value        0.2780000 
_reflns_shell.meanI_over_sigI_obs    2.4 
_reflns_shell.pdbx_redundancy        ? 
_reflns_shell.pdbx_diffrn_id         ? 
_reflns_shell.pdbx_ordinal           1 
# 
_refine.entry_id                                 1BF4 
_refine.ls_number_reflns_obs                     11256 
_refine.ls_number_reflns_all                     ? 
_refine.pdbx_ls_sigma_I                          ? 
_refine.pdbx_ls_sigma_F                          2 
_refine.pdbx_data_cutoff_high_absF               10000000.00 
_refine.pdbx_data_cutoff_low_absF                0.001 
_refine.pdbx_data_cutoff_high_rms_absF           ? 
_refine.ls_d_res_low                             6.0 
_refine.ls_d_res_high                            1.6 
_refine.ls_percent_reflns_obs                    95.1 
_refine.ls_R_factor_obs                          0.2110000 
_refine.ls_R_factor_all                          ? 
_refine.ls_R_factor_R_work                       0.2110000 
_refine.ls_R_factor_R_free                       0.2880000 
_refine.ls_R_factor_R_free_error                 0.009 
_refine.ls_R_factor_R_free_error_details         ? 
_refine.ls_percent_reflns_R_free                 9.94 
_refine.ls_number_reflns_R_free                  1115 
_refine.ls_number_parameters                     ? 
_refine.ls_number_restraints                     ? 
_refine.occupancy_min                            ? 
_refine.occupancy_max                            ? 
_refine.B_iso_mean                               25.0 
_refine.aniso_B[1][1]                            ? 
_refine.aniso_B[2][2]                            ? 
_refine.aniso_B[3][3]                            ? 
_refine.aniso_B[1][2]                            ? 
_refine.aniso_B[1][3]                            ? 
_refine.aniso_B[2][3]                            ? 
_refine.solvent_model_details                    ? 
_refine.solvent_model_param_ksol                 ? 
_refine.solvent_model_param_bsol                 ? 
_refine.pdbx_ls_cross_valid_method               THROUGHOUT 
_refine.details                                  ? 
_refine.pdbx_starting_model                      SSO7D-GTAATTAC 
_refine.pdbx_method_to_determine_struct          'MOLECULAR REPLACEMENT' 
_refine.pdbx_isotropic_thermal_model             RESTRAINED 
_refine.pdbx_stereochemistry_target_values       ? 
_refine.pdbx_stereochem_target_val_spec_case     ? 
_refine.pdbx_R_Free_selection_details            RANDOM 
_refine.pdbx_overall_ESU_R                       ? 
_refine.pdbx_overall_ESU_R_Free                  ? 
_refine.overall_SU_ML                            ? 
_refine.overall_SU_B                             ? 
_refine.pdbx_refine_id                           'X-RAY DIFFRACTION' 
_refine.pdbx_diffrn_id                           1 
_refine.pdbx_TLS_residual_ADP_flag               ? 
_refine.correlation_coeff_Fo_to_Fc               ? 
_refine.correlation_coeff_Fo_to_Fc_free          ? 
_refine.pdbx_solvent_vdw_probe_radii             ? 
_refine.pdbx_solvent_ion_probe_radii             ? 
_refine.pdbx_solvent_shrinkage_radii             ? 
_refine.pdbx_overall_phase_error                 ? 
_refine.overall_SU_R_Cruickshank_DPI             ? 
_refine.pdbx_overall_SU_R_free_Cruickshank_DPI   ? 
_refine.pdbx_overall_SU_R_Blow_DPI               ? 
_refine.pdbx_overall_SU_R_free_Blow_DPI          ? 
# 
_refine_analyze.entry_id                        1BF4 
_refine_analyze.Luzzati_coordinate_error_obs    0.22 
_refine_analyze.Luzzati_sigma_a_obs             0.28 
_refine_analyze.Luzzati_d_res_low_obs           6.0 
_refine_analyze.Luzzati_coordinate_error_free   0.26 
_refine_analyze.Luzzati_sigma_a_free            0.28 
_refine_analyze.Luzzati_d_res_low_free          ? 
_refine_analyze.number_disordered_residues      ? 
_refine_analyze.occupancy_sum_hydrogen          ? 
_refine_analyze.occupancy_sum_non_hydrogen      ? 
_refine_analyze.pdbx_refine_id                  'X-RAY DIFFRACTION' 
# 
_refine_hist.pdbx_refine_id                   'X-RAY DIFFRACTION' 
_refine_hist.cycle_id                         LAST 
_refine_hist.pdbx_number_atoms_protein        502 
_refine_hist.pdbx_number_atoms_nucleic_acid   322 
_refine_hist.pdbx_number_atoms_ligand         0 
_refine_hist.number_atoms_solvent             114 
_refine_hist.number_atoms_total               938 
_refine_hist.d_res_high                       1.6 
_refine_hist.d_res_low                        6.0 
# 
loop_
_refine_ls_restr.type 
_refine_ls_restr.dev_ideal 
_refine_ls_restr.dev_ideal_target 
_refine_ls_restr.weight 
_refine_ls_restr.number 
_refine_ls_restr.pdbx_refine_id 
_refine_ls_restr.pdbx_restraint_function 
x_bond_d                0.012 ?    ? ? 'X-RAY DIFFRACTION' ? 
x_bond_d_na             ?     ?    ? ? 'X-RAY DIFFRACTION' ? 
x_bond_d_prot           ?     ?    ? ? 'X-RAY DIFFRACTION' ? 
x_angle_d               ?     ?    ? ? 'X-RAY DIFFRACTION' ? 
x_angle_d_na            ?     ?    ? ? 'X-RAY DIFFRACTION' ? 
x_angle_d_prot          ?     ?    ? ? 'X-RAY DIFFRACTION' ? 
x_angle_deg             1.5   ?    ? ? 'X-RAY DIFFRACTION' ? 
x_angle_deg_na          ?     ?    ? ? 'X-RAY DIFFRACTION' ? 
x_angle_deg_prot        ?     ?    ? ? 'X-RAY DIFFRACTION' ? 
x_dihedral_angle_d      24.0  ?    ? ? 'X-RAY DIFFRACTION' ? 
x_dihedral_angle_d_na   ?     ?    ? ? 'X-RAY DIFFRACTION' ? 
x_dihedral_angle_d_prot ?     ?    ? ? 'X-RAY DIFFRACTION' ? 
x_improper_angle_d      1.60  ?    ? ? 'X-RAY DIFFRACTION' ? 
x_improper_angle_d_na   ?     ?    ? ? 'X-RAY DIFFRACTION' ? 
x_improper_angle_d_prot ?     ?    ? ? 'X-RAY DIFFRACTION' ? 
x_mcbond_it             1.92  1.50 ? ? 'X-RAY DIFFRACTION' ? 
x_mcangle_it            3.04  2.00 ? ? 'X-RAY DIFFRACTION' ? 
x_scbond_it             2.68  2.00 ? ? 'X-RAY DIFFRACTION' ? 
x_scangle_it            3.76  2.50 ? ? 'X-RAY DIFFRACTION' ? 
# 
_refine_ls_shell.pdbx_total_number_of_bins_used   8 
_refine_ls_shell.d_res_high                       1.60 
_refine_ls_shell.d_res_low                        1.67 
_refine_ls_shell.number_reflns_R_work             1138 
_refine_ls_shell.R_factor_R_work                  0.3430000 
_refine_ls_shell.percent_reflns_obs               86.7 
_refine_ls_shell.R_factor_R_free                  0.3770000 
_refine_ls_shell.R_factor_R_free_error            0.033 
_refine_ls_shell.percent_reflns_R_free            10.3 
_refine_ls_shell.number_reflns_R_free             130 
_refine_ls_shell.pdbx_refine_id                   'X-RAY DIFFRACTION' 
_refine_ls_shell.number_reflns_all                ? 
_refine_ls_shell.R_factor_all                     ? 
# 
loop_
_pdbx_xplor_file.serial_no 
_pdbx_xplor_file.param_file 
_pdbx_xplor_file.topol_file 
_pdbx_xplor_file.pdbx_refine_id 
1 PARAM_NDBX_HIGH.DNA TOPH11.WAT   'X-RAY DIFFRACTION' 
2 NEW.PAM             TOP_NDBX.DNA 'X-RAY DIFFRACTION' 
3 PARAM11.WAT         NEW.TOP      'X-RAY DIFFRACTION' 
# 
_struct.entry_id                  1BF4 
_struct.title                     'CHROMOSOMAL DNA-BINDING PROTEIN SSO7D/D(GCGAACGC) COMPLEX' 
_struct.pdbx_model_details        ? 
_struct.pdbx_CASP_flag            ? 
_struct.pdbx_model_type_details   ? 
# 
_struct_keywords.entry_id        1BF4 
_struct_keywords.pdbx_keywords   'DNA-BINDING PROTEIN/DNA' 
_struct_keywords.text            
'DNA BINDING PROTEIN, HYPERTHERMOPHILE, ARCHAEBACTERIA, COMPLEX (DNA-BINDING PROTEIN-DNA), DNA-BINDING PROTEIN-DNA complex' 
# 
loop_
_struct_asym.id 
_struct_asym.pdbx_blank_PDB_chainid_flag 
_struct_asym.pdbx_modified 
_struct_asym.entity_id 
_struct_asym.details 
A N N 1 ? 
B N N 2 ? 
C N N 3 ? 
D N N 4 ? 
E N N 4 ? 
F N N 4 ? 
# 
loop_
_struct_ref.id 
_struct_ref.db_name 
_struct_ref.db_code 
_struct_ref.entity_id 
_struct_ref.pdbx_seq_one_letter_code 
_struct_ref.pdbx_align_begin 
_struct_ref.pdbx_db_accession 
_struct_ref.pdbx_db_isoform 
1 UNP DN71_SULAC 3 ? ? P13123 ? 
2 PDB 1BF4       1 ? ? 1BF4   ? 
3 PDB 1BF4       2 ? ? 1BF4   ? 
# 
loop_
_struct_ref_seq.align_id 
_struct_ref_seq.ref_id 
_struct_ref_seq.pdbx_PDB_id_code 
_struct_ref_seq.pdbx_strand_id 
_struct_ref_seq.seq_align_beg 
_struct_ref_seq.pdbx_seq_align_beg_ins_code 
_struct_ref_seq.seq_align_end 
_struct_ref_seq.pdbx_seq_align_end_ins_code 
_struct_ref_seq.pdbx_db_accession 
_struct_ref_seq.db_align_beg 
_struct_ref_seq.pdbx_db_align_beg_ins_code 
_struct_ref_seq.db_align_end 
_struct_ref_seq.pdbx_db_align_end_ins_code 
_struct_ref_seq.pdbx_auth_seq_align_beg 
_struct_ref_seq.pdbx_auth_seq_align_end 
1 1 1BF4 A 1 ? 63 ? P13123 1   ? 63  ? 2   64  
2 2 1BF4 B 1 ? 8  ? 1BF4   101 ? 108 ? 101 108 
3 3 1BF4 C 1 ? 8  ? 1BF4   109 ? 116 ? 109 116 
# 
_pdbx_struct_assembly.id                   1 
_pdbx_struct_assembly.details              author_defined_assembly 
_pdbx_struct_assembly.method_details       ? 
_pdbx_struct_assembly.oligomeric_details   trimeric 
_pdbx_struct_assembly.oligomeric_count     3 
# 
_pdbx_struct_assembly_gen.assembly_id       1 
_pdbx_struct_assembly_gen.oper_expression   1 
_pdbx_struct_assembly_gen.asym_id_list      A,B,C,D,E,F 
# 
_pdbx_struct_oper_list.id                   1 
_pdbx_struct_oper_list.type                 'identity operation' 
_pdbx_struct_oper_list.name                 1_555 
_pdbx_struct_oper_list.symmetry_operation   x,y,z 
_pdbx_struct_oper_list.matrix[1][1]         1.0000000000 
_pdbx_struct_oper_list.matrix[1][2]         0.0000000000 
_pdbx_struct_oper_list.matrix[1][3]         0.0000000000 
_pdbx_struct_oper_list.vector[1]            0.0000000000 
_pdbx_struct_oper_list.matrix[2][1]         0.0000000000 
_pdbx_struct_oper_list.matrix[2][2]         1.0000000000 
_pdbx_struct_oper_list.matrix[2][3]         0.0000000000 
_pdbx_struct_oper_list.vector[2]            0.0000000000 
_pdbx_struct_oper_list.matrix[3][1]         0.0000000000 
_pdbx_struct_oper_list.matrix[3][2]         0.0000000000 
_pdbx_struct_oper_list.matrix[3][3]         1.0000000000 
_pdbx_struct_oper_list.vector[3]            0.0000000000 
# 
_struct_biol.id   1 
# 
loop_
_struct_conf.conf_type_id 
_struct_conf.id 
_struct_conf.pdbx_PDB_helix_id 
_struct_conf.beg_label_comp_id 
_struct_conf.beg_label_asym_id 
_struct_conf.beg_label_seq_id 
_struct_conf.pdbx_beg_PDB_ins_code 
_struct_conf.end_label_comp_id 
_struct_conf.end_label_asym_id 
_struct_conf.end_label_seq_id 
_struct_conf.pdbx_end_PDB_ins_code 
_struct_conf.beg_auth_comp_id 
_struct_conf.beg_auth_asym_id 
_struct_conf.beg_auth_seq_id 
_struct_conf.end_auth_comp_id 
_struct_conf.end_auth_asym_id 
_struct_conf.end_auth_seq_id 
_struct_conf.pdbx_PDB_helix_class 
_struct_conf.details 
_struct_conf.pdbx_PDB_helix_length 
HELX_P HELX_P1 1 ILE C 16 ? LYS C 18 ? ILE A 17 LYS A 19 5 ? 3 
HELX_P HELX_P2 2 GLY C 36 ? GLY C 38 ? GLY A 37 GLY A 39 5 ? 3 
HELX_P HELX_P3 3 LYS C 52 ? LYS C 60 ? LYS A 53 LYS A 61 1 ? 9 
# 
_struct_conf_type.id          HELX_P 
_struct_conf_type.criteria    ? 
_struct_conf_type.reference   ? 
# 
loop_
_struct_conn.id 
_struct_conn.conn_type_id 
_struct_conn.pdbx_leaving_atom_flag 
_struct_conn.pdbx_PDB_id 
_struct_conn.ptnr1_label_asym_id 
_struct_conn.ptnr1_label_comp_id 
_struct_conn.ptnr1_label_seq_id 
_struct_conn.ptnr1_label_atom_id 
_struct_conn.pdbx_ptnr1_label_alt_id 
_struct_conn.pdbx_ptnr1_PDB_ins_code 
_struct_conn.pdbx_ptnr1_standard_comp_id 
_struct_conn.ptnr1_symmetry 
_struct_conn.ptnr2_label_asym_id 
_struct_conn.ptnr2_label_comp_id 
_struct_conn.ptnr2_label_seq_id 
_struct_conn.ptnr2_label_atom_id 
_struct_conn.pdbx_ptnr2_label_alt_id 
_struct_conn.pdbx_ptnr2_PDB_ins_code 
_struct_conn.ptnr1_auth_asym_id 
_struct_conn.ptnr1_auth_comp_id 
_struct_conn.ptnr1_auth_seq_id 
_struct_conn.ptnr2_auth_asym_id 
_struct_conn.ptnr2_auth_comp_id 
_struct_conn.ptnr2_auth_seq_id 
_struct_conn.ptnr2_symmetry 
_struct_conn.pdbx_ptnr3_label_atom_id 
_struct_conn.pdbx_ptnr3_label_seq_id 
_struct_conn.pdbx_ptnr3_label_comp_id 
_struct_conn.pdbx_ptnr3_label_asym_id 
_struct_conn.pdbx_ptnr3_label_alt_id 
_struct_conn.pdbx_ptnr3_PDB_ins_code 
_struct_conn.details 
_struct_conn.pdbx_dist_value 
_struct_conn.pdbx_value_order 
_struct_conn.pdbx_role 
covale1  covale both ? A DT  4 "O3'" ? ? ? 1_555 A 5IU 5 P  ? ? B DT  104 B 5IU 105 1_555 ? ? ? ? ? ? ?            1.613 ? ? 
covale2  covale both ? A 5IU 5 "O3'" ? ? ? 1_555 A DC  6 P  ? ? B 5IU 105 B DC  106 1_555 ? ? ? ? ? ? ?            1.603 ? ? 
hydrog1  hydrog ?    ? A DG  1 N1    ? ? ? 1_555 B DC  8 N3 ? ? B DG  101 C DC  116 1_555 ? ? ? ? ? ? WATSON-CRICK ?     ? ? 
hydrog2  hydrog ?    ? A DG  1 N2    ? ? ? 1_555 B DC  8 O2 ? ? B DG  101 C DC  116 1_555 ? ? ? ? ? ? WATSON-CRICK ?     ? ? 
hydrog3  hydrog ?    ? A DG  1 O6    ? ? ? 1_555 B DC  8 N4 ? ? B DG  101 C DC  116 1_555 ? ? ? ? ? ? WATSON-CRICK ?     ? ? 
hydrog4  hydrog ?    ? A DC  2 N3    ? ? ? 1_555 B DG  7 N1 ? ? B DC  102 C DG  115 1_555 ? ? ? ? ? ? WATSON-CRICK ?     ? ? 
hydrog5  hydrog ?    ? A DC  2 N4    ? ? ? 1_555 B DG  7 O6 ? ? B DC  102 C DG  115 1_555 ? ? ? ? ? ? WATSON-CRICK ?     ? ? 
hydrog6  hydrog ?    ? A DC  2 O2    ? ? ? 1_555 B DG  7 N2 ? ? B DC  102 C DG  115 1_555 ? ? ? ? ? ? WATSON-CRICK ?     ? ? 
hydrog7  hydrog ?    ? A DG  3 N1    ? ? ? 1_555 B DC  6 N3 ? ? B DG  103 C DC  114 1_555 ? ? ? ? ? ? WATSON-CRICK ?     ? ? 
hydrog8  hydrog ?    ? A DG  3 N2    ? ? ? 1_555 B DC  6 O2 ? ? B DG  103 C DC  114 1_555 ? ? ? ? ? ? WATSON-CRICK ?     ? ? 
hydrog9  hydrog ?    ? A DG  3 O6    ? ? ? 1_555 B DC  6 N4 ? ? B DG  103 C DC  114 1_555 ? ? ? ? ? ? WATSON-CRICK ?     ? ? 
hydrog10 hydrog ?    ? A DT  4 N3    ? ? ? 1_555 B DA  5 N1 ? ? B DT  104 C DA  113 1_555 ? ? ? ? ? ? WATSON-CRICK ?     ? ? 
hydrog11 hydrog ?    ? A DT  4 O4    ? ? ? 1_555 B DA  5 N6 ? ? B DT  104 C DA  113 1_555 ? ? ? ? ? ? WATSON-CRICK ?     ? ? 
hydrog12 hydrog ?    ? A 5IU 5 N3    ? ? ? 1_555 B DA  4 N1 ? ? B 5IU 105 C DA  112 1_555 ? ? ? ? ? ? WATSON-CRICK ?     ? ? 
hydrog13 hydrog ?    ? A 5IU 5 O4    ? ? ? 1_555 B DA  4 N6 ? ? B 5IU 105 C DA  112 1_555 ? ? ? ? ? ? WATSON-CRICK ?     ? ? 
hydrog14 hydrog ?    ? A DC  6 N3    ? ? ? 1_555 B DG  3 N1 ? ? B DC  106 C DG  111 1_555 ? ? ? ? ? ? WATSON-CRICK ?     ? ? 
hydrog15 hydrog ?    ? A DC  6 N4    ? ? ? 1_555 B DG  3 O6 ? ? B DC  106 C DG  111 1_555 ? ? ? ? ? ? WATSON-CRICK ?     ? ? 
hydrog16 hydrog ?    ? A DC  6 O2    ? ? ? 1_555 B DG  3 N2 ? ? B DC  106 C DG  111 1_555 ? ? ? ? ? ? WATSON-CRICK ?     ? ? 
hydrog17 hydrog ?    ? A DG  7 N1    ? ? ? 1_555 B DC  2 N3 ? ? B DG  107 C DC  110 1_555 ? ? ? ? ? ? WATSON-CRICK ?     ? ? 
hydrog18 hydrog ?    ? A DG  7 N2    ? ? ? 1_555 B DC  2 O2 ? ? B DG  107 C DC  110 1_555 ? ? ? ? ? ? WATSON-CRICK ?     ? ? 
hydrog19 hydrog ?    ? A DG  7 O6    ? ? ? 1_555 B DC  2 N4 ? ? B DG  107 C DC  110 1_555 ? ? ? ? ? ? WATSON-CRICK ?     ? ? 
hydrog20 hydrog ?    ? A DC  8 N3    ? ? ? 1_555 B DG  1 N1 ? ? B DC  108 C DG  109 1_555 ? ? ? ? ? ? WATSON-CRICK ?     ? ? 
hydrog21 hydrog ?    ? A DC  8 N4    ? ? ? 1_555 B DG  1 O6 ? ? B DC  108 C DG  109 1_555 ? ? ? ? ? ? WATSON-CRICK ?     ? ? 
hydrog22 hydrog ?    ? A DC  8 O2    ? ? ? 1_555 B DG  1 N2 ? ? B DC  108 C DG  109 1_555 ? ? ? ? ? ? WATSON-CRICK ?     ? ? 
# 
loop_
_struct_conn_type.id 
_struct_conn_type.criteria 
_struct_conn_type.reference 
covale ? ? 
hydrog ? ? 
# 
loop_
_struct_sheet.id 
_struct_sheet.type 
_struct_sheet.number_strands 
_struct_sheet.details 
A ? 2 ? 
B ? 3 ? 
# 
loop_
_struct_sheet_order.sheet_id 
_struct_sheet_order.range_id_1 
_struct_sheet_order.range_id_2 
_struct_sheet_order.offset 
_struct_sheet_order.sense 
A 1 2 ? anti-parallel 
B 1 2 ? anti-parallel 
B 2 3 ? anti-parallel 
# 
loop_
_struct_sheet_range.sheet_id 
_struct_sheet_range.id 
_struct_sheet_range.beg_label_comp_id 
_struct_sheet_range.beg_label_asym_id 
_struct_sheet_range.beg_label_seq_id 
_struct_sheet_range.pdbx_beg_PDB_ins_code 
_struct_sheet_range.end_label_comp_id 
_struct_sheet_range.end_label_asym_id 
_struct_sheet_range.end_label_seq_id 
_struct_sheet_range.pdbx_end_PDB_ins_code 
_struct_sheet_range.beg_auth_comp_id 
_struct_sheet_range.beg_auth_asym_id 
_struct_sheet_range.beg_auth_seq_id 
_struct_sheet_range.end_auth_comp_id 
_struct_sheet_range.end_auth_asym_id 
_struct_sheet_range.end_auth_seq_id 
A 1 THR C 2  ? TYR C 7  ? THR A 3  TYR A 8  
A 2 GLU C 10 ? ASP C 15 ? GLU A 11 ASP A 16 
B 1 THR C 40 ? SER C 46 ? THR A 41 SER A 47 
B 2 MET C 28 ? ASP C 34 ? MET A 29 ASP A 35 
B 3 ILE C 19 ? VAL C 25 ? ILE A 20 VAL A 26 
# 
loop_
_pdbx_struct_sheet_hbond.sheet_id 
_pdbx_struct_sheet_hbond.range_id_1 
_pdbx_struct_sheet_hbond.range_id_2 
_pdbx_struct_sheet_hbond.range_1_label_atom_id 
_pdbx_struct_sheet_hbond.range_1_label_comp_id 
_pdbx_struct_sheet_hbond.range_1_label_asym_id 
_pdbx_struct_sheet_hbond.range_1_label_seq_id 
_pdbx_struct_sheet_hbond.range_1_PDB_ins_code 
_pdbx_struct_sheet_hbond.range_1_auth_atom_id 
_pdbx_struct_sheet_hbond.range_1_auth_comp_id 
_pdbx_struct_sheet_hbond.range_1_auth_asym_id 
_pdbx_struct_sheet_hbond.range_1_auth_seq_id 
_pdbx_struct_sheet_hbond.range_2_label_atom_id 
_pdbx_struct_sheet_hbond.range_2_label_comp_id 
_pdbx_struct_sheet_hbond.range_2_label_asym_id 
_pdbx_struct_sheet_hbond.range_2_label_seq_id 
_pdbx_struct_sheet_hbond.range_2_PDB_ins_code 
_pdbx_struct_sheet_hbond.range_2_auth_atom_id 
_pdbx_struct_sheet_hbond.range_2_auth_comp_id 
_pdbx_struct_sheet_hbond.range_2_auth_asym_id 
_pdbx_struct_sheet_hbond.range_2_auth_seq_id 
A 1 2 O VAL C 3  ? O VAL A 4  N VAL C 14 ? N VAL A 15 
B 1 2 O GLY C 41 ? O GLY A 42 N TYR C 33 ? N TYR A 34 
B 2 3 O MET C 28 ? O MET A 29 N VAL C 25 ? N VAL A 26 
# 
loop_
_pdbx_validate_torsion.id 
_pdbx_validate_torsion.PDB_model_num 
_pdbx_validate_torsion.auth_comp_id 
_pdbx_validate_torsion.auth_asym_id 
_pdbx_validate_torsion.auth_seq_id 
_pdbx_validate_torsion.PDB_ins_code 
_pdbx_validate_torsion.label_alt_id 
_pdbx_validate_torsion.phi 
_pdbx_validate_torsion.psi 
1 1 ASP A 50 ? ? -64.50  -70.33 
2 1 ALA A 51 ? ? 2.21    104.87 
3 1 GLN A 62 ? ? -124.32 -80.51 
# 
_pdbx_validate_planes.id              1 
_pdbx_validate_planes.PDB_model_num   1 
_pdbx_validate_planes.auth_comp_id    DC 
_pdbx_validate_planes.auth_asym_id    C 
_pdbx_validate_planes.auth_seq_id     114 
_pdbx_validate_planes.PDB_ins_code    ? 
_pdbx_validate_planes.label_alt_id    ? 
_pdbx_validate_planes.rmsd            0.075 
_pdbx_validate_planes.type            'SIDE CHAIN' 
# 
_pdbx_struct_mod_residue.id               1 
_pdbx_struct_mod_residue.label_asym_id    A 
_pdbx_struct_mod_residue.label_comp_id    5IU 
_pdbx_struct_mod_residue.label_seq_id     5 
_pdbx_struct_mod_residue.auth_asym_id     B 
_pdbx_struct_mod_residue.auth_comp_id     5IU 
_pdbx_struct_mod_residue.auth_seq_id      105 
_pdbx_struct_mod_residue.PDB_ins_code     ? 
_pdbx_struct_mod_residue.parent_comp_id   DU 
_pdbx_struct_mod_residue.details          "5-IODO-2'-DEOXYURIDINE-5'-MONOPHOSPHATE" 
# 
loop_
_chem_comp_atom.comp_id 
_chem_comp_atom.atom_id 
_chem_comp_atom.type_symbol 
_chem_comp_atom.pdbx_aromatic_flag 
_chem_comp_atom.pdbx_stereo_config 
_chem_comp_atom.pdbx_ordinal 
5IU N1     N N N 1   
5IU C2     C N N 2   
5IU N3     N N N 3   
5IU C4     C N N 4   
5IU C5     C N N 5   
5IU C6     C N N 6   
5IU O2     O N N 7   
5IU O4     O N N 8   
5IU I5     I N N 9   
5IU "C1'"  C N R 10  
5IU "C2'"  C N N 11  
5IU "C3'"  C N S 12  
5IU "C4'"  C N R 13  
5IU "O3'"  O N N 14  
5IU "O4'"  O N N 15  
5IU "C5'"  C N N 16  
5IU "O5'"  O N N 17  
5IU P      P N N 18  
5IU OP1    O N N 19  
5IU OP2    O N N 20  
5IU OP3    O N N 21  
5IU HN3    H N N 22  
5IU H6     H N N 23  
5IU "H1'"  H N N 24  
5IU "H2'"  H N N 25  
5IU "H2''" H N N 26  
5IU "H3'"  H N N 27  
5IU "H4'"  H N N 28  
5IU "HO3'" H N N 29  
5IU "H5'"  H N N 30  
5IU "H5''" H N N 31  
5IU HOP2   H N N 32  
5IU HOP3   H N N 33  
ALA N      N N N 34  
ALA CA     C N S 35  
ALA C      C N N 36  
ALA O      O N N 37  
ALA CB     C N N 38  
ALA OXT    O N N 39  
ALA H      H N N 40  
ALA H2     H N N 41  
ALA HA     H N N 42  
ALA HB1    H N N 43  
ALA HB2    H N N 44  
ALA HB3    H N N 45  
ALA HXT    H N N 46  
ARG N      N N N 47  
ARG CA     C N S 48  
ARG C      C N N 49  
ARG O      O N N 50  
ARG CB     C N N 51  
ARG CG     C N N 52  
ARG CD     C N N 53  
ARG NE     N N N 54  
ARG CZ     C N N 55  
ARG NH1    N N N 56  
ARG NH2    N N N 57  
ARG OXT    O N N 58  
ARG H      H N N 59  
ARG H2     H N N 60  
ARG HA     H N N 61  
ARG HB2    H N N 62  
ARG HB3    H N N 63  
ARG HG2    H N N 64  
ARG HG3    H N N 65  
ARG HD2    H N N 66  
ARG HD3    H N N 67  
ARG HE     H N N 68  
ARG HH11   H N N 69  
ARG HH12   H N N 70  
ARG HH21   H N N 71  
ARG HH22   H N N 72  
ARG HXT    H N N 73  
ASP N      N N N 74  
ASP CA     C N S 75  
ASP C      C N N 76  
ASP O      O N N 77  
ASP CB     C N N 78  
ASP CG     C N N 79  
ASP OD1    O N N 80  
ASP OD2    O N N 81  
ASP OXT    O N N 82  
ASP H      H N N 83  
ASP H2     H N N 84  
ASP HA     H N N 85  
ASP HB2    H N N 86  
ASP HB3    H N N 87  
ASP HD2    H N N 88  
ASP HXT    H N N 89  
DA  OP3    O N N 90  
DA  P      P N N 91  
DA  OP1    O N N 92  
DA  OP2    O N N 93  
DA  "O5'"  O N N 94  
DA  "C5'"  C N N 95  
DA  "C4'"  C N R 96  
DA  "O4'"  O N N 97  
DA  "C3'"  C N S 98  
DA  "O3'"  O N N 99  
DA  "C2'"  C N N 100 
DA  "C1'"  C N R 101 
DA  N9     N Y N 102 
DA  C8     C Y N 103 
DA  N7     N Y N 104 
DA  C5     C Y N 105 
DA  C6     C Y N 106 
DA  N6     N N N 107 
DA  N1     N Y N 108 
DA  C2     C Y N 109 
DA  N3     N Y N 110 
DA  C4     C Y N 111 
DA  HOP3   H N N 112 
DA  HOP2   H N N 113 
DA  "H5'"  H N N 114 
DA  "H5''" H N N 115 
DA  "H4'"  H N N 116 
DA  "H3'"  H N N 117 
DA  "HO3'" H N N 118 
DA  "H2'"  H N N 119 
DA  "H2''" H N N 120 
DA  "H1'"  H N N 121 
DA  H8     H N N 122 
DA  H61    H N N 123 
DA  H62    H N N 124 
DA  H2     H N N 125 
DC  OP3    O N N 126 
DC  P      P N N 127 
DC  OP1    O N N 128 
DC  OP2    O N N 129 
DC  "O5'"  O N N 130 
DC  "C5'"  C N N 131 
DC  "C4'"  C N R 132 
DC  "O4'"  O N N 133 
DC  "C3'"  C N S 134 
DC  "O3'"  O N N 135 
DC  "C2'"  C N N 136 
DC  "C1'"  C N R 137 
DC  N1     N N N 138 
DC  C2     C N N 139 
DC  O2     O N N 140 
DC  N3     N N N 141 
DC  C4     C N N 142 
DC  N4     N N N 143 
DC  C5     C N N 144 
DC  C6     C N N 145 
DC  HOP3   H N N 146 
DC  HOP2   H N N 147 
DC  "H5'"  H N N 148 
DC  "H5''" H N N 149 
DC  "H4'"  H N N 150 
DC  "H3'"  H N N 151 
DC  "HO3'" H N N 152 
DC  "H2'"  H N N 153 
DC  "H2''" H N N 154 
DC  "H1'"  H N N 155 
DC  H41    H N N 156 
DC  H42    H N N 157 
DC  H5     H N N 158 
DC  H6     H N N 159 
DG  OP3    O N N 160 
DG  P      P N N 161 
DG  OP1    O N N 162 
DG  OP2    O N N 163 
DG  "O5'"  O N N 164 
DG  "C5'"  C N N 165 
DG  "C4'"  C N R 166 
DG  "O4'"  O N N 167 
DG  "C3'"  C N S 168 
DG  "O3'"  O N N 169 
DG  "C2'"  C N N 170 
DG  "C1'"  C N R 171 
DG  N9     N Y N 172 
DG  C8     C Y N 173 
DG  N7     N Y N 174 
DG  C5     C Y N 175 
DG  C6     C N N 176 
DG  O6     O N N 177 
DG  N1     N N N 178 
DG  C2     C N N 179 
DG  N2     N N N 180 
DG  N3     N N N 181 
DG  C4     C Y N 182 
DG  HOP3   H N N 183 
DG  HOP2   H N N 184 
DG  "H5'"  H N N 185 
DG  "H5''" H N N 186 
DG  "H4'"  H N N 187 
DG  "H3'"  H N N 188 
DG  "HO3'" H N N 189 
DG  "H2'"  H N N 190 
DG  "H2''" H N N 191 
DG  "H1'"  H N N 192 
DG  H8     H N N 193 
DG  H1     H N N 194 
DG  H21    H N N 195 
DG  H22    H N N 196 
DT  OP3    O N N 197 
DT  P      P N N 198 
DT  OP1    O N N 199 
DT  OP2    O N N 200 
DT  "O5'"  O N N 201 
DT  "C5'"  C N N 202 
DT  "C4'"  C N R 203 
DT  "O4'"  O N N 204 
DT  "C3'"  C N S 205 
DT  "O3'"  O N N 206 
DT  "C2'"  C N N 207 
DT  "C1'"  C N R 208 
DT  N1     N N N 209 
DT  C2     C N N 210 
DT  O2     O N N 211 
DT  N3     N N N 212 
DT  C4     C N N 213 
DT  O4     O N N 214 
DT  C5     C N N 215 
DT  C7     C N N 216 
DT  C6     C N N 217 
DT  HOP3   H N N 218 
DT  HOP2   H N N 219 
DT  "H5'"  H N N 220 
DT  "H5''" H N N 221 
DT  "H4'"  H N N 222 
DT  "H3'"  H N N 223 
DT  "HO3'" H N N 224 
DT  "H2'"  H N N 225 
DT  "H2''" H N N 226 
DT  "H1'"  H N N 227 
DT  H3     H N N 228 
DT  H71    H N N 229 
DT  H72    H N N 230 
DT  H73    H N N 231 
DT  H6     H N N 232 
GLN N      N N N 233 
GLN CA     C N S 234 
GLN C      C N N 235 
GLN O      O N N 236 
GLN CB     C N N 237 
GLN CG     C N N 238 
GLN CD     C N N 239 
GLN OE1    O N N 240 
GLN NE2    N N N 241 
GLN OXT    O N N 242 
GLN H      H N N 243 
GLN H2     H N N 244 
GLN HA     H N N 245 
GLN HB2    H N N 246 
GLN HB3    H N N 247 
GLN HG2    H N N 248 
GLN HG3    H N N 249 
GLN HE21   H N N 250 
GLN HE22   H N N 251 
GLN HXT    H N N 252 
GLU N      N N N 253 
GLU CA     C N S 254 
GLU C      C N N 255 
GLU O      O N N 256 
GLU CB     C N N 257 
GLU CG     C N N 258 
GLU CD     C N N 259 
GLU OE1    O N N 260 
GLU OE2    O N N 261 
GLU OXT    O N N 262 
GLU H      H N N 263 
GLU H2     H N N 264 
GLU HA     H N N 265 
GLU HB2    H N N 266 
GLU HB3    H N N 267 
GLU HG2    H N N 268 
GLU HG3    H N N 269 
GLU HE2    H N N 270 
GLU HXT    H N N 271 
GLY N      N N N 272 
GLY CA     C N N 273 
GLY C      C N N 274 
GLY O      O N N 275 
GLY OXT    O N N 276 
GLY H      H N N 277 
GLY H2     H N N 278 
GLY HA2    H N N 279 
GLY HA3    H N N 280 
GLY HXT    H N N 281 
HOH O      O N N 282 
HOH H1     H N N 283 
HOH H2     H N N 284 
ILE N      N N N 285 
ILE CA     C N S 286 
ILE C      C N N 287 
ILE O      O N N 288 
ILE CB     C N S 289 
ILE CG1    C N N 290 
ILE CG2    C N N 291 
ILE CD1    C N N 292 
ILE OXT    O N N 293 
ILE H      H N N 294 
ILE H2     H N N 295 
ILE HA     H N N 296 
ILE HB     H N N 297 
ILE HG12   H N N 298 
ILE HG13   H N N 299 
ILE HG21   H N N 300 
ILE HG22   H N N 301 
ILE HG23   H N N 302 
ILE HD11   H N N 303 
ILE HD12   H N N 304 
ILE HD13   H N N 305 
ILE HXT    H N N 306 
LEU N      N N N 307 
LEU CA     C N S 308 
LEU C      C N N 309 
LEU O      O N N 310 
LEU CB     C N N 311 
LEU CG     C N N 312 
LEU CD1    C N N 313 
LEU CD2    C N N 314 
LEU OXT    O N N 315 
LEU H      H N N 316 
LEU H2     H N N 317 
LEU HA     H N N 318 
LEU HB2    H N N 319 
LEU HB3    H N N 320 
LEU HG     H N N 321 
LEU HD11   H N N 322 
LEU HD12   H N N 323 
LEU HD13   H N N 324 
LEU HD21   H N N 325 
LEU HD22   H N N 326 
LEU HD23   H N N 327 
LEU HXT    H N N 328 
LYS N      N N N 329 
LYS CA     C N S 330 
LYS C      C N N 331 
LYS O      O N N 332 
LYS CB     C N N 333 
LYS CG     C N N 334 
LYS CD     C N N 335 
LYS CE     C N N 336 
LYS NZ     N N N 337 
LYS OXT    O N N 338 
LYS H      H N N 339 
LYS H2     H N N 340 
LYS HA     H N N 341 
LYS HB2    H N N 342 
LYS HB3    H N N 343 
LYS HG2    H N N 344 
LYS HG3    H N N 345 
LYS HD2    H N N 346 
LYS HD3    H N N 347 
LYS HE2    H N N 348 
LYS HE3    H N N 349 
LYS HZ1    H N N 350 
LYS HZ2    H N N 351 
LYS HZ3    H N N 352 
LYS HXT    H N N 353 
MET N      N N N 354 
MET CA     C N S 355 
MET C      C N N 356 
MET O      O N N 357 
MET CB     C N N 358 
MET CG     C N N 359 
MET SD     S N N 360 
MET CE     C N N 361 
MET OXT    O N N 362 
MET H      H N N 363 
MET H2     H N N 364 
MET HA     H N N 365 
MET HB2    H N N 366 
MET HB3    H N N 367 
MET HG2    H N N 368 
MET HG3    H N N 369 
MET HE1    H N N 370 
MET HE2    H N N 371 
MET HE3    H N N 372 
MET HXT    H N N 373 
PHE N      N N N 374 
PHE CA     C N S 375 
PHE C      C N N 376 
PHE O      O N N 377 
PHE CB     C N N 378 
PHE CG     C Y N 379 
PHE CD1    C Y N 380 
PHE CD2    C Y N 381 
PHE CE1    C Y N 382 
PHE CE2    C Y N 383 
PHE CZ     C Y N 384 
PHE OXT    O N N 385 
PHE H      H N N 386 
PHE H2     H N N 387 
PHE HA     H N N 388 
PHE HB2    H N N 389 
PHE HB3    H N N 390 
PHE HD1    H N N 391 
PHE HD2    H N N 392 
PHE HE1    H N N 393 
PHE HE2    H N N 394 
PHE HZ     H N N 395 
PHE HXT    H N N 396 
PRO N      N N N 397 
PRO CA     C N S 398 
PRO C      C N N 399 
PRO O      O N N 400 
PRO CB     C N N 401 
PRO CG     C N N 402 
PRO CD     C N N 403 
PRO OXT    O N N 404 
PRO H      H N N 405 
PRO HA     H N N 406 
PRO HB2    H N N 407 
PRO HB3    H N N 408 
PRO HG2    H N N 409 
PRO HG3    H N N 410 
PRO HD2    H N N 411 
PRO HD3    H N N 412 
PRO HXT    H N N 413 
SER N      N N N 414 
SER CA     C N S 415 
SER C      C N N 416 
SER O      O N N 417 
SER CB     C N N 418 
SER OG     O N N 419 
SER OXT    O N N 420 
SER H      H N N 421 
SER H2     H N N 422 
SER HA     H N N 423 
SER HB2    H N N 424 
SER HB3    H N N 425 
SER HG     H N N 426 
SER HXT    H N N 427 
THR N      N N N 428 
THR CA     C N S 429 
THR C      C N N 430 
THR O      O N N 431 
THR CB     C N R 432 
THR OG1    O N N 433 
THR CG2    C N N 434 
THR OXT    O N N 435 
THR H      H N N 436 
THR H2     H N N 437 
THR HA     H N N 438 
THR HB     H N N 439 
THR HG1    H N N 440 
THR HG21   H N N 441 
THR HG22   H N N 442 
THR HG23   H N N 443 
THR HXT    H N N 444 
TRP N      N N N 445 
TRP CA     C N S 446 
TRP C      C N N 447 
TRP O      O N N 448 
TRP CB     C N N 449 
TRP CG     C Y N 450 
TRP CD1    C Y N 451 
TRP CD2    C Y N 452 
TRP NE1    N Y N 453 
TRP CE2    C Y N 454 
TRP CE3    C Y N 455 
TRP CZ2    C Y N 456 
TRP CZ3    C Y N 457 
TRP CH2    C Y N 458 
TRP OXT    O N N 459 
TRP H      H N N 460 
TRP H2     H N N 461 
TRP HA     H N N 462 
TRP HB2    H N N 463 
TRP HB3    H N N 464 
TRP HD1    H N N 465 
TRP HE1    H N N 466 
TRP HE3    H N N 467 
TRP HZ2    H N N 468 
TRP HZ3    H N N 469 
TRP HH2    H N N 470 
TRP HXT    H N N 471 
TYR N      N N N 472 
TYR CA     C N S 473 
TYR C      C N N 474 
TYR O      O N N 475 
TYR CB     C N N 476 
TYR CG     C Y N 477 
TYR CD1    C Y N 478 
TYR CD2    C Y N 479 
TYR CE1    C Y N 480 
TYR CE2    C Y N 481 
TYR CZ     C Y N 482 
TYR OH     O N N 483 
TYR OXT    O N N 484 
TYR H      H N N 485 
TYR H2     H N N 486 
TYR HA     H N N 487 
TYR HB2    H N N 488 
TYR HB3    H N N 489 
TYR HD1    H N N 490 
TYR HD2    H N N 491 
TYR HE1    H N N 492 
TYR HE2    H N N 493 
TYR HH     H N N 494 
TYR HXT    H N N 495 
VAL N      N N N 496 
VAL CA     C N S 497 
VAL C      C N N 498 
VAL O      O N N 499 
VAL CB     C N N 500 
VAL CG1    C N N 501 
VAL CG2    C N N 502 
VAL OXT    O N N 503 
VAL H      H N N 504 
VAL H2     H N N 505 
VAL HA     H N N 506 
VAL HB     H N N 507 
VAL HG11   H N N 508 
VAL HG12   H N N 509 
VAL HG13   H N N 510 
VAL HG21   H N N 511 
VAL HG22   H N N 512 
VAL HG23   H N N 513 
VAL HXT    H N N 514 
# 
loop_
_chem_comp_bond.comp_id 
_chem_comp_bond.atom_id_1 
_chem_comp_bond.atom_id_2 
_chem_comp_bond.value_order 
_chem_comp_bond.pdbx_aromatic_flag 
_chem_comp_bond.pdbx_stereo_config 
_chem_comp_bond.pdbx_ordinal 
5IU N1    C2     sing N N 1   
5IU N1    C6     sing N N 2   
5IU N1    "C1'"  sing N N 3   
5IU C2    N3     sing N N 4   
5IU C2    O2     doub N N 5   
5IU N3    C4     sing N N 6   
5IU N3    HN3    sing N N 7   
5IU C4    C5     sing N N 8   
5IU C4    O4     doub N N 9   
5IU C5    C6     doub N N 10  
5IU C5    I5     sing N N 11  
5IU C6    H6     sing N N 12  
5IU "C1'" "C2'"  sing N N 13  
5IU "C1'" "O4'"  sing N N 14  
5IU "C1'" "H1'"  sing N N 15  
5IU "C2'" "C3'"  sing N N 16  
5IU "C2'" "H2'"  sing N N 17  
5IU "C2'" "H2''" sing N N 18  
5IU "C3'" "C4'"  sing N N 19  
5IU "C3'" "O3'"  sing N N 20  
5IU "C3'" "H3'"  sing N N 21  
5IU "C4'" "O4'"  sing N N 22  
5IU "C4'" "C5'"  sing N N 23  
5IU "C4'" "H4'"  sing N N 24  
5IU "O3'" "HO3'" sing N N 25  
5IU "C5'" "O5'"  sing N N 26  
5IU "C5'" "H5'"  sing N N 27  
5IU "C5'" "H5''" sing N N 28  
5IU "O5'" P      sing N N 29  
5IU P     OP1    doub N N 30  
5IU P     OP2    sing N N 31  
5IU P     OP3    sing N N 32  
5IU OP2   HOP2   sing N N 33  
5IU OP3   HOP3   sing N N 34  
ALA N     CA     sing N N 35  
ALA N     H      sing N N 36  
ALA N     H2     sing N N 37  
ALA CA    C      sing N N 38  
ALA CA    CB     sing N N 39  
ALA CA    HA     sing N N 40  
ALA C     O      doub N N 41  
ALA C     OXT    sing N N 42  
ALA CB    HB1    sing N N 43  
ALA CB    HB2    sing N N 44  
ALA CB    HB3    sing N N 45  
ALA OXT   HXT    sing N N 46  
ARG N     CA     sing N N 47  
ARG N     H      sing N N 48  
ARG N     H2     sing N N 49  
ARG CA    C      sing N N 50  
ARG CA    CB     sing N N 51  
ARG CA    HA     sing N N 52  
ARG C     O      doub N N 53  
ARG C     OXT    sing N N 54  
ARG CB    CG     sing N N 55  
ARG CB    HB2    sing N N 56  
ARG CB    HB3    sing N N 57  
ARG CG    CD     sing N N 58  
ARG CG    HG2    sing N N 59  
ARG CG    HG3    sing N N 60  
ARG CD    NE     sing N N 61  
ARG CD    HD2    sing N N 62  
ARG CD    HD3    sing N N 63  
ARG NE    CZ     sing N N 64  
ARG NE    HE     sing N N 65  
ARG CZ    NH1    sing N N 66  
ARG CZ    NH2    doub N N 67  
ARG NH1   HH11   sing N N 68  
ARG NH1   HH12   sing N N 69  
ARG NH2   HH21   sing N N 70  
ARG NH2   HH22   sing N N 71  
ARG OXT   HXT    sing N N 72  
ASP N     CA     sing N N 73  
ASP N     H      sing N N 74  
ASP N     H2     sing N N 75  
ASP CA    C      sing N N 76  
ASP CA    CB     sing N N 77  
ASP CA    HA     sing N N 78  
ASP C     O      doub N N 79  
ASP C     OXT    sing N N 80  
ASP CB    CG     sing N N 81  
ASP CB    HB2    sing N N 82  
ASP CB    HB3    sing N N 83  
ASP CG    OD1    doub N N 84  
ASP CG    OD2    sing N N 85  
ASP OD2   HD2    sing N N 86  
ASP OXT   HXT    sing N N 87  
DA  OP3   P      sing N N 88  
DA  OP3   HOP3   sing N N 89  
DA  P     OP1    doub N N 90  
DA  P     OP2    sing N N 91  
DA  P     "O5'"  sing N N 92  
DA  OP2   HOP2   sing N N 93  
DA  "O5'" "C5'"  sing N N 94  
DA  "C5'" "C4'"  sing N N 95  
DA  "C5'" "H5'"  sing N N 96  
DA  "C5'" "H5''" sing N N 97  
DA  "C4'" "O4'"  sing N N 98  
DA  "C4'" "C3'"  sing N N 99  
DA  "C4'" "H4'"  sing N N 100 
DA  "O4'" "C1'"  sing N N 101 
DA  "C3'" "O3'"  sing N N 102 
DA  "C3'" "C2'"  sing N N 103 
DA  "C3'" "H3'"  sing N N 104 
DA  "O3'" "HO3'" sing N N 105 
DA  "C2'" "C1'"  sing N N 106 
DA  "C2'" "H2'"  sing N N 107 
DA  "C2'" "H2''" sing N N 108 
DA  "C1'" N9     sing N N 109 
DA  "C1'" "H1'"  sing N N 110 
DA  N9    C8     sing Y N 111 
DA  N9    C4     sing Y N 112 
DA  C8    N7     doub Y N 113 
DA  C8    H8     sing N N 114 
DA  N7    C5     sing Y N 115 
DA  C5    C6     sing Y N 116 
DA  C5    C4     doub Y N 117 
DA  C6    N6     sing N N 118 
DA  C6    N1     doub Y N 119 
DA  N6    H61    sing N N 120 
DA  N6    H62    sing N N 121 
DA  N1    C2     sing Y N 122 
DA  C2    N3     doub Y N 123 
DA  C2    H2     sing N N 124 
DA  N3    C4     sing Y N 125 
DC  OP3   P      sing N N 126 
DC  OP3   HOP3   sing N N 127 
DC  P     OP1    doub N N 128 
DC  P     OP2    sing N N 129 
DC  P     "O5'"  sing N N 130 
DC  OP2   HOP2   sing N N 131 
DC  "O5'" "C5'"  sing N N 132 
DC  "C5'" "C4'"  sing N N 133 
DC  "C5'" "H5'"  sing N N 134 
DC  "C5'" "H5''" sing N N 135 
DC  "C4'" "O4'"  sing N N 136 
DC  "C4'" "C3'"  sing N N 137 
DC  "C4'" "H4'"  sing N N 138 
DC  "O4'" "C1'"  sing N N 139 
DC  "C3'" "O3'"  sing N N 140 
DC  "C3'" "C2'"  sing N N 141 
DC  "C3'" "H3'"  sing N N 142 
DC  "O3'" "HO3'" sing N N 143 
DC  "C2'" "C1'"  sing N N 144 
DC  "C2'" "H2'"  sing N N 145 
DC  "C2'" "H2''" sing N N 146 
DC  "C1'" N1     sing N N 147 
DC  "C1'" "H1'"  sing N N 148 
DC  N1    C2     sing N N 149 
DC  N1    C6     sing N N 150 
DC  C2    O2     doub N N 151 
DC  C2    N3     sing N N 152 
DC  N3    C4     doub N N 153 
DC  C4    N4     sing N N 154 
DC  C4    C5     sing N N 155 
DC  N4    H41    sing N N 156 
DC  N4    H42    sing N N 157 
DC  C5    C6     doub N N 158 
DC  C5    H5     sing N N 159 
DC  C6    H6     sing N N 160 
DG  OP3   P      sing N N 161 
DG  OP3   HOP3   sing N N 162 
DG  P     OP1    doub N N 163 
DG  P     OP2    sing N N 164 
DG  P     "O5'"  sing N N 165 
DG  OP2   HOP2   sing N N 166 
DG  "O5'" "C5'"  sing N N 167 
DG  "C5'" "C4'"  sing N N 168 
DG  "C5'" "H5'"  sing N N 169 
DG  "C5'" "H5''" sing N N 170 
DG  "C4'" "O4'"  sing N N 171 
DG  "C4'" "C3'"  sing N N 172 
DG  "C4'" "H4'"  sing N N 173 
DG  "O4'" "C1'"  sing N N 174 
DG  "C3'" "O3'"  sing N N 175 
DG  "C3'" "C2'"  sing N N 176 
DG  "C3'" "H3'"  sing N N 177 
DG  "O3'" "HO3'" sing N N 178 
DG  "C2'" "C1'"  sing N N 179 
DG  "C2'" "H2'"  sing N N 180 
DG  "C2'" "H2''" sing N N 181 
DG  "C1'" N9     sing N N 182 
DG  "C1'" "H1'"  sing N N 183 
DG  N9    C8     sing Y N 184 
DG  N9    C4     sing Y N 185 
DG  C8    N7     doub Y N 186 
DG  C8    H8     sing N N 187 
DG  N7    C5     sing Y N 188 
DG  C5    C6     sing N N 189 
DG  C5    C4     doub Y N 190 
DG  C6    O6     doub N N 191 
DG  C6    N1     sing N N 192 
DG  N1    C2     sing N N 193 
DG  N1    H1     sing N N 194 
DG  C2    N2     sing N N 195 
DG  C2    N3     doub N N 196 
DG  N2    H21    sing N N 197 
DG  N2    H22    sing N N 198 
DG  N3    C4     sing N N 199 
DT  OP3   P      sing N N 200 
DT  OP3   HOP3   sing N N 201 
DT  P     OP1    doub N N 202 
DT  P     OP2    sing N N 203 
DT  P     "O5'"  sing N N 204 
DT  OP2   HOP2   sing N N 205 
DT  "O5'" "C5'"  sing N N 206 
DT  "C5'" "C4'"  sing N N 207 
DT  "C5'" "H5'"  sing N N 208 
DT  "C5'" "H5''" sing N N 209 
DT  "C4'" "O4'"  sing N N 210 
DT  "C4'" "C3'"  sing N N 211 
DT  "C4'" "H4'"  sing N N 212 
DT  "O4'" "C1'"  sing N N 213 
DT  "C3'" "O3'"  sing N N 214 
DT  "C3'" "C2'"  sing N N 215 
DT  "C3'" "H3'"  sing N N 216 
DT  "O3'" "HO3'" sing N N 217 
DT  "C2'" "C1'"  sing N N 218 
DT  "C2'" "H2'"  sing N N 219 
DT  "C2'" "H2''" sing N N 220 
DT  "C1'" N1     sing N N 221 
DT  "C1'" "H1'"  sing N N 222 
DT  N1    C2     sing N N 223 
DT  N1    C6     sing N N 224 
DT  C2    O2     doub N N 225 
DT  C2    N3     sing N N 226 
DT  N3    C4     sing N N 227 
DT  N3    H3     sing N N 228 
DT  C4    O4     doub N N 229 
DT  C4    C5     sing N N 230 
DT  C5    C7     sing N N 231 
DT  C5    C6     doub N N 232 
DT  C7    H71    sing N N 233 
DT  C7    H72    sing N N 234 
DT  C7    H73    sing N N 235 
DT  C6    H6     sing N N 236 
GLN N     CA     sing N N 237 
GLN N     H      sing N N 238 
GLN N     H2     sing N N 239 
GLN CA    C      sing N N 240 
GLN CA    CB     sing N N 241 
GLN CA    HA     sing N N 242 
GLN C     O      doub N N 243 
GLN C     OXT    sing N N 244 
GLN CB    CG     sing N N 245 
GLN CB    HB2    sing N N 246 
GLN CB    HB3    sing N N 247 
GLN CG    CD     sing N N 248 
GLN CG    HG2    sing N N 249 
GLN CG    HG3    sing N N 250 
GLN CD    OE1    doub N N 251 
GLN CD    NE2    sing N N 252 
GLN NE2   HE21   sing N N 253 
GLN NE2   HE22   sing N N 254 
GLN OXT   HXT    sing N N 255 
GLU N     CA     sing N N 256 
GLU N     H      sing N N 257 
GLU N     H2     sing N N 258 
GLU CA    C      sing N N 259 
GLU CA    CB     sing N N 260 
GLU CA    HA     sing N N 261 
GLU C     O      doub N N 262 
GLU C     OXT    sing N N 263 
GLU CB    CG     sing N N 264 
GLU CB    HB2    sing N N 265 
GLU CB    HB3    sing N N 266 
GLU CG    CD     sing N N 267 
GLU CG    HG2    sing N N 268 
GLU CG    HG3    sing N N 269 
GLU CD    OE1    doub N N 270 
GLU CD    OE2    sing N N 271 
GLU OE2   HE2    sing N N 272 
GLU OXT   HXT    sing N N 273 
GLY N     CA     sing N N 274 
GLY N     H      sing N N 275 
GLY N     H2     sing N N 276 
GLY CA    C      sing N N 277 
GLY CA    HA2    sing N N 278 
GLY CA    HA3    sing N N 279 
GLY C     O      doub N N 280 
GLY C     OXT    sing N N 281 
GLY OXT   HXT    sing N N 282 
HOH O     H1     sing N N 283 
HOH O     H2     sing N N 284 
ILE N     CA     sing N N 285 
ILE N     H      sing N N 286 
ILE N     H2     sing N N 287 
ILE CA    C      sing N N 288 
ILE CA    CB     sing N N 289 
ILE CA    HA     sing N N 290 
ILE C     O      doub N N 291 
ILE C     OXT    sing N N 292 
ILE CB    CG1    sing N N 293 
ILE CB    CG2    sing N N 294 
ILE CB    HB     sing N N 295 
ILE CG1   CD1    sing N N 296 
ILE CG1   HG12   sing N N 297 
ILE CG1   HG13   sing N N 298 
ILE CG2   HG21   sing N N 299 
ILE CG2   HG22   sing N N 300 
ILE CG2   HG23   sing N N 301 
ILE CD1   HD11   sing N N 302 
ILE CD1   HD12   sing N N 303 
ILE CD1   HD13   sing N N 304 
ILE OXT   HXT    sing N N 305 
LEU N     CA     sing N N 306 
LEU N     H      sing N N 307 
LEU N     H2     sing N N 308 
LEU CA    C      sing N N 309 
LEU CA    CB     sing N N 310 
LEU CA    HA     sing N N 311 
LEU C     O      doub N N 312 
LEU C     OXT    sing N N 313 
LEU CB    CG     sing N N 314 
LEU CB    HB2    sing N N 315 
LEU CB    HB3    sing N N 316 
LEU CG    CD1    sing N N 317 
LEU CG    CD2    sing N N 318 
LEU CG    HG     sing N N 319 
LEU CD1   HD11   sing N N 320 
LEU CD1   HD12   sing N N 321 
LEU CD1   HD13   sing N N 322 
LEU CD2   HD21   sing N N 323 
LEU CD2   HD22   sing N N 324 
LEU CD2   HD23   sing N N 325 
LEU OXT   HXT    sing N N 326 
LYS N     CA     sing N N 327 
LYS N     H      sing N N 328 
LYS N     H2     sing N N 329 
LYS CA    C      sing N N 330 
LYS CA    CB     sing N N 331 
LYS CA    HA     sing N N 332 
LYS C     O      doub N N 333 
LYS C     OXT    sing N N 334 
LYS CB    CG     sing N N 335 
LYS CB    HB2    sing N N 336 
LYS CB    HB3    sing N N 337 
LYS CG    CD     sing N N 338 
LYS CG    HG2    sing N N 339 
LYS CG    HG3    sing N N 340 
LYS CD    CE     sing N N 341 
LYS CD    HD2    sing N N 342 
LYS CD    HD3    sing N N 343 
LYS CE    NZ     sing N N 344 
LYS CE    HE2    sing N N 345 
LYS CE    HE3    sing N N 346 
LYS NZ    HZ1    sing N N 347 
LYS NZ    HZ2    sing N N 348 
LYS NZ    HZ3    sing N N 349 
LYS OXT   HXT    sing N N 350 
MET N     CA     sing N N 351 
MET N     H      sing N N 352 
MET N     H2     sing N N 353 
MET CA    C      sing N N 354 
MET CA    CB     sing N N 355 
MET CA    HA     sing N N 356 
MET C     O      doub N N 357 
MET C     OXT    sing N N 358 
MET CB    CG     sing N N 359 
MET CB    HB2    sing N N 360 
MET CB    HB3    sing N N 361 
MET CG    SD     sing N N 362 
MET CG    HG2    sing N N 363 
MET CG    HG3    sing N N 364 
MET SD    CE     sing N N 365 
MET CE    HE1    sing N N 366 
MET CE    HE2    sing N N 367 
MET CE    HE3    sing N N 368 
MET OXT   HXT    sing N N 369 
PHE N     CA     sing N N 370 
PHE N     H      sing N N 371 
PHE N     H2     sing N N 372 
PHE CA    C      sing N N 373 
PHE CA    CB     sing N N 374 
PHE CA    HA     sing N N 375 
PHE C     O      doub N N 376 
PHE C     OXT    sing N N 377 
PHE CB    CG     sing N N 378 
PHE CB    HB2    sing N N 379 
PHE CB    HB3    sing N N 380 
PHE CG    CD1    doub Y N 381 
PHE CG    CD2    sing Y N 382 
PHE CD1   CE1    sing Y N 383 
PHE CD1   HD1    sing N N 384 
PHE CD2   CE2    doub Y N 385 
PHE CD2   HD2    sing N N 386 
PHE CE1   CZ     doub Y N 387 
PHE CE1   HE1    sing N N 388 
PHE CE2   CZ     sing Y N 389 
PHE CE2   HE2    sing N N 390 
PHE CZ    HZ     sing N N 391 
PHE OXT   HXT    sing N N 392 
PRO N     CA     sing N N 393 
PRO N     CD     sing N N 394 
PRO N     H      sing N N 395 
PRO CA    C      sing N N 396 
PRO CA    CB     sing N N 397 
PRO CA    HA     sing N N 398 
PRO C     O      doub N N 399 
PRO C     OXT    sing N N 400 
PRO CB    CG     sing N N 401 
PRO CB    HB2    sing N N 402 
PRO CB    HB3    sing N N 403 
PRO CG    CD     sing N N 404 
PRO CG    HG2    sing N N 405 
PRO CG    HG3    sing N N 406 
PRO CD    HD2    sing N N 407 
PRO CD    HD3    sing N N 408 
PRO OXT   HXT    sing N N 409 
SER N     CA     sing N N 410 
SER N     H      sing N N 411 
SER N     H2     sing N N 412 
SER CA    C      sing N N 413 
SER CA    CB     sing N N 414 
SER CA    HA     sing N N 415 
SER C     O      doub N N 416 
SER C     OXT    sing N N 417 
SER CB    OG     sing N N 418 
SER CB    HB2    sing N N 419 
SER CB    HB3    sing N N 420 
SER OG    HG     sing N N 421 
SER OXT   HXT    sing N N 422 
THR N     CA     sing N N 423 
THR N     H      sing N N 424 
THR N     H2     sing N N 425 
THR CA    C      sing N N 426 
THR CA    CB     sing N N 427 
THR CA    HA     sing N N 428 
THR C     O      doub N N 429 
THR C     OXT    sing N N 430 
THR CB    OG1    sing N N 431 
THR CB    CG2    sing N N 432 
THR CB    HB     sing N N 433 
THR OG1   HG1    sing N N 434 
THR CG2   HG21   sing N N 435 
THR CG2   HG22   sing N N 436 
THR CG2   HG23   sing N N 437 
THR OXT   HXT    sing N N 438 
TRP N     CA     sing N N 439 
TRP N     H      sing N N 440 
TRP N     H2     sing N N 441 
TRP CA    C      sing N N 442 
TRP CA    CB     sing N N 443 
TRP CA    HA     sing N N 444 
TRP C     O      doub N N 445 
TRP C     OXT    sing N N 446 
TRP CB    CG     sing N N 447 
TRP CB    HB2    sing N N 448 
TRP CB    HB3    sing N N 449 
TRP CG    CD1    doub Y N 450 
TRP CG    CD2    sing Y N 451 
TRP CD1   NE1    sing Y N 452 
TRP CD1   HD1    sing N N 453 
TRP CD2   CE2    doub Y N 454 
TRP CD2   CE3    sing Y N 455 
TRP NE1   CE2    sing Y N 456 
TRP NE1   HE1    sing N N 457 
TRP CE2   CZ2    sing Y N 458 
TRP CE3   CZ3    doub Y N 459 
TRP CE3   HE3    sing N N 460 
TRP CZ2   CH2    doub Y N 461 
TRP CZ2   HZ2    sing N N 462 
TRP CZ3   CH2    sing Y N 463 
TRP CZ3   HZ3    sing N N 464 
TRP CH2   HH2    sing N N 465 
TRP OXT   HXT    sing N N 466 
TYR N     CA     sing N N 467 
TYR N     H      sing N N 468 
TYR N     H2     sing N N 469 
TYR CA    C      sing N N 470 
TYR CA    CB     sing N N 471 
TYR CA    HA     sing N N 472 
TYR C     O      doub N N 473 
TYR C     OXT    sing N N 474 
TYR CB    CG     sing N N 475 
TYR CB    HB2    sing N N 476 
TYR CB    HB3    sing N N 477 
TYR CG    CD1    doub Y N 478 
TYR CG    CD2    sing Y N 479 
TYR CD1   CE1    sing Y N 480 
TYR CD1   HD1    sing N N 481 
TYR CD2   CE2    doub Y N 482 
TYR CD2   HD2    sing N N 483 
TYR CE1   CZ     doub Y N 484 
TYR CE1   HE1    sing N N 485 
TYR CE2   CZ     sing Y N 486 
TYR CE2   HE2    sing N N 487 
TYR CZ    OH     sing N N 488 
TYR OH    HH     sing N N 489 
TYR OXT   HXT    sing N N 490 
VAL N     CA     sing N N 491 
VAL N     H      sing N N 492 
VAL N     H2     sing N N 493 
VAL CA    C      sing N N 494 
VAL CA    CB     sing N N 495 
VAL CA    HA     sing N N 496 
VAL C     O      doub N N 497 
VAL C     OXT    sing N N 498 
VAL CB    CG1    sing N N 499 
VAL CB    CG2    sing N N 500 
VAL CB    HB     sing N N 501 
VAL CG1   HG11   sing N N 502 
VAL CG1   HG12   sing N N 503 
VAL CG1   HG13   sing N N 504 
VAL CG2   HG21   sing N N 505 
VAL CG2   HG22   sing N N 506 
VAL CG2   HG23   sing N N 507 
VAL OXT   HXT    sing N N 508 
# 
_ndb_struct_conf_na.entry_id   1BF4 
_ndb_struct_conf_na.feature    'b-form double helix' 
# 
loop_
_ndb_struct_na_base_pair.model_number 
_ndb_struct_na_base_pair.i_label_asym_id 
_ndb_struct_na_base_pair.i_label_comp_id 
_ndb_struct_na_base_pair.i_label_seq_id 
_ndb_struct_na_base_pair.i_symmetry 
_ndb_struct_na_base_pair.j_label_asym_id 
_ndb_struct_na_base_pair.j_label_comp_id 
_ndb_struct_na_base_pair.j_label_seq_id 
_ndb_struct_na_base_pair.j_symmetry 
_ndb_struct_na_base_pair.shear 
_ndb_struct_na_base_pair.stretch 
_ndb_struct_na_base_pair.stagger 
_ndb_struct_na_base_pair.buckle 
_ndb_struct_na_base_pair.propeller 
_ndb_struct_na_base_pair.opening 
_ndb_struct_na_base_pair.pair_number 
_ndb_struct_na_base_pair.pair_name 
_ndb_struct_na_base_pair.i_auth_asym_id 
_ndb_struct_na_base_pair.i_auth_seq_id 
_ndb_struct_na_base_pair.i_PDB_ins_code 
_ndb_struct_na_base_pair.j_auth_asym_id 
_ndb_struct_na_base_pair.j_auth_seq_id 
_ndb_struct_na_base_pair.j_PDB_ins_code 
_ndb_struct_na_base_pair.hbond_type_28 
_ndb_struct_na_base_pair.hbond_type_12 
1 A DG  1 1_555 B DC 8 1_555 -0.697 0.060  -0.003 6.719   1.226   6.030  1 B_DG101:DC116_C  B 101 ? C 116 ? 19 1 
1 A DC  2 1_555 B DG 7 1_555 0.329  -0.130 -0.088 15.094  -9.825  0.824  2 B_DC102:DG115_C  B 102 ? C 115 ? 19 1 
1 A DG  3 1_555 B DC 6 1_555 -0.305 -0.039 -0.174 -23.637 -1.978  -0.125 3 B_DG103:DC114_C  B 103 ? C 114 ? 19 1 
1 A DT  4 1_555 B DA 5 1_555 -0.028 -0.074 0.201  -3.639  -5.081  3.531  4 B_DT104:DA113_C  B 104 ? C 113 ? 20 1 
1 A 5IU 5 1_555 B DA 4 1_555 -0.472 -0.355 -0.143 1.141   -15.417 -0.757 5 B_5IU105:DA112_C B 105 ? C 112 ? 20 1 
1 A DC  6 1_555 B DG 3 1_555 0.368  -0.183 -0.101 6.149   -13.441 -0.202 6 B_DC106:DG111_C  B 106 ? C 111 ? 19 1 
1 A DG  7 1_555 B DC 2 1_555 -0.337 -0.237 -0.078 -0.519  -2.836  -0.741 7 B_DG107:DC110_C  B 107 ? C 110 ? 19 1 
1 A DC  8 1_555 B DG 1 1_555 0.256  -0.183 -0.284 6.822   -4.205  0.160  8 B_DC108:DG109_C  B 108 ? C 109 ? 19 1 
# 
loop_
_ndb_struct_na_base_pair_step.model_number 
_ndb_struct_na_base_pair_step.i_label_asym_id_1 
_ndb_struct_na_base_pair_step.i_label_comp_id_1 
_ndb_struct_na_base_pair_step.i_label_seq_id_1 
_ndb_struct_na_base_pair_step.i_symmetry_1 
_ndb_struct_na_base_pair_step.j_label_asym_id_1 
_ndb_struct_na_base_pair_step.j_label_comp_id_1 
_ndb_struct_na_base_pair_step.j_label_seq_id_1 
_ndb_struct_na_base_pair_step.j_symmetry_1 
_ndb_struct_na_base_pair_step.i_label_asym_id_2 
_ndb_struct_na_base_pair_step.i_label_comp_id_2 
_ndb_struct_na_base_pair_step.i_label_seq_id_2 
_ndb_struct_na_base_pair_step.i_symmetry_2 
_ndb_struct_na_base_pair_step.j_label_asym_id_2 
_ndb_struct_na_base_pair_step.j_label_comp_id_2 
_ndb_struct_na_base_pair_step.j_label_seq_id_2 
_ndb_struct_na_base_pair_step.j_symmetry_2 
_ndb_struct_na_base_pair_step.shift 
_ndb_struct_na_base_pair_step.slide 
_ndb_struct_na_base_pair_step.rise 
_ndb_struct_na_base_pair_step.tilt 
_ndb_struct_na_base_pair_step.roll 
_ndb_struct_na_base_pair_step.twist 
_ndb_struct_na_base_pair_step.x_displacement 
_ndb_struct_na_base_pair_step.y_displacement 
_ndb_struct_na_base_pair_step.helical_rise 
_ndb_struct_na_base_pair_step.inclination 
_ndb_struct_na_base_pair_step.tip 
_ndb_struct_na_base_pair_step.helical_twist 
_ndb_struct_na_base_pair_step.step_number 
_ndb_struct_na_base_pair_step.step_name 
_ndb_struct_na_base_pair_step.i_auth_asym_id_1 
_ndb_struct_na_base_pair_step.i_auth_seq_id_1 
_ndb_struct_na_base_pair_step.i_PDB_ins_code_1 
_ndb_struct_na_base_pair_step.j_auth_asym_id_1 
_ndb_struct_na_base_pair_step.j_auth_seq_id_1 
_ndb_struct_na_base_pair_step.j_PDB_ins_code_1 
_ndb_struct_na_base_pair_step.i_auth_asym_id_2 
_ndb_struct_na_base_pair_step.i_auth_seq_id_2 
_ndb_struct_na_base_pair_step.i_PDB_ins_code_2 
_ndb_struct_na_base_pair_step.j_auth_asym_id_2 
_ndb_struct_na_base_pair_step.j_auth_seq_id_2 
_ndb_struct_na_base_pair_step.j_PDB_ins_code_2 
1 A DG  1 1_555 B DC 8 1_555 A DC  2 1_555 B DG 7 1_555 -0.946 -0.424 3.070 -1.006 -0.584 31.165 -0.683 1.578  3.105 -1.086 1.872  
31.186 1 BB_DG101DC102:DG115DC116_CC  B 101 ? C 116 ? B 102 ? C 115 ? 
1 A DC  2 1_555 B DG 7 1_555 A DG  3 1_555 B DC 6 1_555 0.179  1.233  5.442 -1.053 56.091 22.421 -4.528 -0.287 3.246 69.942 1.313  
60.076 2 BB_DC102DG103:DC114DG115_CC  B 102 ? C 115 ? B 103 ? C 114 ? 
1 A DG  3 1_555 B DC 6 1_555 A DT  4 1_555 B DA 5 1_555 0.146  0.009  2.961 -5.497 9.666  21.471 -2.763 -1.933 2.607 23.984 13.639 
24.150 3 BB_DG103DT104:DA113DC114_CC  B 103 ? C 114 ? B 104 ? C 113 ? 
1 A DT  4 1_555 B DA 5 1_555 A 5IU 5 1_555 B DA 4 1_555 -0.346 -0.592 3.124 3.018  -0.290 27.277 -1.181 1.435  3.075 -0.612 -6.374 
27.442 4 BB_DT1045IU105:DA112DA113_CC B 104 ? C 113 ? B 105 ? C 112 ? 
1 A 5IU 5 1_555 B DA 4 1_555 A DC  6 1_555 B DG 3 1_555 -0.042 0.250  3.263 2.416  6.919  36.029 -0.552 0.398  3.245 11.046 -3.857 
36.742 5 BB_5IU105DC106:DG111DA112_CC B 105 ? C 112 ? B 106 ? C 111 ? 
1 A DC  6 1_555 B DG 3 1_555 A DG  7 1_555 B DC 2 1_555 1.190  0.775  3.453 2.317  4.206  33.520 0.597  -1.639 3.592 7.247  -3.992 
33.853 6 BB_DC106DG107:DC110DG111_CC  B 106 ? C 111 ? B 107 ? C 110 ? 
1 A DG  7 1_555 B DC 2 1_555 A DC  8 1_555 B DG 1 1_555 0.644  -0.270 3.101 2.897  -0.121 29.760 -0.500 -0.673 3.149 -0.235 -5.625 
29.897 7 BB_DG107DC108:DG109DC110_CC  B 107 ? C 110 ? B 108 ? C 109 ? 
# 
_pdbx_initial_refinement_model.accession_code   ? 
_pdbx_initial_refinement_model.id               1 
_pdbx_initial_refinement_model.entity_id_list   ? 
_pdbx_initial_refinement_model.type             'experimental model' 
_pdbx_initial_refinement_model.source_name      Other 
_pdbx_initial_refinement_model.details          SSO7D-GTAATTAC 
# 
_atom_sites.entry_id                    1BF4 
_atom_sites.fract_transf_matrix[1][1]   -0.01954345 
_atom_sites.fract_transf_matrix[1][2]   -0.00335856 
_atom_sites.fract_transf_matrix[1][3]   -0.00787391 
_atom_sites.fract_transf_matrix[2][1]   -0.00806781 
_atom_sites.fract_transf_matrix[2][2]   0.00631437 
_atom_sites.fract_transf_matrix[2][3]   0.01733138 
_atom_sites.fract_transf_matrix[3][1]   -0.00052493 
_atom_sites.fract_transf_matrix[3][2]   0.02487093 
_atom_sites.fract_transf_matrix[3][3]   -0.00930562 
_atom_sites.fract_transf_vector[1]      0.094615 
_atom_sites.fract_transf_vector[2]      0.368403 
_atom_sites.fract_transf_vector[3]      0.274170 
# 
loop_
_atom_type.symbol 
C 
I 
N 
O 
P 
S 
# 
loop_
_atom_site.group_PDB 
_atom_site.id 
_atom_site.type_symbol 
_atom_site.label_atom_id 
_atom_site.label_alt_id 
_atom_site.label_comp_id 
_atom_site.label_asym_id 
_atom_site.label_entity_id 
_atom_site.label_seq_id 
_atom_site.pdbx_PDB_ins_code 
_atom_site.Cartn_x 
_atom_site.Cartn_y 
_atom_site.Cartn_z 
_atom_site.occupancy 
_atom_site.B_iso_or_equiv 
_atom_site.pdbx_formal_charge 
_atom_site.auth_seq_id 
_atom_site.auth_comp_id 
_atom_site.auth_asym_id 
_atom_site.auth_atom_id 
_atom_site.pdbx_PDB_model_num 
ATOM   1   O "O5'" . DG  A 1 1  ? 4.902   23.762  4.273   1.00 34.96 ? 101 DG  B "O5'" 1 
ATOM   2   C "C5'" . DG  A 1 1  ? 5.982   23.025  3.678   1.00 31.59 ? 101 DG  B "C5'" 1 
ATOM   3   C "C4'" . DG  A 1 1  ? 6.389   21.855  4.545   1.00 29.02 ? 101 DG  B "C4'" 1 
ATOM   4   O "O4'" . DG  A 1 1  ? 5.216   21.141  5.001   1.00 28.16 ? 101 DG  B "O4'" 1 
ATOM   5   C "C3'" . DG  A 1 1  ? 7.241   20.831  3.817   1.00 28.41 ? 101 DG  B "C3'" 1 
ATOM   6   O "O3'" . DG  A 1 1  ? 8.139   20.267  4.790   1.00 30.46 ? 101 DG  B "O3'" 1 
ATOM   7   C "C2'" . DG  A 1 1  ? 6.216   19.823  3.325   1.00 28.15 ? 101 DG  B "C2'" 1 
ATOM   8   C "C1'" . DG  A 1 1  ? 5.123   19.865  4.385   1.00 24.20 ? 101 DG  B "C1'" 1 
ATOM   9   N N9    . DG  A 1 1  ? 3.755   19.709  3.891   1.00 20.48 ? 101 DG  B N9    1 
ATOM   10  C C8    . DG  A 1 1  ? 3.226   20.237  2.748   1.00 20.52 ? 101 DG  B C8    1 
ATOM   11  N N7    . DG  A 1 1  ? 1.961   19.966  2.593   1.00 19.83 ? 101 DG  B N7    1 
ATOM   12  C C5    . DG  A 1 1  ? 1.637   19.205  3.707   1.00 19.45 ? 101 DG  B C5    1 
ATOM   13  C C6    . DG  A 1 1  ? 0.389   18.637  4.110   1.00 16.74 ? 101 DG  B C6    1 
ATOM   14  O O6    . DG  A 1 1  ? -0.716  18.721  3.542   1.00 18.99 ? 101 DG  B O6    1 
ATOM   15  N N1    . DG  A 1 1  ? 0.508   17.925  5.305   1.00 13.13 ? 101 DG  B N1    1 
ATOM   16  C C2    . DG  A 1 1  ? 1.669   17.786  6.006   1.00 12.50 ? 101 DG  B C2    1 
ATOM   17  N N2    . DG  A 1 1  ? 1.620   17.055  7.099   1.00 15.70 ? 101 DG  B N2    1 
ATOM   18  N N3    . DG  A 1 1  ? 2.821   18.324  5.651   1.00 18.22 ? 101 DG  B N3    1 
ATOM   19  C C4    . DG  A 1 1  ? 2.732   19.019  4.504   1.00 17.22 ? 101 DG  B C4    1 
ATOM   20  P P     . DC  A 1 2  ? 9.340   19.290  4.326   1.00 28.44 ? 102 DC  B P     1 
ATOM   21  O OP1   . DC  A 1 2  ? 10.481  19.631  5.181   1.00 28.63 ? 102 DC  B OP1   1 
ATOM   22  O OP2   . DC  A 1 2  ? 9.507   19.308  2.837   1.00 30.47 ? 102 DC  B OP2   1 
ATOM   23  O "O5'" . DC  A 1 2  ? 8.802   17.861  4.765   1.00 27.27 ? 102 DC  B "O5'" 1 
ATOM   24  C "C5'" . DC  A 1 2  ? 8.699   17.510  6.151   1.00 22.77 ? 102 DC  B "C5'" 1 
ATOM   25  C "C4'" . DC  A 1 2  ? 7.890   16.243  6.307   1.00 18.09 ? 102 DC  B "C4'" 1 
ATOM   26  O "O4'" . DC  A 1 2  ? 6.521   16.531  6.008   1.00 19.68 ? 102 DC  B "O4'" 1 
ATOM   27  C "C3'" . DC  A 1 2  ? 8.266   15.085  5.389   1.00 22.16 ? 102 DC  B "C3'" 1 
ATOM   28  O "O3'" . DC  A 1 2  ? 9.250   14.243  6.021   1.00 24.61 ? 102 DC  B "O3'" 1 
ATOM   29  C "C2'" . DC  A 1 2  ? 6.954   14.333  5.228   1.00 20.54 ? 102 DC  B "C2'" 1 
ATOM   30  C "C1'" . DC  A 1 2  ? 5.870   15.303  5.699   1.00 19.15 ? 102 DC  B "C1'" 1 
ATOM   31  N N1    . DC  A 1 2  ? 4.811   15.576  4.715   1.00 17.44 ? 102 DC  B N1    1 
ATOM   32  C C2    . DC  A 1 2  ? 3.503   15.148  5.007   1.00 15.07 ? 102 DC  B C2    1 
ATOM   33  O O2    . DC  A 1 2  ? 3.277   14.571  6.089   1.00 18.38 ? 102 DC  B O2    1 
ATOM   34  N N3    . DC  A 1 2  ? 2.523   15.379  4.121   1.00 14.70 ? 102 DC  B N3    1 
ATOM   35  C C4    . DC  A 1 2  ? 2.788   16.025  2.982   1.00 10.42 ? 102 DC  B C4    1 
ATOM   36  N N4    . DC  A 1 2  ? 1.765   16.238  2.148   1.00 13.82 ? 102 DC  B N4    1 
ATOM   37  C C5    . DC  A 1 2  ? 4.101   16.476  2.653   1.00 11.97 ? 102 DC  B C5    1 
ATOM   38  C C6    . DC  A 1 2  ? 5.079   16.229  3.535   1.00 11.34 ? 102 DC  B C6    1 
ATOM   39  P P     . DG  A 1 3  ? 10.393  13.518  5.124   1.00 24.25 ? 103 DG  B P     1 
ATOM   40  O OP1   . DG  A 1 3  ? 11.243  12.755  6.078   1.00 22.67 ? 103 DG  B OP1   1 
ATOM   41  O OP2   . DG  A 1 3  ? 10.997  14.507  4.218   1.00 22.79 ? 103 DG  B OP2   1 
ATOM   42  O "O5'" . DG  A 1 3  ? 9.567   12.486  4.235   1.00 22.01 ? 103 DG  B "O5'" 1 
ATOM   43  C "C5'" . DG  A 1 3  ? 9.120   11.246  4.794   1.00 19.07 ? 103 DG  B "C5'" 1 
ATOM   44  C "C4'" . DG  A 1 3  ? 8.946   10.220  3.700   1.00 16.87 ? 103 DG  B "C4'" 1 
ATOM   45  O "O4'" . DG  A 1 3  ? 7.732   10.501  2.984   1.00 15.43 ? 103 DG  B "O4'" 1 
ATOM   46  C "C3'" . DG  A 1 3  ? 10.064  10.214  2.660   1.00 17.32 ? 103 DG  B "C3'" 1 
ATOM   47  O "O3'" . DG  A 1 3  ? 10.235  8.842   2.307   1.00 19.39 ? 103 DG  B "O3'" 1 
ATOM   48  C "C2'" . DG  A 1 3  ? 9.480   11.026  1.516   1.00 14.74 ? 103 DG  B "C2'" 1 
ATOM   49  C "C1'" . DG  A 1 3  ? 7.991   10.761  1.620   1.00 11.91 ? 103 DG  B "C1'" 1 
ATOM   50  N N9    . DG  A 1 3  ? 7.137   11.868  1.214   1.00 8.62  ? 103 DG  B N9    1 
ATOM   51  C C8    . DG  A 1 3  ? 7.423   13.202  1.320   1.00 8.78  ? 103 DG  B C8    1 
ATOM   52  N N7    . DG  A 1 3  ? 6.432   13.965  0.950   1.00 9.52  ? 103 DG  B N7    1 
ATOM   53  C C5    . DG  A 1 3  ? 5.439   13.078  0.563   1.00 8.32  ? 103 DG  B C5    1 
ATOM   54  C C6    . DG  A 1 3  ? 4.119   13.315  0.094   1.00 10.27 ? 103 DG  B C6    1 
ATOM   55  O O6    . DG  A 1 3  ? 3.550   14.382  -0.084  1.00 12.00 ? 103 DG  B O6    1 
ATOM   56  N N1    . DG  A 1 3  ? 3.440   12.132  -0.169  1.00 10.00 ? 103 DG  B N1    1 
ATOM   57  C C2    . DG  A 1 3  ? 3.965   10.874  -0.006  1.00 8.39  ? 103 DG  B C2    1 
ATOM   58  N N2    . DG  A 1 3  ? 3.159   9.865   -0.322  1.00 10.30 ? 103 DG  B N2    1 
ATOM   59  N N3    . DG  A 1 3  ? 5.184   10.635  0.444   1.00 10.71 ? 103 DG  B N3    1 
ATOM   60  C C4    . DG  A 1 3  ? 5.862   11.779  0.704   1.00 8.80  ? 103 DG  B C4    1 
ATOM   61  P P     . DT  A 1 4  ? 11.441  8.390   1.350   1.00 17.03 ? 104 DT  B P     1 
ATOM   62  O OP1   . DT  A 1 4  ? 11.731  7.015   1.805   1.00 17.35 ? 104 DT  B OP1   1 
ATOM   63  O OP2   . DT  A 1 4  ? 12.520  9.437   1.386   1.00 20.51 ? 104 DT  B OP2   1 
ATOM   64  O "O5'" . DT  A 1 4  ? 10.753  8.348   -0.077  1.00 14.10 ? 104 DT  B "O5'" 1 
ATOM   65  C "C5'" . DT  A 1 4  ? 9.706   7.427   -0.327  1.00 14.10 ? 104 DT  B "C5'" 1 
ATOM   66  C "C4'" . DT  A 1 4  ? 8.941   7.809   -1.568  1.00 16.36 ? 104 DT  B "C4'" 1 
ATOM   67  O "O4'" . DT  A 1 4  ? 8.109   8.969   -1.441  1.00 14.15 ? 104 DT  B "O4'" 1 
ATOM   68  C "C3'" . DT  A 1 4  ? 9.755   8.049   -2.833  1.00 16.41 ? 104 DT  B "C3'" 1 
ATOM   69  O "O3'" . DT  A 1 4  ? 10.009  6.711   -3.351  1.00 17.69 ? 104 DT  B "O3'" 1 
ATOM   70  C "C2'" . DT  A 1 4  ? 8.822   8.931   -3.670  1.00 14.90 ? 104 DT  B "C2'" 1 
ATOM   71  C "C1'" . DT  A 1 4  ? 7.653   9.280   -2.737  1.00 14.12 ? 104 DT  B "C1'" 1 
ATOM   72  N N1    . DT  A 1 4  ? 7.187   10.683  -2.715  1.00 13.50 ? 104 DT  B N1    1 
ATOM   73  C C2    . DT  A 1 4  ? 5.887   10.966  -3.062  1.00 9.89  ? 104 DT  B C2    1 
ATOM   74  O O2    . DT  A 1 4  ? 5.077   10.130  -3.411  1.00 12.83 ? 104 DT  B O2    1 
ATOM   75  N N3    . DT  A 1 4  ? 5.554   12.290  -2.984  1.00 11.03 ? 104 DT  B N3    1 
ATOM   76  C C4    . DT  A 1 4  ? 6.363   13.344  -2.622  1.00 10.09 ? 104 DT  B C4    1 
ATOM   77  O O4    . DT  A 1 4  ? 5.892   14.485  -2.614  1.00 11.76 ? 104 DT  B O4    1 
ATOM   78  C C5    . DT  A 1 4  ? 7.728   12.979  -2.285  1.00 10.21 ? 104 DT  B C5    1 
ATOM   79  C C7    . DT  A 1 4  ? 8.716   14.038  -1.919  1.00 12.64 ? 104 DT  B C7    1 
ATOM   80  C C6    . DT  A 1 4  ? 8.056   11.679  -2.332  1.00 12.42 ? 104 DT  B C6    1 
HETATM 81  N N1    . 5IU A 1 5  ? 5.698   9.880   -6.630  1.00 16.08 ? 105 5IU B N1    1 
HETATM 82  C C2    . 5IU A 1 5  ? 4.549   10.683  -6.689  1.00 14.28 ? 105 5IU B C2    1 
HETATM 83  N N3    . 5IU A 1 5  ? 4.777   12.025  -6.528  1.00 15.30 ? 105 5IU B N3    1 
HETATM 84  C C4    . 5IU A 1 5  ? 5.985   12.610  -6.320  1.00 18.53 ? 105 5IU B C4    1 
HETATM 85  C C5    . 5IU A 1 5  ? 7.056   11.699  -6.294  1.00 19.64 ? 105 5IU B C5    1 
HETATM 86  C C6    . 5IU A 1 5  ? 6.890   10.421  -6.452  1.00 13.28 ? 105 5IU B C6    1 
HETATM 87  O O2    . 5IU A 1 5  ? 3.435   10.262  -6.875  1.00 19.62 ? 105 5IU B O2    1 
HETATM 88  O O4    . 5IU A 1 5  ? 6.075   13.841  -6.095  1.00 19.54 ? 105 5IU B O4    1 
HETATM 89  I I5    . 5IU A 1 5  ? 9.292   12.504  -5.850  1.00 27.95 ? 105 5IU B I5    1 
HETATM 90  C "C1'" . 5IU A 1 5  ? 5.601   8.420   -6.741  1.00 16.79 ? 105 5IU B "C1'" 1 
HETATM 91  C "C2'" . 5IU A 1 5  ? 6.074   7.842   -8.071  1.00 16.12 ? 105 5IU B "C2'" 1 
HETATM 92  C "C3'" . 5IU A 1 5  ? 6.982   6.664   -7.721  1.00 17.68 ? 105 5IU B "C3'" 1 
HETATM 93  C "C4'" . 5IU A 1 5  ? 6.839   6.550   -6.210  1.00 15.45 ? 105 5IU B "C4'" 1 
HETATM 94  O "O3'" . 5IU A 1 5  ? 6.467   5.476   -8.317  1.00 17.93 ? 105 5IU B "O3'" 1 
HETATM 95  O "O4'" . 5IU A 1 5  ? 6.483   7.871   -5.774  1.00 15.40 ? 105 5IU B "O4'" 1 
HETATM 96  C "C5'" . 5IU A 1 5  ? 7.990   5.960   -5.427  1.00 15.30 ? 105 5IU B "C5'" 1 
HETATM 97  O "O5'" . 5IU A 1 5  ? 9.207   6.617   -5.760  1.00 14.25 ? 105 5IU B "O5'" 1 
HETATM 98  P P     . 5IU A 1 5  ? 10.514  6.470   -4.863  1.00 16.26 ? 105 5IU B P     1 
HETATM 99  O OP1   . 5IU A 1 5  ? 10.977  5.074   -4.879  1.00 15.27 ? 105 5IU B OP1   1 
HETATM 100 O OP2   . 5IU A 1 5  ? 11.426  7.563   -5.264  1.00 16.63 ? 105 5IU B OP2   1 
ATOM   101 P P     . DC  A 1 6  ? 6.660   5.232   -9.890  1.00 19.73 ? 106 DC  B P     1 
ATOM   102 O OP1   . DC  A 1 6  ? 6.430   3.796   -10.124 1.00 21.35 ? 106 DC  B OP1   1 
ATOM   103 O OP2   . DC  A 1 6  ? 7.963   5.853   -10.281 1.00 18.64 ? 106 DC  B OP2   1 
ATOM   104 O "O5'" . DC  A 1 6  ? 5.449   6.009   -10.568 1.00 19.01 ? 106 DC  B "O5'" 1 
ATOM   105 C "C5'" . DC  A 1 6  ? 4.092   5.658   -10.266 1.00 15.66 ? 106 DC  B "C5'" 1 
ATOM   106 C "C4'" . DC  A 1 6  ? 3.165   6.715   -10.811 1.00 17.81 ? 106 DC  B "C4'" 1 
ATOM   107 O "O4'" . DC  A 1 6  ? 3.527   8.022   -10.310 1.00 17.89 ? 106 DC  B "O4'" 1 
ATOM   108 C "C3'" . DC  A 1 6  ? 3.120   6.839   -12.338 1.00 19.43 ? 106 DC  B "C3'" 1 
ATOM   109 O "O3'" . DC  A 1 6  ? 1.733   6.687   -12.727 1.00 21.54 ? 106 DC  B "O3'" 1 
ATOM   110 C "C2'" . DC  A 1 6  ? 3.688   8.232   -12.630 1.00 18.47 ? 106 DC  B "C2'" 1 
ATOM   111 C "C1'" . DC  A 1 6  ? 3.458   8.995   -11.340 1.00 16.22 ? 106 DC  B "C1'" 1 
ATOM   112 N N1    . DC  A 1 6  ? 4.404   10.061  -10.985 1.00 14.81 ? 106 DC  B N1    1 
ATOM   113 C C2    . DC  A 1 6  ? 3.894   11.344  -10.687 1.00 10.55 ? 106 DC  B C2    1 
ATOM   114 O O2    . DC  A 1 6  ? 2.676   11.561  -10.892 1.00 11.63 ? 106 DC  B O2    1 
ATOM   115 N N3    . DC  A 1 6  ? 4.735   12.307  -10.204 1.00 11.49 ? 106 DC  B N3    1 
ATOM   116 C C4    . DC  A 1 6  ? 6.038   12.033  -10.046 1.00 10.32 ? 106 DC  B C4    1 
ATOM   117 N N4    . DC  A 1 6  ? 6.841   12.992  -9.560  1.00 10.63 ? 106 DC  B N4    1 
ATOM   118 C C5    . DC  A 1 6  ? 6.587   10.752  -10.396 1.00 10.28 ? 106 DC  B C5    1 
ATOM   119 C C6    . DC  A 1 6  ? 5.742   9.813   -10.870 1.00 10.34 ? 106 DC  B C6    1 
ATOM   120 P P     . DG  A 1 7  ? 1.358   6.267   -14.242 1.00 23.43 ? 107 DG  B P     1 
ATOM   121 O OP1   . DG  A 1 7  ? -0.023  5.732   -14.232 1.00 21.76 ? 107 DG  B OP1   1 
ATOM   122 O OP2   . DG  A 1 7  ? 2.485   5.431   -14.809 1.00 20.42 ? 107 DG  B OP2   1 
ATOM   123 O "O5'" . DG  A 1 7  ? 1.333   7.660   -14.989 1.00 23.29 ? 107 DG  B "O5'" 1 
ATOM   124 C "C5'" . DG  A 1 7  ? 0.391   8.665   -14.592 1.00 23.29 ? 107 DG  B "C5'" 1 
ATOM   125 C "C4'" . DG  A 1 7  ? 0.750   9.970   -15.250 1.00 23.53 ? 107 DG  B "C4'" 1 
ATOM   126 O "O4'" . DG  A 1 7  ? 1.819   10.570  -14.497 1.00 22.78 ? 107 DG  B "O4'" 1 
ATOM   127 C "C3'" . DG  A 1 7  ? 1.281   9.808   -16.683 1.00 26.18 ? 107 DG  B "C3'" 1 
ATOM   128 O "O3'" . DG  A 1 7  ? 0.617   10.738  -17.551 1.00 31.40 ? 107 DG  B "O3'" 1 
ATOM   129 C "C2'" . DG  A 1 7  ? 2.745   10.192  -16.579 1.00 24.58 ? 107 DG  B "C2'" 1 
ATOM   130 C "C1'" . DG  A 1 7  ? 2.709   11.159  -15.415 1.00 21.14 ? 107 DG  B "C1'" 1 
ATOM   131 N N9    . DG  A 1 7  ? 3.985   11.357  -14.747 1.00 15.52 ? 107 DG  B N9    1 
ATOM   132 C C8    . DG  A 1 7  ? 5.022   10.457  -14.646 1.00 16.04 ? 107 DG  B C8    1 
ATOM   133 N N7    . DG  A 1 7  ? 6.075   10.960  -14.064 1.00 16.57 ? 107 DG  B N7    1 
ATOM   134 C C5    . DG  A 1 7  ? 5.698   12.264  -13.730 1.00 15.79 ? 107 DG  B C5    1 
ATOM   135 C C6    . DG  A 1 7  ? 6.433   13.308  -13.093 1.00 11.53 ? 107 DG  B C6    1 
ATOM   136 O O6    . DG  A 1 7  ? 7.595   13.297  -12.671 1.00 15.01 ? 107 DG  B O6    1 
ATOM   137 N N1    . DG  A 1 7  ? 5.681   14.466  -12.983 1.00 13.01 ? 107 DG  B N1    1 
ATOM   138 C C2    . DG  A 1 7  ? 4.396   14.612  -13.424 1.00 11.96 ? 107 DG  B C2    1 
ATOM   139 N N2    . DG  A 1 7  ? 3.857   15.840  -13.261 1.00 15.41 ? 107 DG  B N2    1 
ATOM   140 N N3    . DG  A 1 7  ? 3.685   13.647  -13.996 1.00 14.29 ? 107 DG  B N3    1 
ATOM   141 C C4    . DG  A 1 7  ? 4.403   12.510  -14.130 1.00 15.63 ? 107 DG  B C4    1 
ATOM   142 P P     . DC  A 1 8  ? 0.614   10.482  -19.136 1.00 33.07 ? 108 DC  B P     1 
ATOM   143 O OP1   . DC  A 1 8  ? -0.556  11.205  -19.695 1.00 35.20 ? 108 DC  B OP1   1 
ATOM   144 O OP2   . DC  A 1 8  ? 0.748   9.019   -19.348 1.00 34.86 ? 108 DC  B OP2   1 
ATOM   145 O "O5'" . DC  A 1 8  ? 1.974   11.138  -19.640 1.00 32.16 ? 108 DC  B "O5'" 1 
ATOM   146 C "C5'" . DC  A 1 8  ? 1.986   12.427  -20.248 1.00 30.74 ? 108 DC  B "C5'" 1 
ATOM   147 C "C4'" . DC  A 1 8  ? 1.693   13.489  -19.217 1.00 31.33 ? 108 DC  B "C4'" 1 
ATOM   148 O "O4'" . DC  A 1 8  ? 2.518   13.330  -18.035 1.00 30.86 ? 108 DC  B "O4'" 1 
ATOM   149 C "C3'" . DC  A 1 8  ? 1.983   14.882  -19.759 1.00 32.08 ? 108 DC  B "C3'" 1 
ATOM   150 O "O3'" . DC  A 1 8  ? 0.924   15.735  -19.345 1.00 37.95 ? 108 DC  B "O3'" 1 
ATOM   151 C "C2'" . DC  A 1 8  ? 3.322   15.243  -19.143 1.00 30.73 ? 108 DC  B "C2'" 1 
ATOM   152 C "C1'" . DC  A 1 8  ? 3.336   14.476  -17.831 1.00 26.64 ? 108 DC  B "C1'" 1 
ATOM   153 N N1    . DC  A 1 8  ? 4.675   14.014  -17.431 1.00 20.83 ? 108 DC  B N1    1 
ATOM   154 C C2    . DC  A 1 8  ? 5.484   14.846  -16.630 1.00 16.94 ? 108 DC  B C2    1 
ATOM   155 O O2    . DC  A 1 8  ? 5.049   15.961  -16.264 1.00 20.54 ? 108 DC  B O2    1 
ATOM   156 N N3    . DC  A 1 8  ? 6.706   14.412  -16.261 1.00 15.44 ? 108 DC  B N3    1 
ATOM   157 C C4    . DC  A 1 8  ? 7.125   13.206  -16.627 1.00 10.12 ? 108 DC  B C4    1 
ATOM   158 N N4    . DC  A 1 8  ? 8.313   12.817  -16.185 1.00 11.65 ? 108 DC  B N4    1 
ATOM   159 C C5    . DC  A 1 8  ? 6.340   12.348  -17.443 1.00 14.26 ? 108 DC  B C5    1 
ATOM   160 C C6    . DC  A 1 8  ? 5.136   12.789  -17.824 1.00 16.60 ? 108 DC  B C6    1 
ATOM   161 O "O5'" . DG  B 2 1  ? 14.190  20.244  -12.439 1.00 27.86 ? 109 DG  C "O5'" 1 
ATOM   162 C "C5'" . DG  B 2 1  ? 13.850  21.445  -13.177 1.00 25.47 ? 109 DG  C "C5'" 1 
ATOM   163 C "C4'" . DG  B 2 1  ? 12.418  21.915  -13.024 1.00 26.10 ? 109 DG  C "C4'" 1 
ATOM   164 O "O4'" . DG  B 2 1  ? 11.487  21.071  -13.737 1.00 25.34 ? 109 DG  C "O4'" 1 
ATOM   165 C "C3'" . DG  B 2 1  ? 11.881  22.014  -11.600 1.00 26.45 ? 109 DG  C "C3'" 1 
ATOM   166 O "O3'" . DG  B 2 1  ? 10.985  23.121  -11.575 1.00 26.42 ? 109 DG  C "O3'" 1 
ATOM   167 C "C2'" . DG  B 2 1  ? 11.129  20.707  -11.419 1.00 25.18 ? 109 DG  C "C2'" 1 
ATOM   168 C "C1'" . DG  B 2 1  ? 10.660  20.348  -12.824 1.00 25.61 ? 109 DG  C "C1'" 1 
ATOM   169 N N9    . DG  B 2 1  ? 10.759  18.932  -13.167 1.00 18.84 ? 109 DG  C N9    1 
ATOM   170 C C8    . DG  B 2 1  ? 11.846  18.109  -12.988 1.00 17.48 ? 109 DG  C C8    1 
ATOM   171 N N7    . DG  B 2 1  ? 11.660  16.908  -13.452 1.00 16.58 ? 109 DG  C N7    1 
ATOM   172 C C5    . DG  B 2 1  ? 10.367  16.929  -13.953 1.00 15.47 ? 109 DG  C C5    1 
ATOM   173 C C6    . DG  B 2 1  ? 9.597   15.901  -14.604 1.00 12.87 ? 109 DG  C C6    1 
ATOM   174 O O6    . DG  B 2 1  ? 9.906   14.719  -14.847 1.00 16.25 ? 109 DG  C O6    1 
ATOM   175 N N1    . DG  B 2 1  ? 8.353   16.365  -14.991 1.00 13.30 ? 109 DG  C N1    1 
ATOM   176 C C2    . DG  B 2 1  ? 7.894   17.641  -14.784 1.00 13.14 ? 109 DG  C C2    1 
ATOM   177 N N2    . DG  B 2 1  ? 6.674   17.903  -15.275 1.00 13.87 ? 109 DG  C N2    1 
ATOM   178 N N3    . DG  B 2 1  ? 8.578   18.591  -14.157 1.00 12.47 ? 109 DG  C N3    1 
ATOM   179 C C4    . DG  B 2 1  ? 9.796   18.170  -13.780 1.00 15.31 ? 109 DG  C C4    1 
ATOM   180 P P     . DC  B 2 2  ? 10.121  23.431  -10.263 1.00 27.02 ? 110 DC  C P     1 
ATOM   181 O OP1   . DC  B 2 2  ? 9.869   24.897  -10.300 1.00 29.71 ? 110 DC  C OP1   1 
ATOM   182 O OP2   . DC  B 2 2  ? 10.768  22.822  -9.062  1.00 29.28 ? 110 DC  C OP2   1 
ATOM   183 O "O5'" . DC  B 2 2  ? 8.760   22.658  -10.539 1.00 26.15 ? 110 DC  C "O5'" 1 
ATOM   184 C "C5'" . DC  B 2 2  ? 7.827   23.163  -11.468 1.00 24.78 ? 110 DC  C "C5'" 1 
ATOM   185 C "C4'" . DC  B 2 2  ? 6.561   22.349  -11.398 1.00 27.49 ? 110 DC  C "C4'" 1 
ATOM   186 O "O4'" . DC  B 2 2  ? 6.823   21.002  -11.858 1.00 26.38 ? 110 DC  C "O4'" 1 
ATOM   187 C "C3'" . DC  B 2 2  ? 5.996   22.202  -9.980  1.00 28.69 ? 110 DC  C "C3'" 1 
ATOM   188 O "O3'" . DC  B 2 2  ? 4.578   22.203  -10.106 1.00 30.47 ? 110 DC  C "O3'" 1 
ATOM   189 C "C2'" . DC  B 2 2  ? 6.418   20.803  -9.576  1.00 27.88 ? 110 DC  C "C2'" 1 
ATOM   190 C "C1'" . DC  B 2 2  ? 6.293   20.088  -10.907 1.00 27.46 ? 110 DC  C "C1'" 1 
ATOM   191 N N1    . DC  B 2 2  ? 7.039   18.818  -11.014 1.00 19.99 ? 110 DC  C N1    1 
ATOM   192 C C2    . DC  B 2 2  ? 6.443   17.711  -11.657 1.00 13.70 ? 110 DC  C C2    1 
ATOM   193 O O2    . DC  B 2 2  ? 5.292   17.823  -12.120 1.00 18.93 ? 110 DC  C O2    1 
ATOM   194 N N3    . DC  B 2 2  ? 7.125   16.560  -11.753 1.00 11.52 ? 110 DC  C N3    1 
ATOM   195 C C4    . DC  B 2 2  ? 8.358   16.475  -11.246 1.00 14.88 ? 110 DC  C C4    1 
ATOM   196 N N4    . DC  B 2 2  ? 9.021   15.316  -11.377 1.00 14.20 ? 110 DC  C N4    1 
ATOM   197 C C5    . DC  B 2 2  ? 8.988   17.578  -10.582 1.00 18.02 ? 110 DC  C C5    1 
ATOM   198 C C6    . DC  B 2 2  ? 8.299   18.717  -10.492 1.00 19.70 ? 110 DC  C C6    1 
ATOM   199 P P     . DG  B 2 3  ? 3.683   23.179  -9.206  1.00 29.57 ? 111 DG  C P     1 
ATOM   200 O OP1   . DG  B 2 3  ? 3.772   24.567  -9.730  1.00 31.26 ? 111 DG  C OP1   1 
ATOM   201 O OP2   . DG  B 2 3  ? 4.050   22.894  -7.791  1.00 28.44 ? 111 DG  C OP2   1 
ATOM   202 O "O5'" . DG  B 2 3  ? 2.226   22.640  -9.563  1.00 28.31 ? 111 DG  C "O5'" 1 
ATOM   203 C "C5'" . DG  B 2 3  ? 1.890   22.388  -10.954 1.00 25.46 ? 111 DG  C "C5'" 1 
ATOM   204 C "C4'" . DG  B 2 3  ? 0.764   21.387  -11.059 1.00 24.16 ? 111 DG  C "C4'" 1 
ATOM   205 O "O4'" . DG  B 2 3  ? 1.285   20.037  -11.147 1.00 23.29 ? 111 DG  C "O4'" 1 
ATOM   206 C "C3'" . DG  B 2 3  ? -0.149  21.406  -9.846  1.00 23.10 ? 111 DG  C "C3'" 1 
ATOM   207 O "O3'" . DG  B 2 3  ? -1.487  21.129  -10.282 1.00 23.85 ? 111 DG  C "O3'" 1 
ATOM   208 C "C2'" . DG  B 2 3  ? 0.413   20.302  -8.971  1.00 22.66 ? 111 DG  C "C2'" 1 
ATOM   209 C "C1'" . DG  B 2 3  ? 0.972   19.295  -9.965  1.00 22.30 ? 111 DG  C "C1'" 1 
ATOM   210 N N9    . DG  B 2 3  ? 2.191   18.603  -9.534  1.00 16.10 ? 111 DG  C N9    1 
ATOM   211 C C8    . DG  B 2 3  ? 3.268   19.138  -8.872  1.00 14.91 ? 111 DG  C C8    1 
ATOM   212 N N7    . DG  B 2 3  ? 4.226   18.274  -8.665  1.00 16.58 ? 111 DG  C N7    1 
ATOM   213 C C5    . DG  B 2 3  ? 3.753   17.091  -9.223  1.00 17.74 ? 111 DG  C C5    1 
ATOM   214 C C6    . DG  B 2 3  ? 4.357   15.799  -9.309  1.00 15.04 ? 111 DG  C C6    1 
ATOM   215 O O6    . DG  B 2 3  ? 5.477   15.433  -8.904  1.00 15.66 ? 111 DG  C O6    1 
ATOM   216 N N1    . DG  B 2 3  ? 3.521   14.884  -9.943  1.00 12.71 ? 111 DG  C N1    1 
ATOM   217 C C2    . DG  B 2 3  ? 2.265   15.170  -10.436 1.00 14.07 ? 111 DG  C C2    1 
ATOM   218 N N2    . DG  B 2 3  ? 1.582   14.149  -11.002 1.00 14.71 ? 111 DG  C N2    1 
ATOM   219 N N3    . DG  B 2 3  ? 1.701   16.366  -10.375 1.00 16.02 ? 111 DG  C N3    1 
ATOM   220 C C4    . DG  B 2 3  ? 2.494   17.271  -9.754  1.00 16.07 ? 111 DG  C C4    1 
ATOM   221 P P     . DA  B 2 4  ? -2.678  21.029  -9.202  1.00 22.25 ? 112 DA  C P     1 
ATOM   222 O OP1   . DA  B 2 4  ? -3.938  21.400  -9.884  1.00 24.06 ? 112 DA  C OP1   1 
ATOM   223 O OP2   . DA  B 2 4  ? -2.295  21.716  -7.957  1.00 24.51 ? 112 DA  C OP2   1 
ATOM   224 O "O5'" . DA  B 2 4  ? -2.729  19.472  -8.873  1.00 25.11 ? 112 DA  C "O5'" 1 
ATOM   225 C "C5'" . DA  B 2 4  ? -2.746  18.496  -9.945  1.00 21.75 ? 112 DA  C "C5'" 1 
ATOM   226 C "C4'" . DA  B 2 4  ? -2.875  17.102  -9.376  1.00 20.51 ? 112 DA  C "C4'" 1 
ATOM   227 O "O4'" . DA  B 2 4  ? -1.549  16.645  -9.043  1.00 19.83 ? 112 DA  C "O4'" 1 
ATOM   228 C "C3'" . DA  B 2 4  ? -3.717  16.985  -8.083  1.00 19.79 ? 112 DA  C "C3'" 1 
ATOM   229 O "O3'" . DA  B 2 4  ? -4.635  15.881  -8.270  1.00 23.42 ? 112 DA  C "O3'" 1 
ATOM   230 C "C2'" . DA  B 2 4  ? -2.691  16.699  -7.002  1.00 19.89 ? 112 DA  C "C2'" 1 
ATOM   231 C "C1'" . DA  B 2 4  ? -1.557  16.041  -7.769  1.00 18.52 ? 112 DA  C "C1'" 1 
ATOM   232 N N9    . DA  B 2 4  ? -0.236  16.220  -7.195  1.00 15.05 ? 112 DA  C N9    1 
ATOM   233 C C8    . DA  B 2 4  ? 0.286   17.367  -6.657  1.00 12.11 ? 112 DA  C C8    1 
ATOM   234 N N7    . DA  B 2 4  ? 1.521   17.245  -6.262  1.00 13.84 ? 112 DA  C N7    1 
ATOM   235 C C5    . DA  B 2 4  ? 1.829   15.923  -6.556  1.00 12.99 ? 112 DA  C C5    1 
ATOM   236 C C6    . DA  B 2 4  ? 3.006   15.194  -6.416  1.00 13.73 ? 112 DA  C C6    1 
ATOM   237 N N6    . DA  B 2 4  ? 4.133   15.719  -5.926  1.00 17.90 ? 112 DA  C N6    1 
ATOM   238 N N1    . DA  B 2 4  ? 3.003   13.894  -6.814  1.00 12.07 ? 112 DA  C N1    1 
ATOM   239 C C2    . DA  B 2 4  ? 1.884   13.401  -7.323  1.00 10.22 ? 112 DA  C C2    1 
ATOM   240 N N3    . DA  B 2 4  ? 0.701   14.002  -7.518  1.00 15.10 ? 112 DA  C N3    1 
ATOM   241 C C4    . DA  B 2 4  ? 0.752   15.280  -7.110  1.00 13.63 ? 112 DA  C C4    1 
ATOM   242 P P     . DA  B 2 5  ? -5.801  15.581  -7.201  1.00 27.06 ? 113 DA  C P     1 
ATOM   243 O OP1   . DA  B 2 5  ? -6.958  15.066  -7.941  1.00 24.34 ? 113 DA  C OP1   1 
ATOM   244 O OP2   . DA  B 2 5  ? -5.948  16.738  -6.256  1.00 27.24 ? 113 DA  C OP2   1 
ATOM   245 O "O5'" . DA  B 2 5  ? -5.251  14.361  -6.341  1.00 22.20 ? 113 DA  C "O5'" 1 
ATOM   246 C "C5'" . DA  B 2 5  ? -4.895  13.152  -6.982  1.00 19.39 ? 113 DA  C "C5'" 1 
ATOM   247 C "C4'" . DA  B 2 5  ? -4.039  12.324  -6.061  1.00 17.27 ? 113 DA  C "C4'" 1 
ATOM   248 O "O4'" . DA  B 2 5  ? -2.719  12.867  -6.017  1.00 17.65 ? 113 DA  C "O4'" 1 
ATOM   249 C "C3'" . DA  B 2 5  ? -4.500  12.313  -4.617  1.00 16.39 ? 113 DA  C "C3'" 1 
ATOM   250 O "O3'" . DA  B 2 5  ? -5.439  11.263  -4.423  1.00 17.41 ? 113 DA  C "O3'" 1 
ATOM   251 C "C2'" . DA  B 2 5  ? -3.211  12.024  -3.861  1.00 17.87 ? 113 DA  C "C2'" 1 
ATOM   252 C "C1'" . DA  B 2 5  ? -2.091  12.334  -4.862  1.00 16.22 ? 113 DA  C "C1'" 1 
ATOM   253 N N9    . DA  B 2 5  ? -1.082  13.277  -4.411  1.00 14.25 ? 113 DA  C N9    1 
ATOM   254 C C8    . DA  B 2 5  ? -1.197  14.617  -4.131  1.00 13.19 ? 113 DA  C C8    1 
ATOM   255 N N7    . DA  B 2 5  ? -0.071  15.170  -3.723  1.00 14.17 ? 113 DA  C N7    1 
ATOM   256 C C5    . DA  B 2 5  ? 0.842   14.120  -3.741  1.00 13.55 ? 113 DA  C C5    1 
ATOM   257 C C6    . DA  B 2 5  ? 2.198   14.038  -3.407  1.00 9.83  ? 113 DA  C C6    1 
ATOM   258 N N6    . DA  B 2 5  ? 2.922   15.056  -2.958  1.00 12.41 ? 113 DA  C N6    1 
ATOM   259 N N1    . DA  B 2 5  ? 2.802   12.840  -3.538  1.00 12.74 ? 113 DA  C N1    1 
ATOM   260 C C2    . DA  B 2 5  ? 2.079   11.795  -3.962  1.00 8.89  ? 113 DA  C C2    1 
ATOM   261 N N3    . DA  B 2 5  ? 0.804   11.745  -4.294  1.00 8.65  ? 113 DA  C N3    1 
ATOM   262 C C4    . DA  B 2 5  ? 0.234   12.952  -4.166  1.00 13.68 ? 113 DA  C C4    1 
ATOM   263 P P     . DC  B 2 6  ? -6.492  11.364  -3.216  1.00 16.15 ? 114 DC  C P     1 
ATOM   264 O OP1   . DC  B 2 6  ? -7.613  10.485  -3.573  1.00 14.80 ? 114 DC  C OP1   1 
ATOM   265 O OP2   . DC  B 2 6  ? -6.739  12.814  -2.878  1.00 18.02 ? 114 DC  C OP2   1 
ATOM   266 O "O5'" . DC  B 2 6  ? -5.690  10.775  -1.992  1.00 17.19 ? 114 DC  C "O5'" 1 
ATOM   267 C "C5'" . DC  B 2 6  ? -5.352  9.386   -1.928  1.00 16.83 ? 114 DC  C "C5'" 1 
ATOM   268 C "C4'" . DC  B 2 6  ? -4.285  9.193   -0.878  1.00 14.05 ? 114 DC  C "C4'" 1 
ATOM   269 O "O4'" . DC  B 2 6  ? -3.086  9.878   -1.275  1.00 13.09 ? 114 DC  C "O4'" 1 
ATOM   270 C "C3'" . DC  B 2 6  ? -4.694  9.852   0.428   1.00 13.40 ? 114 DC  C "C3'" 1 
ATOM   271 O "O3'" . DC  B 2 6  ? -5.414  8.889   1.206   1.00 17.12 ? 114 DC  C "O3'" 1 
ATOM   272 C "C2'" . DC  B 2 6  ? -3.355  10.218  1.050   1.00 10.49 ? 114 DC  C "C2'" 1 
ATOM   273 C "C1'" . DC  B 2 6  ? -2.344  10.173  -0.104  1.00 12.67 ? 114 DC  C "C1'" 1 
ATOM   274 N N1    . DC  B 2 6  ? -1.586  11.430  -0.319  1.00 12.01 ? 114 DC  C N1    1 
ATOM   275 C C2    . DC  B 2 6  ? -0.174  11.361  -0.452  1.00 7.89  ? 114 DC  C C2    1 
ATOM   276 O O2    . DC  B 2 6  ? 0.385   10.253  -0.568  1.00 10.72 ? 114 DC  C O2    1 
ATOM   277 N N3    . DC  B 2 6  ? 0.539   12.494  -0.464  1.00 8.66  ? 114 DC  C N3    1 
ATOM   278 C C4    . DC  B 2 6  ? -0.086  13.680  -0.387  1.00 9.19  ? 114 DC  C C4    1 
ATOM   279 N N4    . DC  B 2 6  ? 0.682   14.791  -0.352  1.00 12.53 ? 114 DC  C N4    1 
ATOM   280 C C5    . DC  B 2 6  ? -1.521  13.784  -0.336  1.00 8.37  ? 114 DC  C C5    1 
ATOM   281 C C6    . DC  B 2 6  ? -2.222  12.648  -0.314  1.00 11.40 ? 114 DC  C C6    1 
ATOM   282 P P     . DG  B 2 7  ? -6.437  9.379   2.351   1.00 16.37 ? 115 DG  C P     1 
ATOM   283 O OP1   . DG  B 2 7  ? -7.456  8.333   2.543   1.00 19.20 ? 115 DG  C OP1   1 
ATOM   284 O OP2   . DG  B 2 7  ? -6.873  10.742  1.990   1.00 18.33 ? 115 DG  C OP2   1 
ATOM   285 O "O5'" . DG  B 2 7  ? -5.483  9.456   3.619   1.00 14.99 ? 115 DG  C "O5'" 1 
ATOM   286 C "C5'" . DG  B 2 7  ? -4.904  8.272   4.190   1.00 15.21 ? 115 DG  C "C5'" 1 
ATOM   287 C "C4'" . DG  B 2 7  ? -4.317  8.603   5.541   1.00 15.38 ? 115 DG  C "C4'" 1 
ATOM   288 O "O4'" . DG  B 2 7  ? -3.283  9.595   5.358   1.00 13.78 ? 115 DG  C "O4'" 1 
ATOM   289 C "C3'" . DG  B 2 7  ? -5.301  9.213   6.547   1.00 16.66 ? 115 DG  C "C3'" 1 
ATOM   290 O "O3'" . DG  B 2 7  ? -4.771  8.905   7.860   1.00 17.89 ? 115 DG  C "O3'" 1 
ATOM   291 C "C2'" . DG  B 2 7  ? -5.155  10.704  6.274   1.00 14.56 ? 115 DG  C "C2'" 1 
ATOM   292 C "C1'" . DG  B 2 7  ? -3.667  10.831  5.972   1.00 15.15 ? 115 DG  C "C1'" 1 
ATOM   293 N N9    . DG  B 2 7  ? -3.277  11.922  5.079   1.00 14.02 ? 115 DG  C N9    1 
ATOM   294 C C8    . DG  B 2 7  ? -3.985  12.452  4.023   1.00 12.04 ? 115 DG  C C8    1 
ATOM   295 N N7    . DG  B 2 7  ? -3.319  13.377  3.375   1.00 10.61 ? 115 DG  C N7    1 
ATOM   296 C C5    . DG  B 2 7  ? -2.115  13.479  4.051   1.00 9.92  ? 115 DG  C C5    1 
ATOM   297 C C6    . DG  B 2 7  ? -0.984  14.328  3.820   1.00 9.30  ? 115 DG  C C6    1 
ATOM   298 O O6    . DG  B 2 7  ? -0.833  15.188  2.955   1.00 11.59 ? 115 DG  C O6    1 
ATOM   299 N N1    . DG  B 2 7  ? 0.031   14.091  4.743   1.00 10.82 ? 115 DG  C N1    1 
ATOM   300 C C2    . DG  B 2 7  ? -0.033  13.168  5.780   1.00 7.77  ? 115 DG  C C2    1 
ATOM   301 N N2    . DG  B 2 7  ? 1.031   13.076  6.567   1.00 10.76 ? 115 DG  C N2    1 
ATOM   302 N N3    . DG  B 2 7  ? -1.076  12.391  6.013   1.00 10.24 ? 115 DG  C N3    1 
ATOM   303 C C4    . DG  B 2 7  ? -2.075  12.596  5.114   1.00 12.79 ? 115 DG  C C4    1 
ATOM   304 P P     . DC  B 2 8  ? -5.531  9.405   9.185   1.00 19.27 ? 116 DC  C P     1 
ATOM   305 O OP1   . DC  B 2 8  ? -5.134  8.408   10.197  1.00 21.03 ? 116 DC  C OP1   1 
ATOM   306 O OP2   . DC  B 2 8  ? -6.957  9.641   8.898   1.00 15.77 ? 116 DC  C OP2   1 
ATOM   307 O "O5'" . DC  B 2 8  ? -4.916  10.844  9.512   1.00 19.18 ? 116 DC  C "O5'" 1 
ATOM   308 C "C5'" . DC  B 2 8  ? -3.754  10.977  10.316  1.00 19.25 ? 116 DC  C "C5'" 1 
ATOM   309 C "C4'" . DC  B 2 8  ? -3.131  12.349  10.152  1.00 20.13 ? 116 DC  C "C4'" 1 
ATOM   310 O "O4'" . DC  B 2 8  ? -3.100  12.850  8.805   1.00 19.06 ? 116 DC  C "O4'" 1 
ATOM   311 C "C3'" . DC  B 2 8  ? -3.677  13.498  10.989  1.00 20.24 ? 116 DC  C "C3'" 1 
ATOM   312 O "O3'" . DC  B 2 8  ? -3.057  13.551  12.296  1.00 21.69 ? 116 DC  C "O3'" 1 
ATOM   313 C "C2'" . DC  B 2 8  ? -3.268  14.727  10.183  1.00 19.38 ? 116 DC  C "C2'" 1 
ATOM   314 C "C1'" . DC  B 2 8  ? -2.602  14.166  8.929   1.00 17.94 ? 116 DC  C "C1'" 1 
ATOM   315 N N1    . DC  B 2 8  ? -2.886  14.904  7.681   1.00 15.73 ? 116 DC  C N1    1 
ATOM   316 C C2    . DC  B 2 8  ? -1.871  15.725  7.135   1.00 10.67 ? 116 DC  C C2    1 
ATOM   317 O O2    . DC  B 2 8  ? -0.786  15.797  7.702   1.00 12.97 ? 116 DC  C O2    1 
ATOM   318 N N3    . DC  B 2 8  ? -2.121  16.418  6.015   1.00 14.18 ? 116 DC  C N3    1 
ATOM   319 C C4    . DC  B 2 8  ? -3.312  16.338  5.437   1.00 12.00 ? 116 DC  C C4    1 
ATOM   320 N N4    . DC  B 2 8  ? -3.505  17.052  4.329   1.00 15.32 ? 116 DC  C N4    1 
ATOM   321 C C5    . DC  B 2 8  ? -4.358  15.524  5.962   1.00 11.22 ? 116 DC  C C5    1 
ATOM   322 C C6    . DC  B 2 8  ? -4.104  14.828  7.069   1.00 11.67 ? 116 DC  C C6    1 
ATOM   323 N N     . ALA C 3 1  ? -3.425  -11.653 1.642   1.00 31.78 ? 2   ALA A N     1 
ATOM   324 C CA    . ALA C 3 1  ? -4.266  -10.580 2.247   1.00 31.29 ? 2   ALA A CA    1 
ATOM   325 C C     . ALA C 3 1  ? -4.419  -9.428  1.243   1.00 31.46 ? 2   ALA A C     1 
ATOM   326 O O     . ALA C 3 1  ? -3.762  -9.420  0.190   1.00 30.54 ? 2   ALA A O     1 
ATOM   327 C CB    . ALA C 3 1  ? -3.630  -10.091 3.546   1.00 29.21 ? 2   ALA A CB    1 
ATOM   328 N N     . THR C 3 2  ? -5.322  -8.499  1.539   1.00 29.62 ? 3   THR A N     1 
ATOM   329 C CA    . THR C 3 2  ? -5.554  -7.366  0.659   1.00 28.13 ? 3   THR A CA    1 
ATOM   330 C C     . THR C 3 2  ? -5.603  -6.052  1.424   1.00 26.51 ? 3   THR A C     1 
ATOM   331 O O     . THR C 3 2  ? -5.925  -6.025  2.614   1.00 25.16 ? 3   THR A O     1 
ATOM   332 C CB    . THR C 3 2  ? -6.882  -7.487  -0.098  1.00 27.59 ? 3   THR A CB    1 
ATOM   333 O OG1   . THR C 3 2  ? -7.955  -7.405  0.835   1.00 29.98 ? 3   THR A OG1   1 
ATOM   334 C CG2   . THR C 3 2  ? -6.961  -8.789  -0.872  1.00 28.48 ? 3   THR A CG2   1 
ATOM   335 N N     . VAL C 3 3  ? -5.275  -4.973  0.716   1.00 23.59 ? 4   VAL A N     1 
ATOM   336 C CA    . VAL C 3 3  ? -5.293  -3.619  1.249   1.00 22.71 ? 4   VAL A CA    1 
ATOM   337 C C     . VAL C 3 3  ? -6.417  -2.872  0.545   1.00 19.35 ? 4   VAL A C     1 
ATOM   338 O O     . VAL C 3 3  ? -6.503  -2.882  -0.681  1.00 19.46 ? 4   VAL A O     1 
ATOM   339 C CB    . VAL C 3 3  ? -3.993  -2.860  0.965   1.00 20.30 ? 4   VAL A CB    1 
ATOM   340 C CG1   . VAL C 3 3  ? -3.942  -1.619  1.828   1.00 23.09 ? 4   VAL A CG1   1 
ATOM   341 C CG2   . VAL C 3 3  ? -2.792  -3.736  1.236   1.00 26.30 ? 4   VAL A CG2   1 
ATOM   342 N N     . LYS C 3 4  ? -7.316  -2.282  1.322   1.00 17.58 ? 5   LYS A N     1 
ATOM   343 C CA    . LYS C 3 4  ? -8.421  -1.531  0.766   1.00 19.58 ? 5   LYS A CA    1 
ATOM   344 C C     . LYS C 3 4  ? -8.135  -0.035  0.985   1.00 20.22 ? 5   LYS A C     1 
ATOM   345 O O     . LYS C 3 4  ? -7.574  0.379   2.020   1.00 19.40 ? 5   LYS A O     1 
ATOM   346 C CB    . LYS C 3 4  ? -9.741  -1.957  1.412   1.00 23.18 ? 5   LYS A CB    1 
ATOM   347 C CG    . LYS C 3 4  ? -10.895 -1.994  0.421   1.00 31.64 ? 5   LYS A CG    1 
ATOM   348 C CD    . LYS C 3 4  ? -12.232 -2.386  1.067   1.00 37.39 ? 5   LYS A CD    1 
ATOM   349 C CE    . LYS C 3 4  ? -13.449 -2.119  0.136   1.00 38.28 ? 5   LYS A CE    1 
ATOM   350 N NZ    . LYS C 3 4  ? -13.397 -2.785  -1.219  1.00 36.84 ? 5   LYS A NZ    1 
ATOM   351 N N     . PHE C 3 5  ? -8.446  0.764   -0.024  1.00 21.27 ? 6   PHE A N     1 
ATOM   352 C CA    . PHE C 3 5  ? -8.179  2.192   0.057   1.00 20.17 ? 6   PHE A CA    1 
ATOM   353 C C     . PHE C 3 5  ? -8.865  2.929   -1.071  1.00 20.66 ? 6   PHE A C     1 
ATOM   354 O O     . PHE C 3 5  ? -9.233  2.338   -2.076  1.00 18.45 ? 6   PHE A O     1 
ATOM   355 C CB    . PHE C 3 5  ? -6.659  2.461   0.012   1.00 21.43 ? 6   PHE A CB    1 
ATOM   356 C CG    . PHE C 3 5  ? -5.969  1.940   -1.236  1.00 20.08 ? 6   PHE A CG    1 
ATOM   357 C CD1   . PHE C 3 5  ? -5.676  0.581   -1.370  1.00 20.59 ? 6   PHE A CD1   1 
ATOM   358 C CD2   . PHE C 3 5  ? -5.609  2.822   -2.276  1.00 19.40 ? 6   PHE A CD2   1 
ATOM   359 C CE1   . PHE C 3 5  ? -5.027  0.094   -2.535  1.00 24.49 ? 6   PHE A CE1   1 
ATOM   360 C CE2   . PHE C 3 5  ? -4.970  2.365   -3.432  1.00 20.15 ? 6   PHE A CE2   1 
ATOM   361 C CZ    . PHE C 3 5  ? -4.673  0.988   -3.567  1.00 23.16 ? 6   PHE A CZ    1 
ATOM   362 N N     . LYS C 3 6  ? -9.060  4.224   -0.882  1.00 21.66 ? 7   LYS A N     1 
ATOM   363 C CA    . LYS C 3 6  ? -9.713  5.019   -1.896  1.00 23.01 ? 7   LYS A CA    1 
ATOM   364 C C     . LYS C 3 6  ? -8.675  5.917   -2.534  1.00 21.90 ? 7   LYS A C     1 
ATOM   365 O O     . LYS C 3 6  ? -7.863  6.533   -1.844  1.00 22.18 ? 7   LYS A O     1 
ATOM   366 C CB    . LYS C 3 6  ? -10.859 5.835   -1.283  1.00 26.01 ? 7   LYS A CB    1 
ATOM   367 C CG    . LYS C 3 6  ? -12.106 5.003   -0.946  1.00 27.15 ? 7   LYS A CG    1 
ATOM   368 C CD    . LYS C 3 6  ? -13.268 5.912   -0.601  1.00 29.92 ? 7   LYS A CD    1 
ATOM   369 C CE    . LYS C 3 6  ? -14.577 5.149   -0.590  1.00 31.90 ? 7   LYS A CE    1 
ATOM   370 N NZ    . LYS C 3 6  ? -14.579 4.075   0.437   1.00 29.87 ? 7   LYS A NZ    1 
ATOM   371 N N     . TYR C 3 7  ? -8.676  5.987   -3.853  1.00 20.19 ? 8   TYR A N     1 
ATOM   372 C CA    . TYR C 3 7  ? -7.694  6.812   -4.517  1.00 21.53 ? 8   TYR A CA    1 
ATOM   373 C C     . TYR C 3 7  ? -8.361  7.533   -5.665  1.00 22.87 ? 8   TYR A C     1 
ATOM   374 O O     . TYR C 3 7  ? -9.011  6.902   -6.500  1.00 21.52 ? 8   TYR A O     1 
ATOM   375 C CB    . TYR C 3 7  ? -6.514  5.955   -4.989  1.00 20.37 ? 8   TYR A CB    1 
ATOM   376 C CG    . TYR C 3 7  ? -5.277  6.768   -5.339  1.00 20.02 ? 8   TYR A CG    1 
ATOM   377 C CD1   . TYR C 3 7  ? -4.339  7.110   -4.349  1.00 18.74 ? 8   TYR A CD1   1 
ATOM   378 C CD2   . TYR C 3 7  ? -5.042  7.198   -6.650  1.00 16.09 ? 8   TYR A CD2   1 
ATOM   379 C CE1   . TYR C 3 7  ? -3.207  7.854   -4.662  1.00 17.37 ? 8   TYR A CE1   1 
ATOM   380 C CE2   . TYR C 3 7  ? -3.921  7.930   -6.958  1.00 15.41 ? 8   TYR A CE2   1 
ATOM   381 C CZ    . TYR C 3 7  ? -3.011  8.251   -5.968  1.00 14.51 ? 8   TYR A CZ    1 
ATOM   382 O OH    . TYR C 3 7  ? -1.885  8.953   -6.305  1.00 15.67 ? 8   TYR A OH    1 
ATOM   383 N N     . LYS C 3 8  ? -8.267  8.861   -5.636  1.00 23.99 ? 9   LYS A N     1 
ATOM   384 C CA    . LYS C 3 8  ? -8.856  9.709   -6.666  1.00 27.33 ? 9   LYS A CA    1 
ATOM   385 C C     . LYS C 3 8  ? -10.319 9.335   -6.921  1.00 27.94 ? 9   LYS A C     1 
ATOM   386 O O     . LYS C 3 8  ? -10.709 9.030   -8.052  1.00 29.73 ? 9   LYS A O     1 
ATOM   387 C CB    . LYS C 3 8  ? -8.048  9.621   -7.978  1.00 27.16 ? 9   LYS A CB    1 
ATOM   388 C CG    . LYS C 3 8  ? -6.623  10.204  -7.949  1.00 32.19 ? 9   LYS A CG    1 
ATOM   389 C CD    . LYS C 3 8  ? -5.938  10.073  -9.319  1.00 33.32 ? 9   LYS A CD    1 
ATOM   390 C CE    . LYS C 3 8  ? -4.625  10.876  -9.446  1.00 36.06 ? 9   LYS A CE    1 
ATOM   391 N NZ    . LYS C 3 8  ? -3.384  10.326  -8.789  1.00 35.92 ? 9   LYS A NZ    1 
ATOM   392 N N     . GLY C 3 9  ? -11.110 9.293   -5.850  1.00 27.96 ? 10  GLY A N     1 
ATOM   393 C CA    . GLY C 3 9  ? -12.521 8.969   -5.983  1.00 26.96 ? 10  GLY A CA    1 
ATOM   394 C C     . GLY C 3 9  ? -12.880 7.547   -6.396  1.00 28.65 ? 10  GLY A C     1 
ATOM   395 O O     . GLY C 3 9  ? -14.047 7.266   -6.700  1.00 27.08 ? 10  GLY A O     1 
ATOM   396 N N     . GLU C 3 10 ? -11.918 6.629   -6.356  1.00 28.86 ? 11  GLU A N     1 
ATOM   397 C CA    . GLU C 3 10 ? -12.188 5.248   -6.746  1.00 29.86 ? 11  GLU A CA    1 
ATOM   398 C C     . GLU C 3 10 ? -11.777 4.286   -5.640  1.00 28.90 ? 11  GLU A C     1 
ATOM   399 O O     . GLU C 3 10 ? -10.785 4.509   -4.961  1.00 29.86 ? 11  GLU A O     1 
ATOM   400 C CB    . GLU C 3 10 ? -11.450 4.894   -8.063  1.00 32.61 ? 11  GLU A CB    1 
ATOM   401 C CG    . GLU C 3 10 ? -12.039 5.517   -9.335  1.00 32.35 ? 11  GLU A CG    1 
ATOM   402 C CD    . GLU C 3 10 ? -13.426 4.970   -9.679  1.00 37.99 ? 11  GLU A CD    1 
ATOM   403 O OE1   . GLU C 3 10 ? -13.763 3.857   -9.200  1.00 39.64 ? 11  GLU A OE1   1 
ATOM   404 O OE2   . GLU C 3 10 ? -14.183 5.639   -10.429 1.00 37.25 ? 11  GLU A OE2   1 
ATOM   405 N N     . GLU C 3 11 ? -12.600 3.276   -5.399  1.00 28.43 ? 12  GLU A N     1 
ATOM   406 C CA    . GLU C 3 11 ? -12.305 2.266   -4.398  1.00 27.23 ? 12  GLU A CA    1 
ATOM   407 C C     . GLU C 3 11 ? -11.310 1.261   -4.989  1.00 26.91 ? 12  GLU A C     1 
ATOM   408 O O     . GLU C 3 11 ? -11.481 0.783   -6.111  1.00 27.35 ? 12  GLU A O     1 
ATOM   409 C CB    . GLU C 3 11 ? -13.578 1.536   -4.011  1.00 29.71 ? 12  GLU A CB    1 
ATOM   410 C CG    . GLU C 3 11 ? -13.380 0.460   -2.981  1.00 28.82 ? 12  GLU A CG    1 
ATOM   411 C CD    . GLU C 3 11 ? -12.934 1.022   -1.653  1.00 29.94 ? 12  GLU A CD    1 
ATOM   412 O OE1   . GLU C 3 11 ? -13.553 1.992   -1.175  1.00 33.33 ? 12  GLU A OE1   1 
ATOM   413 O OE2   . GLU C 3 11 ? -11.962 0.494   -1.088  1.00 28.66 ? 12  GLU A OE2   1 
ATOM   414 N N     . LYS C 3 12 ? -10.273 0.945   -4.227  1.00 26.17 ? 13  LYS A N     1 
ATOM   415 C CA    . LYS C 3 12 ? -9.254  0.003   -4.657  1.00 24.09 ? 13  LYS A CA    1 
ATOM   416 C C     . LYS C 3 12 ? -9.119  -1.095  -3.588  1.00 25.14 ? 13  LYS A C     1 
ATOM   417 O O     . LYS C 3 12 ? -9.382  -0.873  -2.400  1.00 24.51 ? 13  LYS A O     1 
ATOM   418 C CB    . LYS C 3 12 ? -7.891  0.702   -4.773  1.00 22.09 ? 13  LYS A CB    1 
ATOM   419 C CG    . LYS C 3 12 ? -7.858  2.052   -5.467  1.00 25.04 ? 13  LYS A CG    1 
ATOM   420 C CD    . LYS C 3 12 ? -8.202  1.908   -6.906  1.00 29.30 ? 13  LYS A CD    1 
ATOM   421 C CE    . LYS C 3 12 ? -7.972  3.187   -7.654  1.00 33.06 ? 13  LYS A CE    1 
ATOM   422 N NZ    . LYS C 3 12 ? -8.401  3.004   -9.076  1.00 38.93 ? 13  LYS A NZ    1 
ATOM   423 N N     . GLU C 3 13 ? -8.715  -2.276  -4.018  1.00 23.10 ? 14  GLU A N     1 
ATOM   424 C CA    . GLU C 3 13 ? -8.481  -3.381  -3.102  1.00 24.38 ? 14  GLU A CA    1 
ATOM   425 C C     . GLU C 3 13 ? -7.361  -4.171  -3.756  1.00 20.22 ? 14  GLU A C     1 
ATOM   426 O O     . GLU C 3 13 ? -7.565  -4.859  -4.746  1.00 23.49 ? 14  GLU A O     1 
ATOM   427 C CB    . GLU C 3 13 ? -9.728  -4.247  -2.906  1.00 28.17 ? 14  GLU A CB    1 
ATOM   428 C CG    . GLU C 3 13 ? -9.671  -5.039  -1.613  1.00 34.07 ? 14  GLU A CG    1 
ATOM   429 C CD    . GLU C 3 13 ? -10.926 -5.864  -1.336  1.00 40.54 ? 14  GLU A CD    1 
ATOM   430 O OE1   . GLU C 3 13 ? -12.070 -5.364  -1.534  1.00 41.33 ? 14  GLU A OE1   1 
ATOM   431 O OE2   . GLU C 3 13 ? -10.753 -7.021  -0.877  1.00 39.54 ? 14  GLU A OE2   1 
ATOM   432 N N     . VAL C 3 14 ? -6.167  -4.039  -3.221  1.00 18.41 ? 15  VAL A N     1 
ATOM   433 C CA    . VAL C 3 14 ? -4.993  -4.679  -3.787  1.00 19.08 ? 15  VAL A CA    1 
ATOM   434 C C     . VAL C 3 14 ? -4.401  -5.796  -2.920  1.00 19.69 ? 15  VAL A C     1 
ATOM   435 O O     . VAL C 3 14 ? -4.186  -5.630  -1.710  1.00 18.22 ? 15  VAL A O     1 
ATOM   436 C CB    . VAL C 3 14 ? -3.926  -3.582  -4.078  1.00 17.56 ? 15  VAL A CB    1 
ATOM   437 C CG1   . VAL C 3 14 ? -2.544  -4.170  -4.235  1.00 14.54 ? 15  VAL A CG1   1 
ATOM   438 C CG2   . VAL C 3 14 ? -4.315  -2.796  -5.322  1.00 21.06 ? 15  VAL A CG2   1 
ATOM   439 N N     . ASP C 3 15 ? -4.121  -6.931  -3.558  1.00 20.76 ? 16  ASP A N     1 
ATOM   440 C CA    . ASP C 3 15 ? -3.492  -8.054  -2.862  1.00 21.28 ? 16  ASP A CA    1 
ATOM   441 C C     . ASP C 3 15 ? -2.139  -7.584  -2.324  1.00 18.79 ? 16  ASP A C     1 
ATOM   442 O O     . ASP C 3 15 ? -1.359  -6.959  -3.045  1.00 20.30 ? 16  ASP A O     1 
ATOM   443 C CB    . ASP C 3 15 ? -3.293  -9.240  -3.812  1.00 21.18 ? 16  ASP A CB    1 
ATOM   444 C CG    . ASP C 3 15 ? -2.949  -10.503 -3.073  1.00 25.33 ? 16  ASP A CG    1 
ATOM   445 O OD1   . ASP C 3 15 ? -1.825  -10.601 -2.553  1.00 32.03 ? 16  ASP A OD1   1 
ATOM   446 O OD2   . ASP C 3 15 ? -3.805  -11.387 -2.962  1.00 26.52 ? 16  ASP A OD2   1 
ATOM   447 N N     . ILE C 3 16 ? -1.806  -7.932  -1.090  1.00 19.19 ? 17  ILE A N     1 
ATOM   448 C CA    . ILE C 3 16 ? -0.555  -7.458  -0.537  1.00 19.82 ? 17  ILE A CA    1 
ATOM   449 C C     . ILE C 3 16 ? 0.679   -7.959  -1.281  1.00 19.52 ? 17  ILE A C     1 
ATOM   450 O O     . ILE C 3 16 ? 1.672   -7.279  -1.339  1.00 19.60 ? 17  ILE A O     1 
ATOM   451 C CB    . ILE C 3 16 ? -0.479  -7.642  1.023   1.00 22.98 ? 17  ILE A CB    1 
ATOM   452 C CG1   . ILE C 3 16 ? -1.710  -6.983  1.666   1.00 26.48 ? 17  ILE A CG1   1 
ATOM   453 C CG2   . ILE C 3 16 ? 0.759   -6.904  1.597   1.00 23.05 ? 17  ILE A CG2   1 
ATOM   454 C CD1   . ILE C 3 16 ? -1.591  -6.686  3.140   1.00 26.55 ? 17  ILE A CD1   1 
ATOM   455 N N     . SER C 3 17 ? 0.553   -9.072  -1.989  1.00 21.14 ? 18  SER A N     1 
ATOM   456 C CA    . SER C 3 17 ? 1.657   -9.640  -2.772  1.00 21.37 ? 18  SER A CA    1 
ATOM   457 C C     . SER C 3 17 ? 2.119   -8.667  -3.858  1.00 19.58 ? 18  SER A C     1 
ATOM   458 O O     . SER C 3 17 ? 3.250   -8.742  -4.334  1.00 21.17 ? 18  SER A O     1 
ATOM   459 C CB    . SER C 3 17 ? 1.184   -10.918 -3.471  1.00 24.29 ? 18  SER A CB    1 
ATOM   460 O OG    . SER C 3 17 ? 0.222   -10.640 -4.498  1.00 23.70 ? 18  SER A OG    1 
ATOM   461 N N     . LYS C 3 18 ? 1.193   -7.822  -4.302  1.00 15.71 ? 19  LYS A N     1 
ATOM   462 C CA    . LYS C 3 18 ? 1.475   -6.856  -5.341  1.00 15.08 ? 19  LYS A CA    1 
ATOM   463 C C     . LYS C 3 18 ? 2.137   -5.569  -4.864  1.00 15.24 ? 19  LYS A C     1 
ATOM   464 O O     . LYS C 3 18 ? 2.551   -4.745  -5.694  1.00 14.68 ? 19  LYS A O     1 
ATOM   465 C CB    . LYS C 3 18 ? 0.198   -6.521  -6.093  1.00 14.36 ? 19  LYS A CB    1 
ATOM   466 C CG    . LYS C 3 18 ? -0.472  -7.730  -6.672  1.00 21.64 ? 19  LYS A CG    1 
ATOM   467 C CD    . LYS C 3 18 ? 0.472   -8.455  -7.591  1.00 27.01 ? 19  LYS A CD    1 
ATOM   468 C CE    . LYS C 3 18 ? -0.048  -9.839  -7.991  1.00 33.83 ? 19  LYS A CE    1 
ATOM   469 N NZ    . LYS C 3 18 ? 0.795   -10.934 -7.385  1.00 37.56 ? 19  LYS A NZ    1 
ATOM   470 N N     . ILE C 3 19 ? 2.165   -5.331  -3.557  1.00 14.23 ? 20  ILE A N     1 
ATOM   471 C CA    . ILE C 3 19 ? 2.756   -4.103  -3.021  1.00 13.27 ? 20  ILE A CA    1 
ATOM   472 C C     . ILE C 3 19 ? 4.227   -4.116  -3.353  1.00 13.56 ? 20  ILE A C     1 
ATOM   473 O O     . ILE C 3 19 ? 4.970   -5.024  -2.976  1.00 15.98 ? 20  ILE A O     1 
ATOM   474 C CB    . ILE C 3 19 ? 2.570   -3.948  -1.458  1.00 12.33 ? 20  ILE A CB    1 
ATOM   475 C CG1   . ILE C 3 19 ? 1.088   -4.031  -1.044  1.00 15.21 ? 20  ILE A CG1   1 
ATOM   476 C CG2   . ILE C 3 19 ? 3.174   -2.640  -0.954  1.00 11.82 ? 20  ILE A CG2   1 
ATOM   477 C CD1   . ILE C 3 19 ? 0.154   -3.028  -1.713  1.00 16.80 ? 20  ILE A CD1   1 
ATOM   478 N N     . LYS C 3 20 ? 4.638   -3.065  -4.038  1.00 13.94 ? 21  LYS A N     1 
ATOM   479 C CA    . LYS C 3 20 ? 6.006   -2.888  -4.465  1.00 14.65 ? 21  LYS A CA    1 
ATOM   480 C C     . LYS C 3 20 ? 6.861   -2.174  -3.412  1.00 17.02 ? 21  LYS A C     1 
ATOM   481 O O     . LYS C 3 20 ? 7.799   -2.759  -2.849  1.00 19.23 ? 21  LYS A O     1 
ATOM   482 C CB    . LYS C 3 20 ? 6.010   -2.175  -5.824  1.00 12.89 ? 21  LYS A CB    1 
ATOM   483 C CG    . LYS C 3 20 ? 7.348   -2.087  -6.513  1.00 19.52 ? 21  LYS A CG    1 
ATOM   484 C CD    . LYS C 3 20 ? 7.150   -1.639  -7.975  1.00 16.92 ? 21  LYS A CD    1 
ATOM   485 C CE    . LYS C 3 20 ? 8.484   -1.306  -8.653  1.00 22.50 ? 21  LYS A CE    1 
ATOM   486 N NZ    . LYS C 3 20 ? 8.368   -0.757  -10.062 1.00 24.56 ? 21  LYS A NZ    1 
ATOM   487 N N     . LYS C 3 21 ? 6.533   -0.934  -3.080  1.00 12.17 ? 22  LYS A N     1 
ATOM   488 C CA    . LYS C 3 21 ? 7.335   -0.214  -2.106  1.00 13.13 ? 22  LYS A CA    1 
ATOM   489 C C     . LYS C 3 21 ? 6.354   0.369   -1.081  1.00 12.34 ? 22  LYS A C     1 
ATOM   490 O O     . LYS C 3 21 ? 5.201   0.636   -1.419  1.00 11.56 ? 22  LYS A O     1 
ATOM   491 C CB    . LYS C 3 21 ? 8.076   0.929   -2.807  1.00 13.42 ? 22  LYS A CB    1 
ATOM   492 C CG    . LYS C 3 21 ? 9.164   1.572   -1.980  1.00 18.72 ? 22  LYS A CG    1 
ATOM   493 C CD    . LYS C 3 21 ? 9.439   3.005   -2.438  1.00 26.84 ? 22  LYS A CD    1 
ATOM   494 C CE    . LYS C 3 21 ? 10.777  3.582   -1.930  1.00 26.61 ? 22  LYS A CE    1 
ATOM   495 N NZ    . LYS C 3 21 ? 11.957  3.102   -2.713  1.00 33.30 ? 22  LYS A NZ    1 
ATOM   496 N N     . VAL C 3 22 ? 6.787   0.472   0.172   1.00 13.50 ? 23  VAL A N     1 
ATOM   497 C CA    . VAL C 3 22 ? 5.961   1.089   1.221   1.00 15.25 ? 23  VAL A CA    1 
ATOM   498 C C     . VAL C 3 22 ? 6.829   1.984   2.127   1.00 14.24 ? 23  VAL A C     1 
ATOM   499 O O     . VAL C 3 22 ? 8.012   1.699   2.398   1.00 12.63 ? 23  VAL A O     1 
ATOM   500 C CB    . VAL C 3 22 ? 5.061   0.056   2.036   1.00 20.01 ? 23  VAL A CB    1 
ATOM   501 C CG1   . VAL C 3 22 ? 5.834   -1.226  2.382   1.00 23.06 ? 23  VAL A CG1   1 
ATOM   502 C CG2   . VAL C 3 22 ? 4.465   0.721   3.319   1.00 20.83 ? 23  VAL A CG2   1 
ATOM   503 N N     . TRP C 3 23 ? 6.266   3.131   2.503   1.00 12.48 ? 24  TRP A N     1 
ATOM   504 C CA    . TRP C 3 23 ? 6.963   4.087   3.352   1.00 13.01 ? 24  TRP A CA    1 
ATOM   505 C C     . TRP C 3 23 ? 5.947   4.803   4.245   1.00 11.34 ? 24  TRP A C     1 
ATOM   506 O O     . TRP C 3 23 ? 4.740   4.750   3.996   1.00 8.29  ? 24  TRP A O     1 
ATOM   507 C CB    . TRP C 3 23 ? 7.813   5.079   2.504   1.00 11.08 ? 24  TRP A CB    1 
ATOM   508 C CG    . TRP C 3 23 ? 7.049   6.004   1.598   1.00 10.37 ? 24  TRP A CG    1 
ATOM   509 C CD1   . TRP C 3 23 ? 6.651   7.283   1.891   1.00 8.23  ? 24  TRP A CD1   1 
ATOM   510 C CD2   . TRP C 3 23 ? 6.598   5.741   0.253   1.00 10.86 ? 24  TRP A CD2   1 
ATOM   511 N NE1   . TRP C 3 23 ? 5.972   7.833   0.818   1.00 9.89  ? 24  TRP A NE1   1 
ATOM   512 C CE2   . TRP C 3 23 ? 5.923   6.907   -0.198  1.00 12.38 ? 24  TRP A CE2   1 
ATOM   513 C CE3   . TRP C 3 23 ? 6.707   4.638   -0.617  1.00 11.99 ? 24  TRP A CE3   1 
ATOM   514 C CZ2   . TRP C 3 23 ? 5.351   6.997   -1.476  1.00 11.04 ? 24  TRP A CZ2   1 
ATOM   515 C CZ3   . TRP C 3 23 ? 6.151   4.726   -1.878  1.00 12.00 ? 24  TRP A CZ3   1 
ATOM   516 C CH2   . TRP C 3 23 ? 5.474   5.903   -2.304  1.00 13.21 ? 24  TRP A CH2   1 
ATOM   517 N N     . ARG C 3 24 ? 6.455   5.390   5.318   1.00 14.88 ? 25  ARG A N     1 
ATOM   518 C CA    . ARG C 3 24 ? 5.642   6.134   6.285   1.00 17.87 ? 25  ARG A CA    1 
ATOM   519 C C     . ARG C 3 24 ? 5.761   7.655   6.115   1.00 15.06 ? 25  ARG A C     1 
ATOM   520 O O     . ARG C 3 24 ? 6.849   8.193   5.909   1.00 17.95 ? 25  ARG A O     1 
ATOM   521 C CB    . ARG C 3 24 ? 6.072   5.761   7.719   1.00 17.13 ? 25  ARG A CB    1 
ATOM   522 C CG    . ARG C 3 24 ? 5.434   6.651   8.781   1.00 17.71 ? 25  ARG A CG    1 
ATOM   523 C CD    . ARG C 3 24 ? 5.766   6.230   10.209  1.00 21.29 ? 25  ARG A CD    1 
ATOM   524 N NE    . ARG C 3 24 ? 5.187   4.936   10.599  1.00 25.30 ? 25  ARG A NE    1 
ATOM   525 C CZ    . ARG C 3 24 ? 3.909   4.738   10.922  1.00 29.13 ? 25  ARG A CZ    1 
ATOM   526 N NH1   . ARG C 3 24 ? 3.043   5.741   10.891  1.00 31.96 ? 25  ARG A NH1   1 
ATOM   527 N NH2   . ARG C 3 24 ? 3.502   3.544   11.338  1.00 26.69 ? 25  ARG A NH2   1 
ATOM   528 N N     . VAL C 3 25 ? 4.623   8.341   6.168   1.00 16.26 ? 26  VAL A N     1 
ATOM   529 C CA    . VAL C 3 25 ? 4.575   9.811   6.082   1.00 14.30 ? 26  VAL A CA    1 
ATOM   530 C C     . VAL C 3 25 ? 3.677   10.216  7.273   1.00 14.01 ? 26  VAL A C     1 
ATOM   531 O O     . VAL C 3 25 ? 2.466   10.386  7.133   1.00 10.53 ? 26  VAL A O     1 
ATOM   532 C CB    . VAL C 3 25 ? 3.950   10.303  4.763   1.00 12.60 ? 26  VAL A CB    1 
ATOM   533 C CG1   . VAL C 3 25 ? 4.211   11.798  4.557   1.00 14.68 ? 26  VAL A CG1   1 
ATOM   534 C CG2   . VAL C 3 25 ? 4.528   9.519   3.596   1.00 11.38 ? 26  VAL A CG2   1 
ATOM   535 N N     . GLY C 3 26 ? 4.289   10.275  8.453   1.00 14.79 ? 27  GLY A N     1 
ATOM   536 C CA    . GLY C 3 26 ? 3.550   10.613  9.657   1.00 16.77 ? 27  GLY A CA    1 
ATOM   537 C C     . GLY C 3 26 ? 2.696   9.423   10.011  1.00 16.05 ? 27  GLY A C     1 
ATOM   538 O O     . GLY C 3 26 ? 3.220   8.336   10.169  1.00 21.00 ? 27  GLY A O     1 
ATOM   539 N N     . LYS C 3 27 ? 1.379   9.609   10.033  1.00 14.48 ? 28  LYS A N     1 
ATOM   540 C CA    . LYS C 3 27 ? 0.429   8.555   10.342  1.00 15.22 ? 28  LYS A CA    1 
ATOM   541 C C     . LYS C 3 27 ? -0.043  7.835   9.081   1.00 18.04 ? 28  LYS A C     1 
ATOM   542 O O     . LYS C 3 27 ? -0.804  6.863   9.153   1.00 17.68 ? 28  LYS A O     1 
ATOM   543 C CB    . LYS C 3 27 ? -0.807  9.142   11.026  1.00 16.85 ? 28  LYS A CB    1 
ATOM   544 C CG    . LYS C 3 27 ? -0.523  9.829   12.323  1.00 18.58 ? 28  LYS A CG    1 
ATOM   545 C CD    . LYS C 3 27 ? -1.805  10.404  12.894  1.00 22.30 ? 28  LYS A CD    1 
ATOM   546 C CE    . LYS C 3 27 ? -1.528  11.182  14.165  1.00 22.87 ? 28  LYS A CE    1 
ATOM   547 N NZ    . LYS C 3 27 ? -1.095  10.337  15.293  1.00 20.19 ? 28  LYS A NZ    1 
ATOM   548 N N     . MET C 3 28 ? 0.393   8.339   7.930   1.00 15.57 ? 29  MET A N     1 
ATOM   549 C CA    . MET C 3 28 ? 0.017   7.783   6.635   1.00 12.69 ? 29  MET A CA    1 
ATOM   550 C C     . MET C 3 28 ? 1.004   6.708   6.180   1.00 11.25 ? 29  MET A C     1 
ATOM   551 O O     . MET C 3 28 ? 2.224   6.886   6.285   1.00 11.17 ? 29  MET A O     1 
ATOM   552 C CB    . MET C 3 28 ? -0.057  8.924   5.607   1.00 12.10 ? 29  MET A CB    1 
ATOM   553 C CG    . MET C 3 28 ? -0.341  8.512   4.174   1.00 15.89 ? 29  MET A CG    1 
ATOM   554 S SD    . MET C 3 28 ? -0.477  9.960   3.073   1.00 20.44 ? 29  MET A SD    1 
ATOM   555 C CE    . MET C 3 28 ? 1.158   10.454  2.904   1.00 16.55 ? 29  MET A CE    1 
ATOM   556 N N     . ILE C 3 29 ? 0.461   5.585   5.721   1.00 11.52 ? 30  ILE A N     1 
ATOM   557 C CA    . ILE C 3 29 ? 1.276   4.498   5.203   1.00 13.20 ? 30  ILE A CA    1 
ATOM   558 C C     . ILE C 3 29 ? 1.081   4.633   3.704   1.00 11.66 ? 30  ILE A C     1 
ATOM   559 O O     . ILE C 3 29 ? -0.031  4.419   3.206   1.00 12.06 ? 30  ILE A O     1 
ATOM   560 C CB    . ILE C 3 29 ? 0.764   3.122   5.664   1.00 14.72 ? 30  ILE A CB    1 
ATOM   561 C CG1   . ILE C 3 29 ? 0.719   3.063   7.204   1.00 12.04 ? 30  ILE A CG1   1 
ATOM   562 C CG2   . ILE C 3 29 ? 1.706   2.025   5.106   1.00 14.75 ? 30  ILE A CG2   1 
ATOM   563 C CD1   . ILE C 3 29 ? 2.038   3.405   7.843   1.00 12.73 ? 30  ILE A CD1   1 
ATOM   564 N N     . SER C 3 30 ? 2.147   5.022   3.000   1.00 12.44 ? 31  SER A N     1 
ATOM   565 C CA    . SER C 3 30 ? 2.078   5.244   1.555   1.00 10.90 ? 31  SER A CA    1 
ATOM   566 C C     . SER C 3 30 ? 2.754   4.091   0.790   1.00 10.83 ? 31  SER A C     1 
ATOM   567 O O     . SER C 3 30 ? 3.740   3.565   1.242   1.00 11.69 ? 31  SER A O     1 
ATOM   568 C CB    . SER C 3 30 ? 2.733   6.598   1.243   1.00 12.45 ? 31  SER A CB    1 
ATOM   569 O OG    . SER C 3 30 ? 2.278   7.175   0.027   1.00 14.00 ? 31  SER A OG    1 
ATOM   570 N N     . PHE C 3 31 ? 2.254   3.734   -0.389  1.00 11.82 ? 32  PHE A N     1 
ATOM   571 C CA    . PHE C 3 31 ? 2.873   2.638   -1.112  1.00 10.77 ? 32  PHE A CA    1 
ATOM   572 C C     . PHE C 3 31 ? 2.624   2.686   -2.628  1.00 11.18 ? 32  PHE A C     1 
ATOM   573 O O     . PHE C 3 31 ? 1.796   3.443   -3.134  1.00 11.51 ? 32  PHE A O     1 
ATOM   574 C CB    . PHE C 3 31 ? 2.362   1.284   -0.532  1.00 11.39 ? 32  PHE A CB    1 
ATOM   575 C CG    . PHE C 3 31 ? 0.842   1.136   -0.571  1.00 14.65 ? 32  PHE A CG    1 
ATOM   576 C CD1   . PHE C 3 31 ? 0.191   0.702   -1.741  1.00 10.99 ? 32  PHE A CD1   1 
ATOM   577 C CD2   . PHE C 3 31 ? 0.053   1.511   0.533   1.00 13.36 ? 32  PHE A CD2   1 
ATOM   578 C CE1   . PHE C 3 31 ? -1.170  0.663   -1.833  1.00 8.34  ? 32  PHE A CE1   1 
ATOM   579 C CE2   . PHE C 3 31 ? -1.335  1.470   0.444   1.00 9.66  ? 32  PHE A CE2   1 
ATOM   580 C CZ    . PHE C 3 31 ? -1.944  1.039   -0.740  1.00 9.37  ? 32  PHE A CZ    1 
ATOM   581 N N     . THR C 3 32 ? 3.357   1.833   -3.335  1.00 15.63 ? 33  THR A N     1 
ATOM   582 C CA    . THR C 3 32 ? 3.216   1.655   -4.785  1.00 11.62 ? 33  THR A CA    1 
ATOM   583 C C     . THR C 3 32 ? 2.892   0.160   -4.949  1.00 11.64 ? 33  THR A C     1 
ATOM   584 O O     . THR C 3 32 ? 3.232   -0.668  -4.080  1.00 10.31 ? 33  THR A O     1 
ATOM   585 C CB    . THR C 3 32 ? 4.525   1.983   -5.549  1.00 9.46  ? 33  THR A CB    1 
ATOM   586 O OG1   . THR C 3 32 ? 5.575   1.125   -5.094  1.00 10.21 ? 33  THR A OG1   1 
ATOM   587 C CG2   . THR C 3 32 ? 4.945   3.437   -5.350  1.00 8.30  ? 33  THR A CG2   1 
ATOM   588 N N     . TYR C 3 33 ? 2.260   -0.201  -6.058  1.00 12.70 ? 34  TYR A N     1 
ATOM   589 C CA    . TYR C 3 33 ? 1.923   -1.591  -6.285  1.00 10.99 ? 34  TYR A CA    1 
ATOM   590 C C     . TYR C 3 33 ? 1.906   -1.890  -7.775  1.00 12.95 ? 34  TYR A C     1 
ATOM   591 O O     . TYR C 3 33 ? 1.820   -0.975  -8.598  1.00 11.90 ? 34  TYR A O     1 
ATOM   592 C CB    . TYR C 3 33 ? 0.578   -1.897  -5.620  1.00 11.16 ? 34  TYR A CB    1 
ATOM   593 C CG    . TYR C 3 33 ? -0.606  -1.145  -6.184  1.00 13.37 ? 34  TYR A CG    1 
ATOM   594 C CD1   . TYR C 3 33 ? -0.939  0.135   -5.716  1.00 12.04 ? 34  TYR A CD1   1 
ATOM   595 C CD2   . TYR C 3 33 ? -1.443  -1.730  -7.147  1.00 15.01 ? 34  TYR A CD2   1 
ATOM   596 C CE1   . TYR C 3 33 ? -2.068  0.806   -6.184  1.00 12.79 ? 34  TYR A CE1   1 
ATOM   597 C CE2   . TYR C 3 33 ? -2.583  -1.059  -7.622  1.00 13.53 ? 34  TYR A CE2   1 
ATOM   598 C CZ    . TYR C 3 33 ? -2.881  0.206   -7.131  1.00 12.94 ? 34  TYR A CZ    1 
ATOM   599 O OH    . TYR C 3 33 ? -3.982  0.857   -7.618  1.00 18.09 ? 34  TYR A OH    1 
ATOM   600 N N     . ASP C 3 34 ? 2.076   -3.157  -8.119  1.00 14.36 ? 35  ASP A N     1 
ATOM   601 C CA    . ASP C 3 34 ? 2.062   -3.572  -9.525  1.00 17.99 ? 35  ASP A CA    1 
ATOM   602 C C     . ASP C 3 34 ? 0.648   -3.693  -10.052 1.00 20.33 ? 35  ASP A C     1 
ATOM   603 O O     . ASP C 3 34 ? -0.216  -4.318  -9.428  1.00 21.99 ? 35  ASP A O     1 
ATOM   604 C CB    . ASP C 3 34 ? 2.716   -4.937  -9.710  1.00 16.05 ? 35  ASP A CB    1 
ATOM   605 C CG    . ASP C 3 34 ? 4.184   -4.896  -9.550  1.00 18.05 ? 35  ASP A CG    1 
ATOM   606 O OD1   . ASP C 3 34 ? 4.771   -3.807  -9.603  1.00 22.63 ? 35  ASP A OD1   1 
ATOM   607 O OD2   . ASP C 3 34 ? 4.763   -5.975  -9.371  1.00 23.72 ? 35  ASP A OD2   1 
ATOM   608 N N     . GLU C 3 35 ? 0.441   -3.132  -11.235 1.00 21.67 ? 36  GLU A N     1 
ATOM   609 C CA    . GLU C 3 35 ? -0.842  -3.184  -11.892 1.00 21.62 ? 36  GLU A CA    1 
ATOM   610 C C     . GLU C 3 35 ? -0.626  -3.847  -13.216 1.00 21.64 ? 36  GLU A C     1 
ATOM   611 O O     . GLU C 3 35 ? 0.508   -4.189  -13.577 1.00 22.86 ? 36  GLU A O     1 
ATOM   612 C CB    . GLU C 3 35 ? -1.318  -1.793  -12.198 1.00 22.25 ? 36  GLU A CB    1 
ATOM   613 C CG    . GLU C 3 35 ? -1.627  -0.959  -11.038 1.00 27.93 ? 36  GLU A CG    1 
ATOM   614 C CD    . GLU C 3 35 ? -2.281  0.281   -11.506 1.00 27.32 ? 36  GLU A CD    1 
ATOM   615 O OE1   . GLU C 3 35 ? -1.643  1.009   -12.292 1.00 29.08 ? 36  GLU A OE1   1 
ATOM   616 O OE2   . GLU C 3 35 ? -3.451  0.492   -11.150 1.00 33.55 ? 36  GLU A OE2   1 
ATOM   617 N N     . GLY C 3 36 ? -1.708  -3.942  -13.973 1.00 21.97 ? 37  GLY A N     1 
ATOM   618 C CA    . GLY C 3 36 ? -1.665  -4.542  -15.301 1.00 24.48 ? 37  GLY A CA    1 
ATOM   619 C C     . GLY C 3 36 ? -0.900  -3.627  -16.238 1.00 23.19 ? 37  GLY A C     1 
ATOM   620 O O     . GLY C 3 36 ? -0.547  -2.517  -15.847 1.00 22.26 ? 37  GLY A O     1 
ATOM   621 N N     . GLY C 3 37 ? -0.546  -4.141  -17.412 1.00 21.81 ? 38  GLY A N     1 
ATOM   622 C CA    . GLY C 3 37 ? 0.162   -3.339  -18.395 1.00 22.02 ? 38  GLY A CA    1 
ATOM   623 C C     . GLY C 3 37 ? 1.555   -2.876  -18.015 1.00 21.85 ? 38  GLY A C     1 
ATOM   624 O O     . GLY C 3 37 ? 2.077   -1.907  -18.580 1.00 22.04 ? 38  GLY A O     1 
ATOM   625 N N     . GLY C 3 38 ? 2.171   -3.576  -17.069 1.00 22.62 ? 39  GLY A N     1 
ATOM   626 C CA    . GLY C 3 38 ? 3.507   -3.223  -16.620 1.00 22.76 ? 39  GLY A CA    1 
ATOM   627 C C     . GLY C 3 38 ? 3.540   -1.874  -15.915 1.00 23.09 ? 39  GLY A C     1 
ATOM   628 O O     . GLY C 3 38 ? 4.595   -1.212  -15.856 1.00 24.77 ? 39  GLY A O     1 
ATOM   629 N N     . LYS C 3 39 ? 2.395   -1.442  -15.397 1.00 21.11 ? 40  LYS A N     1 
ATOM   630 C CA    . LYS C 3 39 ? 2.338   -0.173  -14.701 1.00 21.01 ? 40  LYS A CA    1 
ATOM   631 C C     . LYS C 3 39 ? 2.396   -0.280  -13.177 1.00 19.53 ? 40  LYS A C     1 
ATOM   632 O O     . LYS C 3 39 ? 2.201   -1.359  -12.612 1.00 19.36 ? 40  LYS A O     1 
ATOM   633 C CB    . LYS C 3 39 ? 1.128   0.640   -15.141 1.00 24.00 ? 40  LYS A CB    1 
ATOM   634 C CG    . LYS C 3 39 ? 1.295   1.274   -16.534 1.00 27.93 ? 40  LYS A CG    1 
ATOM   635 C CD    . LYS C 3 39 ? 2.680   1.881   -16.713 1.00 29.32 ? 40  LYS A CD    1 
ATOM   636 C CE    . LYS C 3 39 ? 2.645   3.048   -17.674 1.00 35.70 ? 40  LYS A CE    1 
ATOM   637 N NZ    . LYS C 3 39 ? 1.995   2.684   -18.971 1.00 38.36 ? 40  LYS A NZ    1 
ATOM   638 N N     . THR C 3 40 ? 2.667   0.856   -12.542 1.00 18.13 ? 41  THR A N     1 
ATOM   639 C CA    . THR C 3 40 ? 2.758   0.965   -11.097 1.00 18.56 ? 41  THR A CA    1 
ATOM   640 C C     . THR C 3 40 ? 1.716   1.953   -10.539 1.00 19.56 ? 41  THR A C     1 
ATOM   641 O O     . THR C 3 40 ? 1.657   3.117   -10.974 1.00 17.56 ? 41  THR A O     1 
ATOM   642 C CB    . THR C 3 40 ? 4.162   1.391   -10.663 1.00 18.34 ? 41  THR A CB    1 
ATOM   643 O OG1   . THR C 3 40 ? 5.062   0.316   -10.918 1.00 17.63 ? 41  THR A OG1   1 
ATOM   644 C CG2   . THR C 3 40 ? 4.200   1.687   -9.165  1.00 22.21 ? 41  THR A CG2   1 
ATOM   645 N N     . GLY C 3 41 ? 0.850   1.430   -9.649  1.00 15.64 ? 42  GLY A N     1 
ATOM   646 C CA    . GLY C 3 41 ? -0.181  2.241   -9.012  1.00 14.77 ? 42  GLY A CA    1 
ATOM   647 C C     . GLY C 3 41 ? 0.333   2.798   -7.687  1.00 13.02 ? 42  GLY A C     1 
ATOM   648 O O     . GLY C 3 41 ? 1.352   2.356   -7.188  1.00 11.82 ? 42  GLY A O     1 
ATOM   649 N N     . ARG C 3 42 ? -0.356  3.803   -7.142  1.00 15.47 ? 43  ARG A N     1 
ATOM   650 C CA    . ARG C 3 42 ? 0.005   4.428   -5.850  1.00 14.10 ? 43  ARG A CA    1 
ATOM   651 C C     . ARG C 3 42 ? -1.186  4.296   -4.899  1.00 15.00 ? 43  ARG A C     1 
ATOM   652 O O     . ARG C 3 42 ? -2.357  4.277   -5.337  1.00 14.41 ? 43  ARG A O     1 
ATOM   653 C CB    . ARG C 3 42 ? 0.305   5.911   -6.034  1.00 13.25 ? 43  ARG A CB    1 
ATOM   654 C CG    . ARG C 3 42 ? 1.683   6.166   -6.642  1.00 12.70 ? 43  ARG A CG    1 
ATOM   655 C CD    . ARG C 3 42 ? 1.786   7.568   -7.259  1.00 12.06 ? 43  ARG A CD    1 
ATOM   656 N NE    . ARG C 3 42 ? 0.764   7.766   -8.270  1.00 10.64 ? 43  ARG A NE    1 
ATOM   657 C CZ    . ARG C 3 42 ? 0.675   8.859   -9.009  1.00 9.90  ? 43  ARG A CZ    1 
ATOM   658 N NH1   . ARG C 3 42 ? 1.562   9.826   -8.838  1.00 11.51 ? 43  ARG A NH1   1 
ATOM   659 N NH2   . ARG C 3 42 ? -0.330  9.002   -9.864  1.00 12.91 ? 43  ARG A NH2   1 
ATOM   660 N N     . GLY C 3 43 ? -0.903  4.211   -3.607  1.00 13.30 ? 44  GLY A N     1 
ATOM   661 C CA    . GLY C 3 43 ? -1.978  4.096   -2.637  1.00 15.51 ? 44  GLY A CA    1 
ATOM   662 C C     . GLY C 3 43 ? -1.513  4.505   -1.254  1.00 13.63 ? 44  GLY A C     1 
ATOM   663 O O     . GLY C 3 43 ? -0.324  4.527   -0.997  1.00 13.51 ? 44  GLY A O     1 
ATOM   664 N N     . ALA C 3 44 ? -2.450  4.829   -0.368  1.00 13.80 ? 45  ALA A N     1 
ATOM   665 C CA    . ALA C 3 44 ? -2.101  5.231   0.992   1.00 13.76 ? 45  ALA A CA    1 
ATOM   666 C C     . ALA C 3 44 ? -3.259  4.913   1.938   1.00 14.18 ? 45  ALA A C     1 
ATOM   667 O O     . ALA C 3 44 ? -4.442  4.974   1.557   1.00 13.23 ? 45  ALA A O     1 
ATOM   668 C CB    . ALA C 3 44 ? -1.790  6.709   1.037   1.00 11.37 ? 45  ALA A CB    1 
ATOM   669 N N     . VAL C 3 45 ? -2.916  4.526   3.155   1.00 12.61 ? 46  VAL A N     1 
ATOM   670 C CA    . VAL C 3 45 ? -3.951  4.233   4.129   1.00 14.14 ? 46  VAL A CA    1 
ATOM   671 C C     . VAL C 3 45 ? -3.501  4.774   5.457   1.00 13.54 ? 46  VAL A C     1 
ATOM   672 O O     . VAL C 3 45 ? -2.332  5.096   5.657   1.00 13.73 ? 46  VAL A O     1 
ATOM   673 C CB    . VAL C 3 45 ? -4.235  2.721   4.283   1.00 11.98 ? 46  VAL A CB    1 
ATOM   674 C CG1   . VAL C 3 45 ? -4.806  2.159   3.005   1.00 16.27 ? 46  VAL A CG1   1 
ATOM   675 C CG2   . VAL C 3 45 ? -2.985  1.982   4.738   1.00 11.58 ? 46  VAL A CG2   1 
ATOM   676 N N     . SER C 3 46 ? -4.447  4.867   6.372   1.00 16.49 ? 47  SER A N     1 
ATOM   677 C CA    . SER C 3 46 ? -4.130  5.311   7.706   1.00 17.39 ? 47  SER A CA    1 
ATOM   678 C C     . SER C 3 46 ? -3.404  4.136   8.407   1.00 14.98 ? 47  SER A C     1 
ATOM   679 O O     . SER C 3 46 ? -3.715  2.971   8.143   1.00 17.26 ? 47  SER A O     1 
ATOM   680 C CB    . SER C 3 46 ? -5.442  5.628   8.418   1.00 16.04 ? 47  SER A CB    1 
ATOM   681 O OG    . SER C 3 46 ? -5.222  5.849   9.789   1.00 19.45 ? 47  SER A OG    1 
ATOM   682 N N     . GLU C 3 47 ? -2.442  4.449   9.274   1.00 17.14 ? 48  GLU A N     1 
ATOM   683 C CA    . GLU C 3 47 ? -1.711  3.434   10.053  1.00 20.27 ? 48  GLU A CA    1 
ATOM   684 C C     . GLU C 3 47 ? -2.688  2.674   10.957  1.00 24.31 ? 48  GLU A C     1 
ATOM   685 O O     . GLU C 3 47 ? -2.427  1.537   11.368  1.00 23.91 ? 48  GLU A O     1 
ATOM   686 C CB    . GLU C 3 47 ? -0.687  4.094   10.962  1.00 21.14 ? 48  GLU A CB    1 
ATOM   687 C CG    . GLU C 3 47 ? -1.314  5.017   12.021  1.00 22.67 ? 48  GLU A CG    1 
ATOM   688 C CD    . GLU C 3 47 ? -0.294  5.601   12.985  1.00 23.44 ? 48  GLU A CD    1 
ATOM   689 O OE1   . GLU C 3 47 ? 0.910   5.255   12.884  1.00 19.39 ? 48  GLU A OE1   1 
ATOM   690 O OE2   . GLU C 3 47 ? -0.715  6.407   13.846  1.00 24.15 ? 48  GLU A OE2   1 
ATOM   691 N N     . LYS C 3 48 ? -3.763  3.351   11.328  1.00 28.30 ? 49  LYS A N     1 
ATOM   692 C CA    . LYS C 3 48 ? -4.799  2.763   12.168  1.00 32.82 ? 49  LYS A CA    1 
ATOM   693 C C     . LYS C 3 48 ? -5.439  1.631   11.388  1.00 35.59 ? 49  LYS A C     1 
ATOM   694 O O     . LYS C 3 48 ? -5.644  0.544   11.932  1.00 34.70 ? 49  LYS A O     1 
ATOM   695 C CB    . LYS C 3 48 ? -5.820  3.833   12.552  1.00 34.15 ? 49  LYS A CB    1 
ATOM   696 C CG    . LYS C 3 48 ? -5.144  5.029   13.249  1.00 38.76 ? 49  LYS A CG    1 
ATOM   697 C CD    . LYS C 3 48 ? -6.122  6.116   13.645  1.00 46.44 ? 49  LYS A CD    1 
ATOM   698 C CE    . LYS C 3 48 ? -7.058  5.746   14.913  1.00 50.46 ? 49  LYS A CE    1 
ATOM   699 N NZ    . LYS C 3 48 ? -6.403  4.754   15.757  1.00 53.45 ? 49  LYS A NZ    1 
ATOM   700 N N     . ASP C 3 49 ? -5.683  1.886   10.101  1.00 38.02 ? 50  ASP A N     1 
ATOM   701 C CA    . ASP C 3 49 ? -6.254  0.911   9.161   1.00 41.35 ? 50  ASP A CA    1 
ATOM   702 C C     . ASP C 3 49 ? -5.233  -0.244  9.016   1.00 40.00 ? 50  ASP A C     1 
ATOM   703 O O     . ASP C 3 49 ? -5.482  -1.393  9.380   1.00 40.11 ? 50  ASP A O     1 
ATOM   704 C CB    . ASP C 3 49 ? -6.453  1.604   7.796   1.00 42.74 ? 50  ASP A CB    1 
ATOM   705 C CG    . ASP C 3 49 ? -7.034  0.671   6.714   1.00 48.45 ? 50  ASP A CG    1 
ATOM   706 O OD1   . ASP C 3 49 ? -6.278  -0.148  6.128   1.00 49.64 ? 50  ASP A OD1   1 
ATOM   707 O OD2   . ASP C 3 49 ? -8.244  0.787   6.411   1.00 50.85 ? 50  ASP A OD2   1 
ATOM   708 N N     . ALA C 3 50 ? -4.136  0.105   8.356   1.00 38.43 ? 51  ALA A N     1 
ATOM   709 C CA    . ALA C 3 50 ? -2.981  -0.725  8.075   1.00 34.56 ? 51  ALA A CA    1 
ATOM   710 C C     . ALA C 3 50 ? -2.869  -2.195  8.472   1.00 32.74 ? 51  ALA A C     1 
ATOM   711 O O     . ALA C 3 50 ? -2.622  -2.525  9.633   1.00 32.04 ? 51  ALA A O     1 
ATOM   712 C CB    . ALA C 3 50 ? -1.745  0.014   8.549   1.00 31.59 ? 51  ALA A CB    1 
ATOM   713 N N     . PRO C 3 51 ? -3.012  -3.101  7.494   1.00 30.40 ? 52  PRO A N     1 
ATOM   714 C CA    . PRO C 3 51 ? -2.887  -4.534  7.781   1.00 29.11 ? 52  PRO A CA    1 
ATOM   715 C C     . PRO C 3 51 ? -1.463  -4.733  8.323   1.00 28.77 ? 52  PRO A C     1 
ATOM   716 O O     . PRO C 3 51 ? -0.527  -4.019  7.915   1.00 25.08 ? 52  PRO A O     1 
ATOM   717 C CB    . PRO C 3 51 ? -3.008  -5.169  6.400   1.00 27.76 ? 52  PRO A CB    1 
ATOM   718 C CG    . PRO C 3 51 ? -3.954  -4.231  5.686   1.00 30.80 ? 52  PRO A CG    1 
ATOM   719 C CD    . PRO C 3 51 ? -3.507  -2.860  6.128   1.00 29.95 ? 52  PRO A CD    1 
ATOM   720 N N     . LYS C 3 52 ? -1.285  -5.698  9.227   1.00 29.87 ? 53  LYS A N     1 
ATOM   721 C CA    . LYS C 3 52 ? 0.034   -5.963  9.803   1.00 31.24 ? 53  LYS A CA    1 
ATOM   722 C C     . LYS C 3 52 ? 1.036   -6.436  8.741   1.00 30.65 ? 53  LYS A C     1 
ATOM   723 O O     . LYS C 3 52 ? 2.221   -6.145  8.839   1.00 31.38 ? 53  LYS A O     1 
ATOM   724 C CB    . LYS C 3 52 ? -0.054  -6.954  10.973  1.00 31.87 ? 53  LYS A CB    1 
ATOM   725 C CG    . LYS C 3 52 ? -0.697  -6.364  12.234  1.00 35.15 ? 53  LYS A CG    1 
ATOM   726 C CD    . LYS C 3 52 ? -0.826  -7.408  13.347  1.00 38.52 ? 53  LYS A CD    1 
ATOM   727 C CE    . LYS C 3 52 ? -2.200  -7.387  14.046  1.00 38.49 ? 53  LYS A CE    1 
ATOM   728 N NZ    . LYS C 3 52 ? -2.407  -8.543  14.998  1.00 35.94 ? 53  LYS A NZ    1 
ATOM   729 N N     . GLU C 3 53 ? 0.545   -7.118  7.709   1.00 31.06 ? 54  GLU A N     1 
ATOM   730 C CA    . GLU C 3 53 ? 1.383   -7.615  6.621   1.00 30.31 ? 54  GLU A CA    1 
ATOM   731 C C     . GLU C 3 53 ? 2.071   -6.412  5.940   1.00 26.83 ? 54  GLU A C     1 
ATOM   732 O O     . GLU C 3 53 ? 3.277   -6.429  5.715   1.00 26.28 ? 54  GLU A O     1 
ATOM   733 C CB    . GLU C 3 53 ? 0.518   -8.427  5.628   1.00 33.66 ? 54  GLU A CB    1 
ATOM   734 C CG    . GLU C 3 53 ? 1.312   -9.382  4.696   1.00 41.51 ? 54  GLU A CG    1 
ATOM   735 C CD    . GLU C 3 53 ? 0.433   -10.171 3.704   1.00 44.83 ? 54  GLU A CD    1 
ATOM   736 O OE1   . GLU C 3 53 ? -0.631  -10.708 4.102   1.00 43.93 ? 54  GLU A OE1   1 
ATOM   737 O OE2   . GLU C 3 53 ? 0.817   -10.265 2.514   1.00 46.24 ? 54  GLU A OE2   1 
ATOM   738 N N     . LEU C 3 54 ? 1.307   -5.354  5.681   1.00 22.18 ? 55  LEU A N     1 
ATOM   739 C CA    . LEU C 3 54 ? 1.829   -4.123  5.070   1.00 21.32 ? 55  LEU A CA    1 
ATOM   740 C C     . LEU C 3 54 ? 2.789   -3.400  6.007   1.00 21.50 ? 55  LEU A C     1 
ATOM   741 O O     . LEU C 3 54 ? 3.858   -2.933  5.602   1.00 21.03 ? 55  LEU A O     1 
ATOM   742 C CB    . LEU C 3 54 ? 0.672   -3.191  4.741   1.00 19.69 ? 55  LEU A CB    1 
ATOM   743 C CG    . LEU C 3 54 ? 0.964   -1.893  3.998   1.00 19.09 ? 55  LEU A CG    1 
ATOM   744 C CD1   . LEU C 3 54 ? 1.510   -2.245  2.601   1.00 16.99 ? 55  LEU A CD1   1 
ATOM   745 C CD2   . LEU C 3 54 ? -0.329  -1.042  3.902   1.00 16.15 ? 55  LEU A CD2   1 
ATOM   746 N N     . LEU C 3 55 ? 2.399   -3.278  7.266   1.00 23.32 ? 56  LEU A N     1 
ATOM   747 C CA    . LEU C 3 55 ? 3.241   -2.615  8.241   1.00 24.39 ? 56  LEU A CA    1 
ATOM   748 C C     . LEU C 3 55 ? 4.589   -3.323  8.449   1.00 27.03 ? 56  LEU A C     1 
ATOM   749 O O     . LEU C 3 55 ? 5.625   -2.667  8.699   1.00 26.68 ? 56  LEU A O     1 
ATOM   750 C CB    . LEU C 3 55 ? 2.495   -2.530  9.548   1.00 24.97 ? 56  LEU A CB    1 
ATOM   751 C CG    . LEU C 3 55 ? 1.315   -1.583  9.492   1.00 22.28 ? 56  LEU A CG    1 
ATOM   752 C CD1   . LEU C 3 55 ? 0.506   -1.755  10.761  1.00 25.59 ? 56  LEU A CD1   1 
ATOM   753 C CD2   . LEU C 3 55 ? 1.828   -0.145  9.317   1.00 21.30 ? 56  LEU A CD2   1 
ATOM   754 N N     . GLN C 3 56 ? 4.566   -4.659  8.356   1.00 28.55 ? 57  GLN A N     1 
ATOM   755 C CA    . GLN C 3 56 ? 5.761   -5.500  8.500   1.00 27.62 ? 57  GLN A CA    1 
ATOM   756 C C     . GLN C 3 56 ? 6.717   -5.241  7.345   1.00 27.59 ? 57  GLN A C     1 
ATOM   757 O O     . GLN C 3 56 ? 7.936   -5.284  7.500   1.00 24.63 ? 57  GLN A O     1 
ATOM   758 C CB    . GLN C 3 56 ? 5.365   -6.970  8.496   1.00 30.63 ? 57  GLN A CB    1 
ATOM   759 C CG    . GLN C 3 56 ? 4.687   -7.427  9.746   1.00 36.52 ? 57  GLN A CG    1 
ATOM   760 C CD    . GLN C 3 56 ? 4.064   -8.801  9.576   1.00 40.95 ? 57  GLN A CD    1 
ATOM   761 O OE1   . GLN C 3 56 ? 4.525   -9.610  8.776   1.00 41.74 ? 57  GLN A OE1   1 
ATOM   762 N NE2   . GLN C 3 56 ? 3.009   -9.069  10.330  1.00 44.34 ? 57  GLN A NE2   1 
ATOM   763 N N     . MET C 3 57 ? 6.147   -5.010  6.171   1.00 31.26 ? 58  MET A N     1 
ATOM   764 C CA    . MET C 3 57 ? 6.953   -4.729  4.999   1.00 34.50 ? 58  MET A CA    1 
ATOM   765 C C     . MET C 3 57 ? 7.764   -3.471  5.236   1.00 37.10 ? 58  MET A C     1 
ATOM   766 O O     . MET C 3 57 ? 8.918   -3.395  4.835   1.00 38.67 ? 58  MET A O     1 
ATOM   767 C CB    . MET C 3 57 ? 6.082   -4.556  3.752   1.00 33.99 ? 58  MET A CB    1 
ATOM   768 C CG    . MET C 3 57 ? 5.612   -5.844  3.153   1.00 29.21 ? 58  MET A CG    1 
ATOM   769 S SD    . MET C 3 57 ? 4.685   -5.536  1.667   1.00 35.67 ? 58  MET A SD    1 
ATOM   770 C CE    . MET C 3 57 ? 6.000   -5.028  0.525   1.00 30.86 ? 58  MET A CE    1 
ATOM   771 N N     . LEU C 3 58 ? 7.152   -2.492  5.898   1.00 41.32 ? 59  LEU A N     1 
ATOM   772 C CA    . LEU C 3 58 ? 7.816   -1.236  6.210   1.00 44.01 ? 59  LEU A CA    1 
ATOM   773 C C     . LEU C 3 58 ? 9.071   -1.559  6.986   1.00 48.39 ? 59  LEU A C     1 
ATOM   774 O O     . LEU C 3 58 ? 10.178  -1.329  6.503   1.00 52.03 ? 59  LEU A O     1 
ATOM   775 C CB    . LEU C 3 58 ? 6.924   -0.353  7.077   1.00 43.55 ? 59  LEU A CB    1 
ATOM   776 C CG    . LEU C 3 58 ? 6.549   1.045   6.590   1.00 41.12 ? 59  LEU A CG    1 
ATOM   777 C CD1   . LEU C 3 58 ? 5.697   1.713   7.668   1.00 40.10 ? 59  LEU A CD1   1 
ATOM   778 C CD2   . LEU C 3 58 ? 7.786   1.870   6.273   1.00 37.20 ? 59  LEU A CD2   1 
ATOM   779 N N     . GLU C 3 59 ? 8.904   -2.147  8.165   1.00 52.09 ? 60  GLU A N     1 
ATOM   780 C CA    . GLU C 3 59 ? 10.042  -2.505  9.015   1.00 56.34 ? 60  GLU A CA    1 
ATOM   781 C C     . GLU C 3 59 ? 11.038  -3.410  8.291   1.00 58.39 ? 60  GLU A C     1 
ATOM   782 O O     . GLU C 3 59 ? 12.244  -3.246  8.416   1.00 58.63 ? 60  GLU A O     1 
ATOM   783 C CB    . GLU C 3 59 ? 9.552   -3.160  10.316  1.00 56.53 ? 60  GLU A CB    1 
ATOM   784 C CG    . GLU C 3 59 ? 8.470   -4.216  10.104  1.00 59.67 ? 60  GLU A CG    1 
ATOM   785 C CD    . GLU C 3 59 ? 7.908   -4.814  11.393  1.00 61.16 ? 60  GLU A CD    1 
ATOM   786 O OE1   . GLU C 3 59 ? 7.107   -4.138  12.083  1.00 61.53 ? 60  GLU A OE1   1 
ATOM   787 O OE2   . GLU C 3 59 ? 8.246   -5.980  11.696  1.00 60.81 ? 60  GLU A OE2   1 
ATOM   788 N N     . LYS C 3 60 ? 10.524  -4.332  7.488   1.00 63.64 ? 61  LYS A N     1 
ATOM   789 C CA    . LYS C 3 60 ? 11.372  -5.261  6.757   1.00 67.26 ? 61  LYS A CA    1 
ATOM   790 C C     . LYS C 3 60 ? 11.903  -4.739  5.428   1.00 69.23 ? 61  LYS A C     1 
ATOM   791 O O     . LYS C 3 60 ? 12.648  -5.440  4.742   1.00 70.46 ? 61  LYS A O     1 
ATOM   792 C CB    . LYS C 3 60 ? 10.655  -6.602  6.576   1.00 67.74 ? 61  LYS A CB    1 
ATOM   793 C CG    . LYS C 3 60 ? 10.338  -7.266  7.910   1.00 68.28 ? 61  LYS A CG    1 
ATOM   794 C CD    . LYS C 3 60 ? 9.661   -8.617  7.763   1.00 67.85 ? 61  LYS A CD    1 
ATOM   795 C CE    . LYS C 3 60 ? 9.173   -9.120  9.118   1.00 66.81 ? 61  LYS A CE    1 
ATOM   796 N NZ    . LYS C 3 60 ? 8.240   -8.157  9.781   1.00 63.53 ? 61  LYS A NZ    1 
ATOM   797 N N     . GLN C 3 61 ? 11.511  -3.529  5.050   1.00 71.15 ? 62  GLN A N     1 
ATOM   798 C CA    . GLN C 3 61 ? 12.002  -2.938  3.815   1.00 74.05 ? 62  GLN A CA    1 
ATOM   799 C C     . GLN C 3 61 ? 12.637  -1.591  4.122   1.00 74.58 ? 62  GLN A C     1 
ATOM   800 O O     . GLN C 3 61 ? 13.859  -1.515  4.285   1.00 76.47 ? 62  GLN A O     1 
ATOM   801 C CB    . GLN C 3 61 ? 10.897  -2.809  2.751   1.00 76.45 ? 62  GLN A CB    1 
ATOM   802 C CG    . GLN C 3 61 ? 10.447  -4.150  2.146   1.00 80.21 ? 62  GLN A CG    1 
ATOM   803 C CD    . GLN C 3 61 ? 9.582   -4.027  0.885   1.00 81.44 ? 62  GLN A CD    1 
ATOM   804 O OE1   . GLN C 3 61 ? 9.743   -4.792  -0.056  1.00 82.89 ? 62  GLN A OE1   1 
ATOM   805 N NE2   . GLN C 3 61 ? 8.649   -3.082  0.878   1.00 80.24 ? 62  GLN A NE2   1 
ATOM   806 N N     . LYS C 3 62 ? 11.818  -0.550  4.275   0.20 73.56 ? 63  LYS A N     1 
ATOM   807 C CA    . LYS C 3 62 ? 12.307  0.805   4.555   0.20 72.34 ? 63  LYS A CA    1 
ATOM   808 C C     . LYS C 3 62 ? 13.262  1.276   3.457   0.20 71.76 ? 63  LYS A C     1 
ATOM   809 O O     . LYS C 3 62 ? 14.114  2.139   3.684   0.20 71.65 ? 63  LYS A O     1 
ATOM   810 C CB    . LYS C 3 62 ? 13.000  0.863   5.920   0.20 72.20 ? 63  LYS A CB    1 
ATOM   811 C CG    . LYS C 3 62 ? 12.078  1.127   7.100   0.20 72.35 ? 63  LYS A CG    1 
ATOM   812 C CD    . LYS C 3 62 ? 11.556  2.560   7.092   0.20 72.40 ? 63  LYS A CD    1 
ATOM   813 C CE    . LYS C 3 62 ? 10.709  2.849   8.325   0.20 72.03 ? 63  LYS A CE    1 
ATOM   814 N NZ    . LYS C 3 62 ? 10.214  4.256   8.357   0.20 71.73 ? 63  LYS A NZ    1 
ATOM   815 N N     . LYS C 3 63 ? 13.114  0.684   2.274   0.20 70.96 ? 64  LYS A N     1 
ATOM   816 C CA    . LYS C 3 63 ? 13.937  0.992   1.105   0.20 70.07 ? 64  LYS A CA    1 
ATOM   817 C C     . LYS C 3 63 ? 13.066  0.970   -0.155  0.20 69.76 ? 64  LYS A C     1 
ATOM   818 O O     . LYS C 3 63 ? 11.855  0.668   -0.047  0.20 69.61 ? 64  LYS A O     1 
ATOM   819 C CB    . LYS C 3 63 ? 15.060  -0.046  0.951   0.20 69.79 ? 64  LYS A CB    1 
ATOM   820 C CG    . LYS C 3 63 ? 15.954  -0.213  2.163   0.20 69.77 ? 64  LYS A CG    1 
ATOM   821 C CD    . LYS C 3 63 ? 16.969  -1.321  1.949   0.20 69.86 ? 64  LYS A CD    1 
ATOM   822 C CE    . LYS C 3 63 ? 17.780  -1.566  3.210   0.20 70.28 ? 64  LYS A CE    1 
ATOM   823 N NZ    . LYS C 3 63 ? 18.527  -0.355  3.643   0.20 70.80 ? 64  LYS A NZ    1 
ATOM   824 O OXT   . LYS C 3 63 ? 13.615  1.205   -1.253  0.20 69.63 ? 64  LYS A OXT   1 
HETATM 825 O O     . HOH D 4 .  ? 3.460   8.073   -4.311  1.00 13.12 ? 109 HOH B O     1 
HETATM 826 O O     . HOH D 4 .  ? 3.490   3.158   -14.030 1.00 24.93 ? 110 HOH B O     1 
HETATM 827 O O     . HOH D 4 .  ? 11.337  6.531   4.563   1.00 32.95 ? 111 HOH B O     1 
HETATM 828 O O     . HOH D 4 .  ? 0.192   11.133  -11.605 1.00 24.95 ? 112 HOH B O     1 
HETATM 829 O O     . HOH D 4 .  ? 6.445   3.375   -13.009 1.00 22.38 ? 113 HOH B O     1 
HETATM 830 O O     . HOH D 4 .  ? 6.906   16.853  0.788   1.00 21.13 ? 114 HOH B O     1 
HETATM 831 O O     . HOH D 4 .  ? 9.828   11.924  -12.998 1.00 38.26 ? 115 HOH B O     1 
HETATM 832 O O     . HOH D 4 .  ? 0.127   20.433  0.453   1.00 41.46 ? 116 HOH B O     1 
HETATM 833 O O     . HOH D 4 .  ? 9.727   12.031  -9.482  1.00 47.96 ? 117 HOH B O     1 
HETATM 834 O O     . HOH D 4 .  ? 10.110  15.293  1.997   1.00 46.97 ? 118 HOH B O     1 
HETATM 835 O O     . HOH D 4 .  ? 12.383  12.506  -12.547 1.00 48.81 ? 119 HOH B O     1 
HETATM 836 O O     . HOH D 4 .  ? 3.578   15.543  8.504   1.00 50.33 ? 120 HOH B O     1 
HETATM 837 O O     . HOH D 4 .  ? -1.188  6.094   -16.815 1.00 54.62 ? 121 HOH B O     1 
HETATM 838 O O     . HOH D 4 .  ? 9.014   10.174  -16.780 1.00 23.32 ? 122 HOH B O     1 
HETATM 839 O O     . HOH D 4 .  ? 9.649   9.445   -7.597  1.00 45.59 ? 123 HOH B O     1 
HETATM 840 O O     . HOH D 4 .  ? 12.222  13.594  0.497   1.00 27.09 ? 124 HOH B O     1 
HETATM 841 O O     . HOH D 4 .  ? 8.416   8.321   -10.912 1.00 32.11 ? 125 HOH B O     1 
HETATM 842 O O     . HOH D 4 .  ? 11.904  9.321   -15.702 1.00 50.77 ? 126 HOH B O     1 
HETATM 843 O O     . HOH D 4 .  ? 4.900   6.624   -15.893 1.00 30.31 ? 127 HOH B O     1 
HETATM 844 O O     . HOH D 4 .  ? -1.855  12.445  -16.709 1.00 55.19 ? 128 HOH B O     1 
HETATM 845 O O     . HOH D 4 .  ? 8.180   9.282   -13.823 1.00 27.53 ? 129 HOH B O     1 
HETATM 846 O O     . HOH D 4 .  ? 2.643   7.240   -18.661 1.00 28.06 ? 130 HOH B O     1 
HETATM 847 O O     . HOH D 4 .  ? 10.657  23.038  5.305   1.00 49.40 ? 131 HOH B O     1 
HETATM 848 O O     . HOH D 4 .  ? 9.753   4.094   -12.071 1.00 42.67 ? 132 HOH B O     1 
HETATM 849 O O     . HOH D 4 .  ? 3.152   17.887  -16.715 1.00 50.73 ? 133 HOH B O     1 
HETATM 850 O O     . HOH E 4 .  ? -0.262  7.882   -2.179  1.00 12.43 ? 4   HOH C O     1 
HETATM 851 O O     . HOH E 4 .  ? -7.055  5.555   2.442   1.00 21.01 ? 8   HOH C O     1 
HETATM 852 O O     . HOH E 4 .  ? 5.431   20.337  -14.570 1.00 31.72 ? 11  HOH C O     1 
HETATM 853 O O     . HOH E 4 .  ? -0.846  17.622  -2.816  1.00 19.10 ? 21  HOH C O     1 
HETATM 854 O O     . HOH E 4 .  ? -16.161 8.397   -0.601  1.00 33.26 ? 23  HOH C O     1 
HETATM 855 O O     . HOH E 4 .  ? -5.323  12.149  13.507  1.00 32.79 ? 25  HOH C O     1 
HETATM 856 O O     . HOH E 4 .  ? 7.793   16.261  -7.157  1.00 19.58 ? 27  HOH C O     1 
HETATM 857 O O     . HOH E 4 .  ? -8.855  7.694   8.652   1.00 24.99 ? 33  HOH C O     1 
HETATM 858 O O     . HOH E 4 .  ? -4.138  16.369  -3.181  1.00 51.23 ? 34  HOH C O     1 
HETATM 859 O O     . HOH E 4 .  ? -4.489  14.862  1.376   1.00 23.67 ? 36  HOH C O     1 
HETATM 860 O O     . HOH E 4 .  ? 15.014  21.168  -9.928  1.00 38.71 ? 41  HOH C O     1 
HETATM 861 O O     . HOH E 4 .  ? 12.810  15.087  -10.493 1.00 44.42 ? 46  HOH C O     1 
HETATM 862 O O     . HOH E 4 .  ? 2.240   21.717  -6.043  1.00 48.17 ? 47  HOH C O     1 
HETATM 863 O O     . HOH E 4 .  ? -1.268  12.681  -9.226  1.00 30.33 ? 48  HOH C O     1 
HETATM 864 O O     . HOH E 4 .  ? -8.748  8.473   0.138   1.00 33.89 ? 50  HOH C O     1 
HETATM 865 O O     . HOH E 4 .  ? 11.049  18.915  -8.211  1.00 32.04 ? 55  HOH C O     1 
HETATM 866 O O     . HOH E 4 .  ? -8.862  12.900  -7.907  1.00 37.77 ? 60  HOH C O     1 
HETATM 867 O O     . HOH E 4 .  ? 8.032   20.651  -6.532  1.00 30.01 ? 67  HOH C O     1 
HETATM 868 O O     . HOH E 4 .  ? 14.095  24.694  -12.117 1.00 52.85 ? 68  HOH C O     1 
HETATM 869 O O     . HOH E 4 .  ? -13.303 8.745   -2.549  1.00 44.24 ? 71  HOH C O     1 
HETATM 870 O O     . HOH E 4 .  ? -6.639  13.523  0.836   1.00 49.02 ? 72  HOH C O     1 
HETATM 871 O O     . HOH E 4 .  ? -5.478  19.444  -6.338  1.00 40.41 ? 82  HOH C O     1 
HETATM 872 O O     . HOH E 4 .  ? 3.426   19.203  -13.105 1.00 30.16 ? 83  HOH C O     1 
HETATM 873 O O     . HOH E 4 .  ? 6.216   18.716  -7.103  1.00 33.57 ? 85  HOH C O     1 
HETATM 874 O O     . HOH E 4 .  ? 12.779  13.086  -7.835  1.00 33.33 ? 96  HOH C O     1 
HETATM 875 O O     . HOH E 4 .  ? -0.985  15.245  -12.302 1.00 37.05 ? 99  HOH C O     1 
HETATM 876 O O     . HOH E 4 .  ? 3.068   18.930  -4.945  1.00 33.20 ? 104 HOH C O     1 
HETATM 877 O O     . HOH E 4 .  ? -8.124  19.968  -4.531  1.00 48.96 ? 129 HOH C O     1 
HETATM 878 O O     . HOH E 4 .  ? -10.092 9.394   -2.698  1.00 51.83 ? 130 HOH C O     1 
HETATM 879 O O     . HOH E 4 .  ? -9.240  7.664   4.790   1.00 32.81 ? 134 HOH C O     1 
HETATM 880 O O     . HOH E 4 .  ? -7.953  16.914  -4.073  1.00 31.59 ? 138 HOH C O     1 
HETATM 881 O O     . HOH E 4 .  ? 13.129  18.137  -10.281 1.00 31.38 ? 158 HOH C O     1 
HETATM 882 O O     . HOH F 4 .  ? 0.193   9.053   -4.570  1.00 15.12 ? 65  HOH A O     1 
HETATM 883 O O     . HOH F 4 .  ? -5.263  5.904   -1.148  1.00 14.54 ? 66  HOH A O     1 
HETATM 884 O O     . HOH F 4 .  ? 2.087   6.225   -2.661  1.00 11.07 ? 67  HOH A O     1 
HETATM 885 O O     . HOH F 4 .  ? 3.324   -3.982  -13.140 1.00 29.90 ? 68  HOH A O     1 
HETATM 886 O O     . HOH F 4 .  ? -4.338  -6.702  -6.820  1.00 30.54 ? 69  HOH A O     1 
HETATM 887 O O     . HOH F 4 .  ? -1.328  5.733   -9.287  1.00 20.17 ? 70  HOH A O     1 
HETATM 888 O O     . HOH F 4 .  ? 9.718   -0.763  1.051   1.00 25.31 ? 71  HOH A O     1 
HETATM 889 O O     . HOH F 4 .  ? -1.845  12.106  17.524  1.00 17.90 ? 72  HOH A O     1 
HETATM 890 O O     . HOH F 4 .  ? -8.794  6.134   -9.687  1.00 28.24 ? 73  HOH A O     1 
HETATM 891 O O     . HOH F 4 .  ? 0.848   8.185   15.248  1.00 21.57 ? 74  HOH A O     1 
HETATM 892 O O     . HOH F 4 .  ? 7.990   2.216   -6.885  1.00 43.43 ? 75  HOH A O     1 
HETATM 893 O O     . HOH F 4 .  ? -7.368  4.857   5.259   1.00 21.73 ? 76  HOH A O     1 
HETATM 894 O O     . HOH F 4 .  ? -7.631  0.703   -14.022 1.00 41.22 ? 77  HOH A O     1 
HETATM 895 O O     . HOH F 4 .  ? 6.346   0.413   -13.917 1.00 32.55 ? 78  HOH A O     1 
HETATM 896 O O     . HOH F 4 .  ? -1.806  2.433   -15.864 1.00 42.55 ? 79  HOH A O     1 
HETATM 897 O O     . HOH F 4 .  ? -4.112  3.654   -7.267  1.00 29.77 ? 80  HOH A O     1 
HETATM 898 O O     . HOH F 4 .  ? 0.413   12.540  9.935   1.00 38.04 ? 81  HOH A O     1 
HETATM 899 O O     . HOH F 4 .  ? -2.204  -0.260  -16.435 1.00 26.31 ? 82  HOH A O     1 
HETATM 900 O O     . HOH F 4 .  ? -11.479 -9.209  0.867   1.00 29.12 ? 83  HOH A O     1 
HETATM 901 O O     . HOH F 4 .  ? 7.451   -8.545  5.376   1.00 39.16 ? 84  HOH A O     1 
HETATM 902 O O     . HOH F 4 .  ? -9.600  -10.916 1.295   1.00 33.49 ? 85  HOH A O     1 
HETATM 903 O O     . HOH F 4 .  ? -7.028  -2.422  4.370   1.00 31.53 ? 86  HOH A O     1 
HETATM 904 O O     . HOH F 4 .  ? 7.502   11.660  8.338   1.00 36.28 ? 87  HOH A O     1 
HETATM 905 O O     . HOH F 4 .  ? 10.511  2.797   3.163   1.00 49.85 ? 88  HOH A O     1 
HETATM 906 O O     . HOH F 4 .  ? -16.303 -3.675  0.503   1.00 27.47 ? 89  HOH A O     1 
HETATM 907 O O     . HOH F 4 .  ? -3.010  -5.007  -8.795  1.00 29.42 ? 90  HOH A O     1 
HETATM 908 O O     . HOH F 4 .  ? 3.699   -9.895  -8.246  1.00 35.03 ? 91  HOH A O     1 
HETATM 909 O O     . HOH F 4 .  ? 2.949   -8.560  -10.777 1.00 42.44 ? 92  HOH A O     1 
HETATM 910 O O     . HOH F 4 .  ? -2.515  -1.933  12.573  1.00 50.44 ? 93  HOH A O     1 
HETATM 911 O O     . HOH F 4 .  ? -2.015  14.940  16.468  1.00 32.59 ? 94  HOH A O     1 
HETATM 912 O O     . HOH F 4 .  ? 0.344   -11.670 6.643   1.00 33.19 ? 95  HOH A O     1 
HETATM 913 O O     . HOH F 4 .  ? -4.483  -3.330  -13.703 1.00 30.09 ? 96  HOH A O     1 
HETATM 914 O O     . HOH F 4 .  ? -6.544  5.512   -13.004 1.00 39.24 ? 97  HOH A O     1 
HETATM 915 O O     . HOH F 4 .  ? -4.953  12.963  -11.651 1.00 49.37 ? 98  HOH A O     1 
HETATM 916 O O     . HOH F 4 .  ? -8.408  2.729   -12.110 1.00 29.67 ? 99  HOH A O     1 
HETATM 917 O O     . HOH F 4 .  ? -12.872 -3.096  -3.910  1.00 28.44 ? 100 HOH A O     1 
HETATM 918 O O     . HOH F 4 .  ? 9.226   5.069   5.664   1.00 22.58 ? 101 HOH A O     1 
HETATM 919 O O     . HOH F 4 .  ? 2.768   -4.850  11.650  1.00 33.28 ? 102 HOH A O     1 
HETATM 920 O O     . HOH F 4 .  ? -2.145  3.631   -11.892 1.00 46.69 ? 103 HOH A O     1 
HETATM 921 O O     . HOH F 4 .  ? 1.854   1.948   13.041  1.00 38.63 ? 104 HOH A O     1 
HETATM 922 O O     . HOH F 4 .  ? -7.644  -4.766  -12.820 1.00 48.23 ? 105 HOH A O     1 
HETATM 923 O O     . HOH F 4 .  ? 2.544   -13.762 -2.135  1.00 36.45 ? 106 HOH A O     1 
HETATM 924 O O     . HOH F 4 .  ? -7.684  -1.924  -12.116 1.00 30.28 ? 107 HOH A O     1 
HETATM 925 O O     . HOH F 4 .  ? -1.295  -13.437 -7.523  1.00 59.84 ? 108 HOH A O     1 
HETATM 926 O O     . HOH F 4 .  ? -14.136 6.198   2.648   1.00 44.55 ? 109 HOH A O     1 
HETATM 927 O O     . HOH F 4 .  ? 9.359   7.989   7.068   1.00 39.97 ? 110 HOH A O     1 
HETATM 928 O O     . HOH F 4 .  ? -9.118  -6.331  3.456   1.00 60.40 ? 111 HOH A O     1 
HETATM 929 O O     . HOH F 4 .  ? -1.187  3.236   -19.685 1.00 61.17 ? 112 HOH A O     1 
HETATM 930 O O     . HOH F 4 .  ? -7.963  0.227   13.128  1.00 41.29 ? 113 HOH A O     1 
HETATM 931 O O     . HOH F 4 .  ? 7.447   3.140   10.419  1.00 36.09 ? 114 HOH A O     1 
HETATM 932 O O     . HOH F 4 .  ? 4.037   -7.029  13.494  1.00 47.45 ? 115 HOH A O     1 
HETATM 933 O O     . HOH F 4 .  ? -7.924  -9.266  2.986   1.00 29.87 ? 116 HOH A O     1 
HETATM 934 O O     . HOH F 4 .  ? -1.132  -11.162 0.262   1.00 45.16 ? 117 HOH A O     1 
HETATM 935 O O     . HOH F 4 .  ? -6.016  6.447   -10.196 1.00 45.26 ? 118 HOH A O     1 
HETATM 936 O O     . HOH F 4 .  ? -6.766  -4.659  -7.851  1.00 57.37 ? 119 HOH A O     1 
HETATM 937 O O     . HOH F 4 .  ? 4.367   -9.146  5.522   1.00 38.40 ? 120 HOH A O     1 
HETATM 938 O O     . HOH F 4 .  ? 2.036   -6.068  -15.858 1.00 59.98 ? 121 HOH A O     1 
# 
